data_8A3P
# 
_entry.id   8A3P 
# 
_audit_conform.dict_name       mmcif_pdbx.dic 
_audit_conform.dict_version    5.385 
_audit_conform.dict_location   http://mmcif.pdb.org/dictionaries/ascii/mmcif_pdbx.dic 
# 
loop_
_database_2.database_id 
_database_2.database_code 
_database_2.pdbx_database_accession 
_database_2.pdbx_DOI 
PDB   8A3P         pdb_00008a3p 10.2210/pdb8a3p/pdb 
WWPDB D_1292122997 ?            ?                   
# 
loop_
_pdbx_audit_revision_history.ordinal 
_pdbx_audit_revision_history.data_content_type 
_pdbx_audit_revision_history.major_revision 
_pdbx_audit_revision_history.minor_revision 
_pdbx_audit_revision_history.revision_date 
1 'Structure model' 1 0 2022-06-29 
2 'Structure model' 1 1 2022-07-20 
3 'Structure model' 1 2 2023-06-14 
4 'Structure model' 1 3 2024-02-07 
# 
_pdbx_audit_revision_details.ordinal             1 
_pdbx_audit_revision_details.revision_ordinal    1 
_pdbx_audit_revision_details.data_content_type   'Structure model' 
_pdbx_audit_revision_details.provider            repository 
_pdbx_audit_revision_details.type                'Initial release' 
_pdbx_audit_revision_details.description         ? 
_pdbx_audit_revision_details.details             ? 
# 
loop_
_pdbx_audit_revision_group.ordinal 
_pdbx_audit_revision_group.revision_ordinal 
_pdbx_audit_revision_group.data_content_type 
_pdbx_audit_revision_group.group 
1 2 'Structure model' 'Structure summary'      
2 3 'Structure model' 'Database references'    
3 4 'Structure model' 'Data collection'        
4 4 'Structure model' 'Refinement description' 
# 
loop_
_pdbx_audit_revision_category.ordinal 
_pdbx_audit_revision_category.revision_ordinal 
_pdbx_audit_revision_category.data_content_type 
_pdbx_audit_revision_category.category 
1 2 'Structure model' struct                        
2 3 'Structure model' citation                      
3 3 'Structure model' citation_author               
4 4 'Structure model' chem_comp_atom                
5 4 'Structure model' chem_comp_bond                
6 4 'Structure model' pdbx_initial_refinement_model 
# 
loop_
_pdbx_audit_revision_item.ordinal 
_pdbx_audit_revision_item.revision_ordinal 
_pdbx_audit_revision_item.data_content_type 
_pdbx_audit_revision_item.item 
1  2 'Structure model' '_struct.title'                     
2  3 'Structure model' '_citation.country'                 
3  3 'Structure model' '_citation.journal_abbrev'          
4  3 'Structure model' '_citation.journal_id_ASTM'         
5  3 'Structure model' '_citation.journal_id_CSD'          
6  3 'Structure model' '_citation.journal_id_ISSN'         
7  3 'Structure model' '_citation.journal_volume'          
8  3 'Structure model' '_citation.page_first'              
9  3 'Structure model' '_citation.page_last'               
10 3 'Structure model' '_citation.pdbx_database_id_DOI'    
11 3 'Structure model' '_citation.pdbx_database_id_PubMed' 
12 3 'Structure model' '_citation.title'                   
13 3 'Structure model' '_citation.year'                    
14 3 'Structure model' '_citation_author.identifier_ORCID' 
15 3 'Structure model' '_citation_author.name'             
# 
_pdbx_database_status.status_code                     REL 
_pdbx_database_status.status_code_sf                  REL 
_pdbx_database_status.status_code_mr                  ? 
_pdbx_database_status.entry_id                        8A3P 
_pdbx_database_status.recvd_initial_deposition_date   2022-06-08 
_pdbx_database_status.SG_entry                        N 
_pdbx_database_status.deposit_site                    PDBE 
_pdbx_database_status.process_site                    PDBE 
_pdbx_database_status.status_code_cs                  ? 
_pdbx_database_status.status_code_nmr_data            ? 
_pdbx_database_status.methods_development_category    ? 
_pdbx_database_status.pdb_format_compatible           Y 
# 
_pdbx_database_related.db_name        PDB 
_pdbx_database_related.details        'core particle of the FERRY complex' 
_pdbx_database_related.db_id          7ND2 
_pdbx_database_related.content_type   unspecified 
# 
_pdbx_contact_author.id                 2 
_pdbx_contact_author.email              zerial@mpi-cbg.de 
_pdbx_contact_author.name_first         Marino 
_pdbx_contact_author.name_last          Zerial 
_pdbx_contact_author.name_mi            ? 
_pdbx_contact_author.role               'principal investigator/group leader' 
_pdbx_contact_author.identifier_ORCID   0000-0002-7490-4235 
# 
loop_
_audit_author.name 
_audit_author.pdbx_ordinal 
_audit_author.identifier_ORCID 
'Schuhmacher, J.S.' 1 0000-0002-4437-9687 
'Zerial, M.'        2 0000-0002-7490-4235 
# 
_citation.abstract                  ? 
_citation.abstract_id_CAS           ? 
_citation.book_id_ISBN              ? 
_citation.book_publisher            ? 
_citation.book_publisher_city       ? 
_citation.book_title                ? 
_citation.coordinate_linkage        ? 
_citation.country                   US 
_citation.database_id_Medline       ? 
_citation.details                   ? 
_citation.id                        primary 
_citation.journal_abbrev            Mol.Cell 
_citation.journal_id_ASTM           MOCEFL 
_citation.journal_id_CSD            2168 
_citation.journal_id_ISSN           1097-2765 
_citation.journal_full              ? 
_citation.journal_issue             ? 
_citation.journal_volume            83 
_citation.language                  ? 
_citation.page_first                1856 
_citation.page_last                 1871.e9 
_citation.title                     'Structural basis of mRNA binding by the human FERRY Rab5 effector complex.' 
_citation.year                      2023 
_citation.database_id_CSD           ? 
_citation.pdbx_database_id_DOI      10.1016/j.molcel.2023.05.009 
_citation.pdbx_database_id_PubMed   37267906 
_citation.pdbx_database_id_patent   ? 
_citation.unpublished_flag          ? 
# 
loop_
_citation_author.citation_id 
_citation_author.name 
_citation_author.ordinal 
_citation_author.identifier_ORCID 
primary 'Quentin, D.'           1  ? 
primary 'Schuhmacher, J.S.'     2  ? 
primary 'Klink, B.U.'           3  ? 
primary 'Lauer, J.'             4  ? 
primary 'Shaikh, T.R.'          5  ? 
primary 
;Huis In 't Veld, P.J.
;
6  ? 
primary 'Welp, L.M.'            7  ? 
primary 'Urlaub, H.'            8  ? 
primary 'Zerial, M.'            9  ? 
primary 'Raunser, S.'           10 ? 
# 
_entity.id                         1 
_entity.type                       polymer 
_entity.src_method                 man 
_entity.pdbx_description           'Glutamine amidotransferase-like class 1 domain-containing protein 1' 
_entity.formula_weight             23321.529 
_entity.pdbx_number_of_molecules   1 
_entity.pdbx_ec                    ? 
_entity.pdbx_mutation              ? 
_entity.pdbx_fragment              ? 
_entity.details                    ? 
# 
_entity_name_com.entity_id   1 
_entity_name_com.name        'Parkinson disease 7 domain-containing protein 1' 
# 
_entity_poly.entity_id                      1 
_entity_poly.type                           'polypeptide(L)' 
_entity_poly.nstd_linkage                   no 
_entity_poly.nstd_monomer                   no 
_entity_poly.pdbx_seq_one_letter_code       
;MASERLPNRPACLLVASGAAEGVSAQSFLHCFTMASTAFNLQVATPGGKAMEFVDVTESNARWVQDFRLKAYASPAKLES
IDGARYHALLIPSCPGALTDLASSGSLARILQHFHSESKPICAVGHGVAALCCATNEDRSWVFDSYSLTGPSVCELVRAP
GFARLPLVVEDFVKDSGACFSASEPDAVHVVLDRHLVTGQNASSTVPAVQNLLFLCGSRK
;
_entity_poly.pdbx_seq_one_letter_code_can   
;MASERLPNRPACLLVASGAAEGVSAQSFLHCFTMASTAFNLQVATPGGKAMEFVDVTESNARWVQDFRLKAYASPAKLES
IDGARYHALLIPSCPGALTDLASSGSLARILQHFHSESKPICAVGHGVAALCCATNEDRSWVFDSYSLTGPSVCELVRAP
GFARLPLVVEDFVKDSGACFSASEPDAVHVVLDRHLVTGQNASSTVPAVQNLLFLCGSRK
;
_entity_poly.pdbx_strand_id                 A 
_entity_poly.pdbx_target_identifier         ? 
# 
loop_
_entity_poly_seq.entity_id 
_entity_poly_seq.num 
_entity_poly_seq.mon_id 
_entity_poly_seq.hetero 
1 1   MET n 
1 2   ALA n 
1 3   SER n 
1 4   GLU n 
1 5   ARG n 
1 6   LEU n 
1 7   PRO n 
1 8   ASN n 
1 9   ARG n 
1 10  PRO n 
1 11  ALA n 
1 12  CYS n 
1 13  LEU n 
1 14  LEU n 
1 15  VAL n 
1 16  ALA n 
1 17  SER n 
1 18  GLY n 
1 19  ALA n 
1 20  ALA n 
1 21  GLU n 
1 22  GLY n 
1 23  VAL n 
1 24  SER n 
1 25  ALA n 
1 26  GLN n 
1 27  SER n 
1 28  PHE n 
1 29  LEU n 
1 30  HIS n 
1 31  CYS n 
1 32  PHE n 
1 33  THR n 
1 34  MET n 
1 35  ALA n 
1 36  SER n 
1 37  THR n 
1 38  ALA n 
1 39  PHE n 
1 40  ASN n 
1 41  LEU n 
1 42  GLN n 
1 43  VAL n 
1 44  ALA n 
1 45  THR n 
1 46  PRO n 
1 47  GLY n 
1 48  GLY n 
1 49  LYS n 
1 50  ALA n 
1 51  MET n 
1 52  GLU n 
1 53  PHE n 
1 54  VAL n 
1 55  ASP n 
1 56  VAL n 
1 57  THR n 
1 58  GLU n 
1 59  SER n 
1 60  ASN n 
1 61  ALA n 
1 62  ARG n 
1 63  TRP n 
1 64  VAL n 
1 65  GLN n 
1 66  ASP n 
1 67  PHE n 
1 68  ARG n 
1 69  LEU n 
1 70  LYS n 
1 71  ALA n 
1 72  TYR n 
1 73  ALA n 
1 74  SER n 
1 75  PRO n 
1 76  ALA n 
1 77  LYS n 
1 78  LEU n 
1 79  GLU n 
1 80  SER n 
1 81  ILE n 
1 82  ASP n 
1 83  GLY n 
1 84  ALA n 
1 85  ARG n 
1 86  TYR n 
1 87  HIS n 
1 88  ALA n 
1 89  LEU n 
1 90  LEU n 
1 91  ILE n 
1 92  PRO n 
1 93  SER n 
1 94  CYS n 
1 95  PRO n 
1 96  GLY n 
1 97  ALA n 
1 98  LEU n 
1 99  THR n 
1 100 ASP n 
1 101 LEU n 
1 102 ALA n 
1 103 SER n 
1 104 SER n 
1 105 GLY n 
1 106 SER n 
1 107 LEU n 
1 108 ALA n 
1 109 ARG n 
1 110 ILE n 
1 111 LEU n 
1 112 GLN n 
1 113 HIS n 
1 114 PHE n 
1 115 HIS n 
1 116 SER n 
1 117 GLU n 
1 118 SER n 
1 119 LYS n 
1 120 PRO n 
1 121 ILE n 
1 122 CYS n 
1 123 ALA n 
1 124 VAL n 
1 125 GLY n 
1 126 HIS n 
1 127 GLY n 
1 128 VAL n 
1 129 ALA n 
1 130 ALA n 
1 131 LEU n 
1 132 CYS n 
1 133 CYS n 
1 134 ALA n 
1 135 THR n 
1 136 ASN n 
1 137 GLU n 
1 138 ASP n 
1 139 ARG n 
1 140 SER n 
1 141 TRP n 
1 142 VAL n 
1 143 PHE n 
1 144 ASP n 
1 145 SER n 
1 146 TYR n 
1 147 SER n 
1 148 LEU n 
1 149 THR n 
1 150 GLY n 
1 151 PRO n 
1 152 SER n 
1 153 VAL n 
1 154 CYS n 
1 155 GLU n 
1 156 LEU n 
1 157 VAL n 
1 158 ARG n 
1 159 ALA n 
1 160 PRO n 
1 161 GLY n 
1 162 PHE n 
1 163 ALA n 
1 164 ARG n 
1 165 LEU n 
1 166 PRO n 
1 167 LEU n 
1 168 VAL n 
1 169 VAL n 
1 170 GLU n 
1 171 ASP n 
1 172 PHE n 
1 173 VAL n 
1 174 LYS n 
1 175 ASP n 
1 176 SER n 
1 177 GLY n 
1 178 ALA n 
1 179 CYS n 
1 180 PHE n 
1 181 SER n 
1 182 ALA n 
1 183 SER n 
1 184 GLU n 
1 185 PRO n 
1 186 ASP n 
1 187 ALA n 
1 188 VAL n 
1 189 HIS n 
1 190 VAL n 
1 191 VAL n 
1 192 LEU n 
1 193 ASP n 
1 194 ARG n 
1 195 HIS n 
1 196 LEU n 
1 197 VAL n 
1 198 THR n 
1 199 GLY n 
1 200 GLN n 
1 201 ASN n 
1 202 ALA n 
1 203 SER n 
1 204 SER n 
1 205 THR n 
1 206 VAL n 
1 207 PRO n 
1 208 ALA n 
1 209 VAL n 
1 210 GLN n 
1 211 ASN n 
1 212 LEU n 
1 213 LEU n 
1 214 PHE n 
1 215 LEU n 
1 216 CYS n 
1 217 GLY n 
1 218 SER n 
1 219 ARG n 
1 220 LYS n 
# 
_entity_src_gen.entity_id                          1 
_entity_src_gen.pdbx_src_id                        1 
_entity_src_gen.pdbx_alt_source_flag               sample 
_entity_src_gen.pdbx_seq_type                      'Biological sequence' 
_entity_src_gen.pdbx_beg_seq_num                   1 
_entity_src_gen.pdbx_end_seq_num                   220 
_entity_src_gen.gene_src_common_name               human 
_entity_src_gen.gene_src_genus                     ? 
_entity_src_gen.pdbx_gene_src_gene                 'GATD1, PDDC1' 
_entity_src_gen.gene_src_species                   ? 
_entity_src_gen.gene_src_strain                    ? 
_entity_src_gen.gene_src_tissue                    ? 
_entity_src_gen.gene_src_tissue_fraction           ? 
_entity_src_gen.gene_src_details                   ? 
_entity_src_gen.pdbx_gene_src_fragment             ? 
_entity_src_gen.pdbx_gene_src_scientific_name      'Homo sapiens' 
_entity_src_gen.pdbx_gene_src_ncbi_taxonomy_id     9606 
_entity_src_gen.pdbx_gene_src_variant              ? 
_entity_src_gen.pdbx_gene_src_cell_line            ? 
_entity_src_gen.pdbx_gene_src_atcc                 ? 
_entity_src_gen.pdbx_gene_src_organ                ? 
_entity_src_gen.pdbx_gene_src_organelle            ? 
_entity_src_gen.pdbx_gene_src_cell                 ? 
_entity_src_gen.pdbx_gene_src_cellular_location    ? 
_entity_src_gen.host_org_common_name               ? 
_entity_src_gen.pdbx_host_org_scientific_name      'Spodoptera frugiperda' 
_entity_src_gen.pdbx_host_org_ncbi_taxonomy_id     7108 
_entity_src_gen.host_org_genus                     ? 
_entity_src_gen.pdbx_host_org_gene                 ? 
_entity_src_gen.pdbx_host_org_organ                ? 
_entity_src_gen.host_org_species                   ? 
_entity_src_gen.pdbx_host_org_tissue               ? 
_entity_src_gen.pdbx_host_org_tissue_fraction      ? 
_entity_src_gen.pdbx_host_org_strain               ? 
_entity_src_gen.pdbx_host_org_variant              ? 
_entity_src_gen.pdbx_host_org_cell_line            ? 
_entity_src_gen.pdbx_host_org_atcc                 ? 
_entity_src_gen.pdbx_host_org_culture_collection   ? 
_entity_src_gen.pdbx_host_org_cell                 ? 
_entity_src_gen.pdbx_host_org_organelle            ? 
_entity_src_gen.pdbx_host_org_cellular_location    ? 
_entity_src_gen.pdbx_host_org_vector_type          ? 
_entity_src_gen.pdbx_host_org_vector               ? 
_entity_src_gen.host_org_details                   ? 
_entity_src_gen.expression_system_id               ? 
_entity_src_gen.plasmid_name                       ? 
_entity_src_gen.plasmid_details                    ? 
_entity_src_gen.pdbx_description                   ? 
# 
loop_
_chem_comp.id 
_chem_comp.type 
_chem_comp.mon_nstd_flag 
_chem_comp.name 
_chem_comp.pdbx_synonyms 
_chem_comp.formula 
_chem_comp.formula_weight 
ALA 'L-peptide linking' y ALANINE         ? 'C3 H7 N O2'     89.093  
ARG 'L-peptide linking' y ARGININE        ? 'C6 H15 N4 O2 1' 175.209 
ASN 'L-peptide linking' y ASPARAGINE      ? 'C4 H8 N2 O3'    132.118 
ASP 'L-peptide linking' y 'ASPARTIC ACID' ? 'C4 H7 N O4'     133.103 
CYS 'L-peptide linking' y CYSTEINE        ? 'C3 H7 N O2 S'   121.158 
GLN 'L-peptide linking' y GLUTAMINE       ? 'C5 H10 N2 O3'   146.144 
GLU 'L-peptide linking' y 'GLUTAMIC ACID' ? 'C5 H9 N O4'     147.129 
GLY 'peptide linking'   y GLYCINE         ? 'C2 H5 N O2'     75.067  
HIS 'L-peptide linking' y HISTIDINE       ? 'C6 H10 N3 O2 1' 156.162 
ILE 'L-peptide linking' y ISOLEUCINE      ? 'C6 H13 N O2'    131.173 
LEU 'L-peptide linking' y LEUCINE         ? 'C6 H13 N O2'    131.173 
LYS 'L-peptide linking' y LYSINE          ? 'C6 H15 N2 O2 1' 147.195 
MET 'L-peptide linking' y METHIONINE      ? 'C5 H11 N O2 S'  149.211 
PHE 'L-peptide linking' y PHENYLALANINE   ? 'C9 H11 N O2'    165.189 
PRO 'L-peptide linking' y PROLINE         ? 'C5 H9 N O2'     115.130 
SER 'L-peptide linking' y SERINE          ? 'C3 H7 N O3'     105.093 
THR 'L-peptide linking' y THREONINE       ? 'C4 H9 N O3'     119.119 
TRP 'L-peptide linking' y TRYPTOPHAN      ? 'C11 H12 N2 O2'  204.225 
TYR 'L-peptide linking' y TYROSINE        ? 'C9 H11 N O3'    181.189 
VAL 'L-peptide linking' y VALINE          ? 'C5 H11 N O2'    117.146 
# 
loop_
_pdbx_poly_seq_scheme.asym_id 
_pdbx_poly_seq_scheme.entity_id 
_pdbx_poly_seq_scheme.seq_id 
_pdbx_poly_seq_scheme.mon_id 
_pdbx_poly_seq_scheme.ndb_seq_num 
_pdbx_poly_seq_scheme.pdb_seq_num 
_pdbx_poly_seq_scheme.auth_seq_num 
_pdbx_poly_seq_scheme.pdb_mon_id 
_pdbx_poly_seq_scheme.auth_mon_id 
_pdbx_poly_seq_scheme.pdb_strand_id 
_pdbx_poly_seq_scheme.pdb_ins_code 
_pdbx_poly_seq_scheme.hetero 
A 1 1   MET 1   1   ?   ?   ?   A . n 
A 1 2   ALA 2   2   ?   ?   ?   A . n 
A 1 3   SER 3   3   ?   ?   ?   A . n 
A 1 4   GLU 4   4   ?   ?   ?   A . n 
A 1 5   ARG 5   5   ?   ?   ?   A . n 
A 1 6   LEU 6   6   ?   ?   ?   A . n 
A 1 7   PRO 7   7   ?   ?   ?   A . n 
A 1 8   ASN 8   8   ?   ?   ?   A . n 
A 1 9   ARG 9   9   9   ARG ARG A . n 
A 1 10  PRO 10  10  10  PRO PRO A . n 
A 1 11  ALA 11  11  11  ALA ALA A . n 
A 1 12  CYS 12  12  12  CYS CYS A . n 
A 1 13  LEU 13  13  13  LEU LEU A . n 
A 1 14  LEU 14  14  14  LEU LEU A . n 
A 1 15  VAL 15  15  15  VAL VAL A . n 
A 1 16  ALA 16  16  16  ALA ALA A . n 
A 1 17  SER 17  17  17  SER SER A . n 
A 1 18  GLY 18  18  18  GLY GLY A . n 
A 1 19  ALA 19  19  19  ALA ALA A . n 
A 1 20  ALA 20  20  20  ALA ALA A . n 
A 1 21  GLU 21  21  21  GLU GLU A . n 
A 1 22  GLY 22  22  22  GLY GLY A . n 
A 1 23  VAL 23  23  23  VAL VAL A . n 
A 1 24  SER 24  24  24  SER SER A . n 
A 1 25  ALA 25  25  25  ALA ALA A . n 
A 1 26  GLN 26  26  26  GLN GLN A . n 
A 1 27  SER 27  27  27  SER SER A . n 
A 1 28  PHE 28  28  28  PHE PHE A . n 
A 1 29  LEU 29  29  29  LEU LEU A . n 
A 1 30  HIS 30  30  30  HIS HIS A . n 
A 1 31  CYS 31  31  31  CYS CYS A . n 
A 1 32  PHE 32  32  32  PHE PHE A . n 
A 1 33  THR 33  33  33  THR THR A . n 
A 1 34  MET 34  34  34  MET MET A . n 
A 1 35  ALA 35  35  35  ALA ALA A . n 
A 1 36  SER 36  36  36  SER SER A . n 
A 1 37  THR 37  37  37  THR THR A . n 
A 1 38  ALA 38  38  38  ALA ALA A . n 
A 1 39  PHE 39  39  39  PHE PHE A . n 
A 1 40  ASN 40  40  40  ASN ASN A . n 
A 1 41  LEU 41  41  41  LEU LEU A . n 
A 1 42  GLN 42  42  42  GLN GLN A . n 
A 1 43  VAL 43  43  43  VAL VAL A . n 
A 1 44  ALA 44  44  44  ALA ALA A . n 
A 1 45  THR 45  45  45  THR THR A . n 
A 1 46  PRO 46  46  46  PRO PRO A . n 
A 1 47  GLY 47  47  47  GLY GLY A . n 
A 1 48  GLY 48  48  48  GLY GLY A . n 
A 1 49  LYS 49  49  49  LYS LYS A . n 
A 1 50  ALA 50  50  50  ALA ALA A . n 
A 1 51  MET 51  51  51  MET MET A . n 
A 1 52  GLU 52  52  52  GLU GLU A . n 
A 1 53  PHE 53  53  53  PHE PHE A . n 
A 1 54  VAL 54  54  54  VAL VAL A . n 
A 1 55  ASP 55  55  55  ASP ASP A . n 
A 1 56  VAL 56  56  56  VAL VAL A . n 
A 1 57  THR 57  57  57  THR THR A . n 
A 1 58  GLU 58  58  58  GLU GLU A . n 
A 1 59  SER 59  59  59  SER SER A . n 
A 1 60  ASN 60  60  60  ASN ASN A . n 
A 1 61  ALA 61  61  61  ALA ALA A . n 
A 1 62  ARG 62  62  62  ARG ARG A . n 
A 1 63  TRP 63  63  63  TRP TRP A . n 
A 1 64  VAL 64  64  64  VAL VAL A . n 
A 1 65  GLN 65  65  65  GLN GLN A . n 
A 1 66  ASP 66  66  66  ASP ASP A . n 
A 1 67  PHE 67  67  67  PHE PHE A . n 
A 1 68  ARG 68  68  68  ARG ARG A . n 
A 1 69  LEU 69  69  69  LEU LEU A . n 
A 1 70  LYS 70  70  70  LYS LYS A . n 
A 1 71  ALA 71  71  71  ALA ALA A . n 
A 1 72  TYR 72  72  72  TYR TYR A . n 
A 1 73  ALA 73  73  73  ALA ALA A . n 
A 1 74  SER 74  74  74  SER SER A . n 
A 1 75  PRO 75  75  75  PRO PRO A . n 
A 1 76  ALA 76  76  76  ALA ALA A . n 
A 1 77  LYS 77  77  77  LYS LYS A . n 
A 1 78  LEU 78  78  78  LEU LEU A . n 
A 1 79  GLU 79  79  79  GLU GLU A . n 
A 1 80  SER 80  80  80  SER SER A . n 
A 1 81  ILE 81  81  81  ILE ILE A . n 
A 1 82  ASP 82  82  82  ASP ASP A . n 
A 1 83  GLY 83  83  83  GLY GLY A . n 
A 1 84  ALA 84  84  84  ALA ALA A . n 
A 1 85  ARG 85  85  85  ARG ARG A . n 
A 1 86  TYR 86  86  86  TYR TYR A . n 
A 1 87  HIS 87  87  87  HIS HIS A . n 
A 1 88  ALA 88  88  88  ALA ALA A . n 
A 1 89  LEU 89  89  89  LEU LEU A . n 
A 1 90  LEU 90  90  90  LEU LEU A . n 
A 1 91  ILE 91  91  91  ILE ILE A . n 
A 1 92  PRO 92  92  92  PRO PRO A . n 
A 1 93  SER 93  93  93  SER SER A . n 
A 1 94  CYS 94  94  94  CYS CYS A . n 
A 1 95  PRO 95  95  95  PRO PRO A . n 
A 1 96  GLY 96  96  96  GLY GLY A . n 
A 1 97  ALA 97  97  97  ALA ALA A . n 
A 1 98  LEU 98  98  98  LEU LEU A . n 
A 1 99  THR 99  99  99  THR THR A . n 
A 1 100 ASP 100 100 100 ASP ASP A . n 
A 1 101 LEU 101 101 101 LEU LEU A . n 
A 1 102 ALA 102 102 102 ALA ALA A . n 
A 1 103 SER 103 103 103 SER SER A . n 
A 1 104 SER 104 104 104 SER SER A . n 
A 1 105 GLY 105 105 105 GLY GLY A . n 
A 1 106 SER 106 106 106 SER SER A . n 
A 1 107 LEU 107 107 107 LEU LEU A . n 
A 1 108 ALA 108 108 108 ALA ALA A . n 
A 1 109 ARG 109 109 109 ARG ARG A . n 
A 1 110 ILE 110 110 110 ILE ILE A . n 
A 1 111 LEU 111 111 111 LEU LEU A . n 
A 1 112 GLN 112 112 112 GLN GLN A . n 
A 1 113 HIS 113 113 113 HIS HIS A . n 
A 1 114 PHE 114 114 114 PHE PHE A . n 
A 1 115 HIS 115 115 115 HIS HIS A . n 
A 1 116 SER 116 116 116 SER SER A . n 
A 1 117 GLU 117 117 117 GLU GLU A . n 
A 1 118 SER 118 118 118 SER SER A . n 
A 1 119 LYS 119 119 119 LYS LYS A . n 
A 1 120 PRO 120 120 120 PRO PRO A . n 
A 1 121 ILE 121 121 121 ILE ILE A . n 
A 1 122 CYS 122 122 122 CYS CYS A . n 
A 1 123 ALA 123 123 123 ALA ALA A . n 
A 1 124 VAL 124 124 124 VAL VAL A . n 
A 1 125 GLY 125 125 125 GLY GLY A . n 
A 1 126 HIS 126 126 126 HIS HIS A . n 
A 1 127 GLY 127 127 127 GLY GLY A . n 
A 1 128 VAL 128 128 128 VAL VAL A . n 
A 1 129 ALA 129 129 129 ALA ALA A . n 
A 1 130 ALA 130 130 130 ALA ALA A . n 
A 1 131 LEU 131 131 131 LEU LEU A . n 
A 1 132 CYS 132 132 132 CYS CYS A . n 
A 1 133 CYS 133 133 133 CYS CYS A . n 
A 1 134 ALA 134 134 134 ALA ALA A . n 
A 1 135 THR 135 135 135 THR THR A . n 
A 1 136 ASN 136 136 136 ASN ASN A . n 
A 1 137 GLU 137 137 137 GLU GLU A . n 
A 1 138 ASP 138 138 138 ASP ASP A . n 
A 1 139 ARG 139 139 139 ARG ARG A . n 
A 1 140 SER 140 140 140 SER SER A . n 
A 1 141 TRP 141 141 141 TRP TRP A . n 
A 1 142 VAL 142 142 142 VAL VAL A . n 
A 1 143 PHE 143 143 143 PHE PHE A . n 
A 1 144 ASP 144 144 144 ASP ASP A . n 
A 1 145 SER 145 145 145 SER SER A . n 
A 1 146 TYR 146 146 146 TYR TYR A . n 
A 1 147 SER 147 147 147 SER SER A . n 
A 1 148 LEU 148 148 148 LEU LEU A . n 
A 1 149 THR 149 149 149 THR THR A . n 
A 1 150 GLY 150 150 150 GLY GLY A . n 
A 1 151 PRO 151 151 151 PRO PRO A . n 
A 1 152 SER 152 152 152 SER SER A . n 
A 1 153 VAL 153 153 153 VAL VAL A . n 
A 1 154 CYS 154 154 154 CYS CYS A . n 
A 1 155 GLU 155 155 ?   ?   ?   A . n 
A 1 156 LEU 156 156 ?   ?   ?   A . n 
A 1 157 VAL 157 157 ?   ?   ?   A . n 
A 1 158 ARG 158 158 ?   ?   ?   A . n 
A 1 159 ALA 159 159 ?   ?   ?   A . n 
A 1 160 PRO 160 160 ?   ?   ?   A . n 
A 1 161 GLY 161 161 ?   ?   ?   A . n 
A 1 162 PHE 162 162 ?   ?   ?   A . n 
A 1 163 ALA 163 163 ?   ?   ?   A . n 
A 1 164 ARG 164 164 ?   ?   ?   A . n 
A 1 165 LEU 165 165 ?   ?   ?   A . n 
A 1 166 PRO 166 166 ?   ?   ?   A . n 
A 1 167 LEU 167 167 167 LEU LEU A . n 
A 1 168 VAL 168 168 168 VAL VAL A . n 
A 1 169 VAL 169 169 169 VAL VAL A . n 
A 1 170 GLU 170 170 170 GLU GLU A . n 
A 1 171 ASP 171 171 171 ASP ASP A . n 
A 1 172 PHE 172 172 172 PHE PHE A . n 
A 1 173 VAL 173 173 173 VAL VAL A . n 
A 1 174 LYS 174 174 174 LYS LYS A . n 
A 1 175 ASP 175 175 175 ASP ASP A . n 
A 1 176 SER 176 176 176 SER SER A . n 
A 1 177 GLY 177 177 ?   ?   ?   A . n 
A 1 178 ALA 178 178 ?   ?   ?   A . n 
A 1 179 CYS 179 179 ?   ?   ?   A . n 
A 1 180 PHE 180 180 ?   ?   ?   A . n 
A 1 181 SER 181 181 181 SER SER A . n 
A 1 182 ALA 182 182 182 ALA ALA A . n 
A 1 183 SER 183 183 183 SER SER A . n 
A 1 184 GLU 184 184 184 GLU GLU A . n 
A 1 185 PRO 185 185 185 PRO PRO A . n 
A 1 186 ASP 186 186 186 ASP ASP A . n 
A 1 187 ALA 187 187 187 ALA ALA A . n 
A 1 188 VAL 188 188 188 VAL VAL A . n 
A 1 189 HIS 189 189 189 HIS HIS A . n 
A 1 190 VAL 190 190 190 VAL VAL A . n 
A 1 191 VAL 191 191 191 VAL VAL A . n 
A 1 192 LEU 192 192 192 LEU LEU A . n 
A 1 193 ASP 193 193 193 ASP ASP A . n 
A 1 194 ARG 194 194 194 ARG ARG A . n 
A 1 195 HIS 195 195 195 HIS HIS A . n 
A 1 196 LEU 196 196 196 LEU LEU A . n 
A 1 197 VAL 197 197 197 VAL VAL A . n 
A 1 198 THR 198 198 198 THR THR A . n 
A 1 199 GLY 199 199 199 GLY GLY A . n 
A 1 200 GLN 200 200 200 GLN GLN A . n 
A 1 201 ASN 201 201 201 ASN ASN A . n 
A 1 202 ALA 202 202 202 ALA ALA A . n 
A 1 203 SER 203 203 203 SER SER A . n 
A 1 204 SER 204 204 204 SER SER A . n 
A 1 205 THR 205 205 205 THR THR A . n 
A 1 206 VAL 206 206 206 VAL VAL A . n 
A 1 207 PRO 207 207 207 PRO PRO A . n 
A 1 208 ALA 208 208 208 ALA ALA A . n 
A 1 209 VAL 209 209 209 VAL VAL A . n 
A 1 210 GLN 210 210 210 GLN GLN A . n 
A 1 211 ASN 211 211 211 ASN ASN A . n 
A 1 212 LEU 212 212 212 LEU LEU A . n 
A 1 213 LEU 213 213 213 LEU LEU A . n 
A 1 214 PHE 214 214 214 PHE PHE A . n 
A 1 215 LEU 215 215 215 LEU LEU A . n 
A 1 216 CYS 216 216 216 CYS CYS A . n 
A 1 217 GLY 217 217 217 GLY GLY A . n 
A 1 218 SER 218 218 ?   ?   ?   A . n 
A 1 219 ARG 219 219 ?   ?   ?   A . n 
A 1 220 LYS 220 220 ?   ?   ?   A . n 
# 
loop_
_software.citation_id 
_software.classification 
_software.compiler_name 
_software.compiler_version 
_software.contact_author 
_software.contact_author_email 
_software.date 
_software.description 
_software.dependencies 
_software.hardware 
_software.language 
_software.location 
_software.mods 
_software.name 
_software.os 
_software.os_version 
_software.type 
_software.version 
_software.pdbx_ordinal 
? refinement        ? ? ?                 ?                                       ?               ? ? ? ?          ? ? PHENIX      
? ? ?       1.11.1_2575 1 
? 'data reduction'  ? ? 'Wolfgang Kabsch' Wolfgang.Kabsch@mpimf-heidelberg.mpg.de ?               ? ? ? ?          
http://www.mpimf-heidelberg.mpg.de/~kabsch/xds/ ? XDS         ? ? package .           2 
? 'data scaling'    ? ? 'Phil R. Evans'   pre@mrc-lmb.cam.ac.uk                   2013/01/04      ? ? ? Fortran_77 
http://www.ccp4.ac.uk/dist/html/scala.html      ? SCALA       ? ? other   3.3.21      3 
? phasing           ? ? 'Randy J. Read'   cimr-phaser@lists.cam.ac.uk             ?               ? ? ? ?          
http://www-structmed.cimr.cam.ac.uk/phaser/     ? PHASER      ? ? program .           4 
? 'data extraction' ? ? PDB               deposit@deposit.rcsb.org                'Oct. 31, 2020' ? ? ? C++        
http://sw-tools.pdb.org/apps/PDB_EXTRACT/       ? PDB_EXTRACT ? ? package 3.27        5 
# 
_cell.angle_alpha                  90.000 
_cell.angle_alpha_esd              ? 
_cell.angle_beta                   90.000 
_cell.angle_beta_esd               ? 
_cell.angle_gamma                  90.000 
_cell.angle_gamma_esd              ? 
_cell.entry_id                     8A3P 
_cell.details                      ? 
_cell.formula_units_Z              ? 
_cell.length_a                     94.619 
_cell.length_a_esd                 ? 
_cell.length_b                     99.573 
_cell.length_b_esd                 ? 
_cell.length_c                     62.158 
_cell.length_c_esd                 ? 
_cell.volume                       ? 
_cell.volume_esd                   ? 
_cell.Z_PDB                        8 
_cell.reciprocal_angle_alpha       ? 
_cell.reciprocal_angle_beta        ? 
_cell.reciprocal_angle_gamma       ? 
_cell.reciprocal_angle_alpha_esd   ? 
_cell.reciprocal_angle_beta_esd    ? 
_cell.reciprocal_angle_gamma_esd   ? 
_cell.reciprocal_length_a          ? 
_cell.reciprocal_length_b          ? 
_cell.reciprocal_length_c          ? 
_cell.reciprocal_length_a_esd      ? 
_cell.reciprocal_length_b_esd      ? 
_cell.reciprocal_length_c_esd      ? 
_cell.pdbx_unique_axis             ? 
_cell.pdbx_esd_method              ? 
# 
_symmetry.entry_id                         8A3P 
_symmetry.cell_setting                     ? 
_symmetry.Int_Tables_number                20 
_symmetry.space_group_name_Hall            ? 
_symmetry.space_group_name_H-M             'C 2 2 21' 
_symmetry.pdbx_full_space_group_name_H-M   ? 
# 
_exptl.absorpt_coefficient_mu     ? 
_exptl.absorpt_correction_T_max   ? 
_exptl.absorpt_correction_T_min   ? 
_exptl.absorpt_correction_type    ? 
_exptl.absorpt_process_details    ? 
_exptl.entry_id                   8A3P 
_exptl.crystals_number            1 
_exptl.details                    ? 
_exptl.method                     'X-RAY DIFFRACTION' 
_exptl.method_details             ? 
# 
_exptl_crystal.colour                       ? 
_exptl_crystal.density_diffrn               ? 
_exptl_crystal.density_Matthews             3.14 
_exptl_crystal.density_method               ? 
_exptl_crystal.density_percent_sol          60.81 
_exptl_crystal.description                  ? 
_exptl_crystal.F_000                        ? 
_exptl_crystal.id                           1 
_exptl_crystal.preparation                  ? 
_exptl_crystal.size_max                     ? 
_exptl_crystal.size_mid                     ? 
_exptl_crystal.size_min                     ? 
_exptl_crystal.size_rad                     ? 
_exptl_crystal.colour_lustre                ? 
_exptl_crystal.colour_modifier              ? 
_exptl_crystal.colour_primary               ? 
_exptl_crystal.density_meas                 ? 
_exptl_crystal.density_meas_esd             ? 
_exptl_crystal.density_meas_gt              ? 
_exptl_crystal.density_meas_lt              ? 
_exptl_crystal.density_meas_temp            ? 
_exptl_crystal.density_meas_temp_esd        ? 
_exptl_crystal.density_meas_temp_gt         ? 
_exptl_crystal.density_meas_temp_lt         ? 
_exptl_crystal.pdbx_crystal_image_url       ? 
_exptl_crystal.pdbx_crystal_image_format    ? 
_exptl_crystal.pdbx_mosaicity               ? 
_exptl_crystal.pdbx_mosaicity_esd           ? 
_exptl_crystal.pdbx_mosaic_method           ? 
_exptl_crystal.pdbx_mosaic_block_size       ? 
_exptl_crystal.pdbx_mosaic_block_size_esd   ? 
# 
_exptl_crystal_grow.apparatus       ? 
_exptl_crystal_grow.atmosphere      ? 
_exptl_crystal_grow.crystal_id      1 
_exptl_crystal_grow.details         ? 
_exptl_crystal_grow.method          'VAPOR DIFFUSION, SITTING DROP' 
_exptl_crystal_grow.method_ref      ? 
_exptl_crystal_grow.pH              ? 
_exptl_crystal_grow.pressure        ? 
_exptl_crystal_grow.pressure_esd    ? 
_exptl_crystal_grow.seeding         ? 
_exptl_crystal_grow.seeding_ref     ? 
_exptl_crystal_grow.temp            293 
_exptl_crystal_grow.temp_details    ? 
_exptl_crystal_grow.temp_esd        ? 
_exptl_crystal_grow.time            ? 
_exptl_crystal_grow.pdbx_details    '0.1 M MES, pH 5.0, 0.8 M Ammonium sulfate' 
_exptl_crystal_grow.pdbx_pH_range   ? 
# 
_diffrn.ambient_environment              ? 
_diffrn.ambient_temp                     100 
_diffrn.ambient_temp_details             ? 
_diffrn.ambient_temp_esd                 ? 
_diffrn.crystal_id                       1 
_diffrn.crystal_support                  ? 
_diffrn.crystal_treatment                ? 
_diffrn.details                          ? 
_diffrn.id                               1 
_diffrn.ambient_pressure                 ? 
_diffrn.ambient_pressure_esd             ? 
_diffrn.ambient_pressure_gt              ? 
_diffrn.ambient_pressure_lt              ? 
_diffrn.ambient_temp_gt                  ? 
_diffrn.ambient_temp_lt                  ? 
_diffrn.pdbx_serial_crystal_experiment   N 
# 
_diffrn_detector.details                      ? 
_diffrn_detector.detector                     PIXEL 
_diffrn_detector.diffrn_id                    1 
_diffrn_detector.type                         'DECTRIS EIGER X 4M' 
_diffrn_detector.area_resol_mean              ? 
_diffrn_detector.dtime                        ? 
_diffrn_detector.pdbx_frames_total            ? 
_diffrn_detector.pdbx_collection_time_total   ? 
_diffrn_detector.pdbx_collection_date         2017-02-19 
_diffrn_detector.pdbx_frequency               ? 
# 
_diffrn_radiation.collimation                      ? 
_diffrn_radiation.diffrn_id                        1 
_diffrn_radiation.filter_edge                      ? 
_diffrn_radiation.inhomogeneity                    ? 
_diffrn_radiation.monochromator                    ? 
_diffrn_radiation.polarisn_norm                    ? 
_diffrn_radiation.polarisn_ratio                   ? 
_diffrn_radiation.probe                            ? 
_diffrn_radiation.type                             ? 
_diffrn_radiation.xray_symbol                      ? 
_diffrn_radiation.wavelength_id                    1 
_diffrn_radiation.pdbx_monochromatic_or_laue_m_l   M 
_diffrn_radiation.pdbx_wavelength_list             ? 
_diffrn_radiation.pdbx_wavelength                  ? 
_diffrn_radiation.pdbx_diffrn_protocol             'SINGLE WAVELENGTH' 
_diffrn_radiation.pdbx_analyzer                    ? 
_diffrn_radiation.pdbx_scattering_type             x-ray 
# 
_diffrn_radiation_wavelength.id           1 
_diffrn_radiation_wavelength.wavelength   0.968 
_diffrn_radiation_wavelength.wt           1.0 
# 
_diffrn_source.current                     ? 
_diffrn_source.details                     ? 
_diffrn_source.diffrn_id                   1 
_diffrn_source.power                       ? 
_diffrn_source.size                        ? 
_diffrn_source.source                      SYNCHROTRON 
_diffrn_source.target                      ? 
_diffrn_source.type                        'ESRF BEAMLINE MASSIF-3' 
_diffrn_source.voltage                     ? 
_diffrn_source.take-off_angle              ? 
_diffrn_source.pdbx_wavelength_list        0.968 
_diffrn_source.pdbx_wavelength             ? 
_diffrn_source.pdbx_synchrotron_beamline   MASSIF-3 
_diffrn_source.pdbx_synchrotron_site       ESRF 
# 
_reflns.B_iso_Wilson_estimate                          62.160 
_reflns.entry_id                                       8A3P 
_reflns.data_reduction_details                         ? 
_reflns.data_reduction_method                          ? 
_reflns.d_resolution_high                              2.700 
_reflns.d_resolution_low                               47.310 
_reflns.details                                        ? 
_reflns.limit_h_max                                    ? 
_reflns.limit_h_min                                    ? 
_reflns.limit_k_max                                    ? 
_reflns.limit_k_min                                    ? 
_reflns.limit_l_max                                    ? 
_reflns.limit_l_min                                    ? 
_reflns.number_all                                     8339 
_reflns.number_obs                                     8339 
_reflns.observed_criterion                             ? 
_reflns.observed_criterion_F_max                       ? 
_reflns.observed_criterion_F_min                       ? 
_reflns.observed_criterion_I_max                       ? 
_reflns.observed_criterion_I_min                       ? 
_reflns.observed_criterion_sigma_F                     ? 
_reflns.observed_criterion_sigma_I                     ? 
_reflns.percent_possible_obs                           99.600 
_reflns.R_free_details                                 ? 
_reflns.Rmerge_F_all                                   ? 
_reflns.Rmerge_F_obs                                   ? 
_reflns.Friedel_coverage                               ? 
_reflns.number_gt                                      ? 
_reflns.threshold_expression                           ? 
_reflns.pdbx_redundancy                                9.600 
_reflns.pdbx_Rmerge_I_obs                              ? 
_reflns.pdbx_Rmerge_I_all                              ? 
_reflns.pdbx_Rsym_value                                0.088 
_reflns.pdbx_netI_over_av_sigmaI                       5.500 
_reflns.pdbx_netI_over_sigmaI                          13.400 
_reflns.pdbx_res_netI_over_av_sigmaI_2                 ? 
_reflns.pdbx_res_netI_over_sigmaI_2                    ? 
_reflns.pdbx_chi_squared                               ? 
_reflns.pdbx_scaling_rejects                           ? 
_reflns.pdbx_d_res_high_opt                            ? 
_reflns.pdbx_d_res_low_opt                             ? 
_reflns.pdbx_d_res_opt_method                          ? 
_reflns.phase_calculation_details                      ? 
_reflns.pdbx_Rrim_I_all                                0.094 
_reflns.pdbx_Rpim_I_all                                0.031 
_reflns.pdbx_d_opt                                     ? 
_reflns.pdbx_number_measured_all                       79865 
_reflns.pdbx_diffrn_id                                 1 
_reflns.pdbx_ordinal                                   1 
_reflns.pdbx_CC_half                                   ? 
_reflns.pdbx_CC_star                                   ? 
_reflns.pdbx_R_split                                   ? 
_reflns.pdbx_aniso_diffraction_limit_axis_1_ortho[1]   ? 
_reflns.pdbx_aniso_diffraction_limit_axis_1_ortho[2]   ? 
_reflns.pdbx_aniso_diffraction_limit_axis_1_ortho[3]   ? 
_reflns.pdbx_aniso_diffraction_limit_axis_2_ortho[1]   ? 
_reflns.pdbx_aniso_diffraction_limit_axis_2_ortho[2]   ? 
_reflns.pdbx_aniso_diffraction_limit_axis_2_ortho[3]   ? 
_reflns.pdbx_aniso_diffraction_limit_axis_3_ortho[1]   ? 
_reflns.pdbx_aniso_diffraction_limit_axis_3_ortho[2]   ? 
_reflns.pdbx_aniso_diffraction_limit_axis_3_ortho[3]   ? 
_reflns.pdbx_aniso_diffraction_limit_1                 ? 
_reflns.pdbx_aniso_diffraction_limit_2                 ? 
_reflns.pdbx_aniso_diffraction_limit_3                 ? 
_reflns.pdbx_aniso_B_tensor_eigenvector_1_ortho[1]     ? 
_reflns.pdbx_aniso_B_tensor_eigenvector_1_ortho[2]     ? 
_reflns.pdbx_aniso_B_tensor_eigenvector_1_ortho[3]     ? 
_reflns.pdbx_aniso_B_tensor_eigenvector_2_ortho[1]     ? 
_reflns.pdbx_aniso_B_tensor_eigenvector_2_ortho[2]     ? 
_reflns.pdbx_aniso_B_tensor_eigenvector_2_ortho[3]     ? 
_reflns.pdbx_aniso_B_tensor_eigenvector_3_ortho[1]     ? 
_reflns.pdbx_aniso_B_tensor_eigenvector_3_ortho[2]     ? 
_reflns.pdbx_aniso_B_tensor_eigenvector_3_ortho[3]     ? 
_reflns.pdbx_aniso_B_tensor_eigenvalue_1               ? 
_reflns.pdbx_aniso_B_tensor_eigenvalue_2               ? 
_reflns.pdbx_aniso_B_tensor_eigenvalue_3               ? 
_reflns.pdbx_orthogonalization_convention              ? 
_reflns.pdbx_percent_possible_ellipsoidal              ? 
_reflns.pdbx_percent_possible_spherical                ? 
_reflns.pdbx_percent_possible_ellipsoidal_anomalous    ? 
_reflns.pdbx_percent_possible_spherical_anomalous      ? 
_reflns.pdbx_redundancy_anomalous                      ? 
_reflns.pdbx_CC_half_anomalous                         ? 
_reflns.pdbx_absDiff_over_sigma_anomalous              ? 
_reflns.pdbx_percent_possible_anomalous                ? 
_reflns.pdbx_observed_signal_threshold                 ? 
_reflns.pdbx_signal_type                               ? 
_reflns.pdbx_signal_details                            ? 
_reflns.pdbx_signal_software_id                        ? 
_reflns.pdbx_CC_split_method                           ? 
# 
loop_
_reflns_shell.d_res_high 
_reflns_shell.d_res_low 
_reflns_shell.meanI_over_sigI_all 
_reflns_shell.meanI_over_sigI_obs 
_reflns_shell.number_measured_all 
_reflns_shell.number_measured_obs 
_reflns_shell.number_possible 
_reflns_shell.number_unique_all 
_reflns_shell.number_unique_obs 
_reflns_shell.percent_possible_all 
_reflns_shell.percent_possible_obs 
_reflns_shell.Rmerge_F_all 
_reflns_shell.Rmerge_F_obs 
_reflns_shell.Rmerge_I_all 
_reflns_shell.Rmerge_I_obs 
_reflns_shell.meanI_over_sigI_gt 
_reflns_shell.meanI_over_uI_all 
_reflns_shell.meanI_over_uI_gt 
_reflns_shell.number_measured_gt 
_reflns_shell.number_unique_gt 
_reflns_shell.percent_possible_gt 
_reflns_shell.Rmerge_F_gt 
_reflns_shell.Rmerge_I_gt 
_reflns_shell.pdbx_redundancy 
_reflns_shell.pdbx_Rsym_value 
_reflns_shell.pdbx_chi_squared 
_reflns_shell.pdbx_netI_over_sigmaI_all 
_reflns_shell.pdbx_netI_over_sigmaI_obs 
_reflns_shell.pdbx_Rrim_I_all 
_reflns_shell.pdbx_Rpim_I_all 
_reflns_shell.pdbx_rejects 
_reflns_shell.pdbx_ordinal 
_reflns_shell.pdbx_diffrn_id 
_reflns_shell.pdbx_CC_half 
_reflns_shell.pdbx_CC_star 
_reflns_shell.pdbx_R_split 
_reflns_shell.pdbx_percent_possible_ellipsoidal 
_reflns_shell.pdbx_percent_possible_spherical 
_reflns_shell.pdbx_percent_possible_ellipsoidal_anomalous 
_reflns_shell.pdbx_percent_possible_spherical_anomalous 
_reflns_shell.pdbx_redundancy_anomalous 
_reflns_shell.pdbx_CC_half_anomalous 
_reflns_shell.pdbx_absDiff_over_sigma_anomalous 
_reflns_shell.pdbx_percent_possible_anomalous 
2.700 2.850  ? 1.200  12118 ? ? ? 1205 99.900  ? ? ? ? 0.603 ? ? ? ? ? ? ? ? 10.100 0.603 ? ? 3.200  0.636 0.201 ? 1  1 ? ? ? ? ? 
? ? ? ? ? ? 
2.850 3.020  ? 1.600  11259 ? ? ? 1133 99.900  ? ? ? ? 0.453 ? ? ? ? ? ? ? ? 9.900  0.453 ? ? 4.100  0.479 0.153 ? 2  1 ? ? ? ? ? 
? ? ? ? ? ? 
3.020 3.230  ? 2.700  10518 ? ? ? 1063 100.000 ? ? ? ? 0.266 ? ? ? ? ? ? ? ? 9.900  0.266 ? ? 6.200  0.281 0.091 ? 3  1 ? ? ? ? ? 
? ? ? ? ? ? 
3.230 3.490  ? 4.600  9737  ? ? ? 1002 100.000 ? ? ? ? 0.146 ? ? ? ? ? ? ? ? 9.700  0.146 ? ? 10.100 0.155 0.051 ? 4  1 ? ? ? ? ? 
? ? ? ? ? ? 
3.490 3.820  ? 6.000  8779  ? ? ? 928  100.000 ? ? ? ? 0.101 ? ? ? ? ? ? ? ? 9.500  0.101 ? ? 14.600 0.108 0.036 ? 5  1 ? ? ? ? ? 
? ? ? ? ? ? 
3.820 4.270  ? 6.700  7544  ? ? ? 832  100.000 ? ? ? ? 0.086 ? ? ? ? ? ? ? ? 9.100  0.086 ? ? 19.000 0.091 0.031 ? 6  1 ? ? ? ? ? 
? ? ? ? ? ? 
4.270 4.930  ? 9.300  6160  ? ? ? 721  96.100  ? ? ? ? 0.062 ? ? ? ? ? ? ? ? 8.500  0.062 ? ? 24.100 0.066 0.023 ? 7  1 ? ? ? ? ? 
? ? ? ? ? ? 
4.930 6.040  ? 9.800  6307  ? ? ? 639  100.000 ? ? ? ? 0.065 ? ? ? ? ? ? ? ? 9.900  0.065 ? ? 24.300 0.068 0.022 ? 8  1 ? ? ? ? ? 
? ? ? ? ? ? 
6.040 8.540  ? 10.400 4917  ? ? ? 513  100.000 ? ? ? ? 0.058 ? ? ? ? ? ? ? ? 9.600  0.058 ? ? 28.100 0.061 0.020 ? 9  1 ? ? ? ? ? 
? ? ? ? ? ? 
8.540 47.310 ? 10.100 2526  ? ? ? 303  99.400  ? ? ? ? 0.047 ? ? ? ? ? ? ? ? 8.300  0.047 ? ? 33.600 0.050 0.017 ? 10 1 ? ? ? ? ? 
? ? ? ? ? ? 
# 
_refine.aniso_B[1][1]                            ? 
_refine.aniso_B[1][2]                            ? 
_refine.aniso_B[1][3]                            ? 
_refine.aniso_B[2][2]                            ? 
_refine.aniso_B[2][3]                            ? 
_refine.aniso_B[3][3]                            ? 
_refine.B_iso_max                                172.970 
_refine.B_iso_mean                               85.7001 
_refine.B_iso_min                                48.300 
_refine.correlation_coeff_Fo_to_Fc               ? 
_refine.correlation_coeff_Fo_to_Fc_free          ? 
_refine.details                                  ? 
_refine.diff_density_max                         ? 
_refine.diff_density_max_esd                     ? 
_refine.diff_density_min                         ? 
_refine.diff_density_min_esd                     ? 
_refine.diff_density_rms                         ? 
_refine.diff_density_rms_esd                     ? 
_refine.entry_id                                 8A3P 
_refine.pdbx_refine_id                           'X-RAY DIFFRACTION' 
_refine.ls_abs_structure_details                 ? 
_refine.ls_abs_structure_Flack                   ? 
_refine.ls_abs_structure_Flack_esd               ? 
_refine.ls_abs_structure_Rogers                  ? 
_refine.ls_abs_structure_Rogers_esd              ? 
_refine.ls_d_res_high                            2.7000 
_refine.ls_d_res_low                             47.3090 
_refine.ls_extinction_coef                       ? 
_refine.ls_extinction_coef_esd                   ? 
_refine.ls_extinction_expression                 ? 
_refine.ls_extinction_method                     ? 
_refine.ls_goodness_of_fit_all                   ? 
_refine.ls_goodness_of_fit_all_esd               ? 
_refine.ls_goodness_of_fit_obs                   ? 
_refine.ls_goodness_of_fit_obs_esd               ? 
_refine.ls_hydrogen_treatment                    ? 
_refine.ls_matrix_type                           ? 
_refine.ls_number_constraints                    ? 
_refine.ls_number_parameters                     ? 
_refine.ls_number_reflns_all                     ? 
_refine.ls_number_reflns_obs                     8293 
_refine.ls_number_reflns_R_free                  837 
_refine.ls_number_reflns_R_work                  7456 
_refine.ls_number_restraints                     ? 
_refine.ls_percent_reflns_obs                    99.0800 
_refine.ls_percent_reflns_R_free                 10.0900 
_refine.ls_R_factor_all                          ? 
_refine.ls_R_factor_obs                          0.2247 
_refine.ls_R_factor_R_free                       0.2668 
_refine.ls_R_factor_R_free_error                 ? 
_refine.ls_R_factor_R_free_error_details         ? 
_refine.ls_R_factor_R_work                       0.2198 
_refine.ls_R_Fsqd_factor_obs                     ? 
_refine.ls_R_I_factor_obs                        ? 
_refine.ls_redundancy_reflns_all                 ? 
_refine.ls_redundancy_reflns_obs                 ? 
_refine.ls_restrained_S_all                      ? 
_refine.ls_restrained_S_obs                      ? 
_refine.ls_shift_over_esd_max                    ? 
_refine.ls_shift_over_esd_mean                   ? 
_refine.ls_structure_factor_coef                 ? 
_refine.ls_weighting_details                     ? 
_refine.ls_weighting_scheme                      ? 
_refine.ls_wR_factor_all                         ? 
_refine.ls_wR_factor_obs                         ? 
_refine.ls_wR_factor_R_free                      ? 
_refine.ls_wR_factor_R_work                      ? 
_refine.occupancy_max                            ? 
_refine.occupancy_min                            ? 
_refine.solvent_model_details                    'FLAT BULK SOLVENT MODEL' 
_refine.solvent_model_param_bsol                 ? 
_refine.solvent_model_param_ksol                 ? 
_refine.pdbx_R_complete                          ? 
_refine.ls_R_factor_gt                           ? 
_refine.ls_goodness_of_fit_gt                    ? 
_refine.ls_goodness_of_fit_ref                   ? 
_refine.ls_shift_over_su_max                     ? 
_refine.ls_shift_over_su_max_lt                  ? 
_refine.ls_shift_over_su_mean                    ? 
_refine.ls_shift_over_su_mean_lt                 ? 
_refine.pdbx_ls_sigma_I                          ? 
_refine.pdbx_ls_sigma_F                          1.340 
_refine.pdbx_ls_sigma_Fsqd                       ? 
_refine.pdbx_data_cutoff_high_absF               ? 
_refine.pdbx_data_cutoff_high_rms_absF           ? 
_refine.pdbx_data_cutoff_low_absF                ? 
_refine.pdbx_isotropic_thermal_model             ? 
_refine.pdbx_ls_cross_valid_method               THROUGHOUT 
_refine.pdbx_method_to_determine_struct          'MOLECULAR REPLACEMENT' 
_refine.pdbx_starting_model                      1u9c 
_refine.pdbx_stereochemistry_target_values       ML 
_refine.pdbx_R_Free_selection_details            ? 
_refine.pdbx_stereochem_target_val_spec_case     ? 
_refine.pdbx_overall_ESU_R                       ? 
_refine.pdbx_overall_ESU_R_Free                  ? 
_refine.pdbx_solvent_vdw_probe_radii             1.1100 
_refine.pdbx_solvent_ion_probe_radii             ? 
_refine.pdbx_solvent_shrinkage_radii             0.9000 
_refine.pdbx_real_space_R                        ? 
_refine.pdbx_density_correlation                 ? 
_refine.pdbx_pd_number_of_powder_patterns        ? 
_refine.pdbx_pd_number_of_points                 ? 
_refine.pdbx_pd_meas_number_of_points            ? 
_refine.pdbx_pd_proc_ls_prof_R_factor            ? 
_refine.pdbx_pd_proc_ls_prof_wR_factor           ? 
_refine.pdbx_pd_Marquardt_correlation_coeff      ? 
_refine.pdbx_pd_Fsqrd_R_factor                   ? 
_refine.pdbx_pd_ls_matrix_band_width             ? 
_refine.pdbx_overall_phase_error                 35.3200 
_refine.pdbx_overall_SU_R_free_Cruickshank_DPI   ? 
_refine.pdbx_overall_SU_R_free_Blow_DPI          ? 
_refine.pdbx_overall_SU_R_Blow_DPI               ? 
_refine.pdbx_TLS_residual_ADP_flag               ? 
_refine.pdbx_diffrn_id                           1 
_refine.overall_SU_B                             ? 
_refine.overall_SU_ML                            0.2500 
_refine.overall_SU_R_Cruickshank_DPI             ? 
_refine.overall_SU_R_free                        ? 
_refine.overall_FOM_free_R_set                   ? 
_refine.overall_FOM_work_R_set                   ? 
_refine.pdbx_average_fsc_overall                 ? 
_refine.pdbx_average_fsc_work                    ? 
_refine.pdbx_average_fsc_free                    ? 
# 
_refine_hist.pdbx_refine_id                   'X-RAY DIFFRACTION' 
_refine_hist.cycle_id                         final 
_refine_hist.details                          ? 
_refine_hist.d_res_high                       2.7000 
_refine_hist.d_res_low                        47.3090 
_refine_hist.number_atoms_solvent             0 
_refine_hist.number_atoms_total               1426 
_refine_hist.number_reflns_all                ? 
_refine_hist.number_reflns_obs                ? 
_refine_hist.number_reflns_R_free             ? 
_refine_hist.number_reflns_R_work             ? 
_refine_hist.R_factor_all                     ? 
_refine_hist.R_factor_obs                     ? 
_refine_hist.R_factor_R_free                  ? 
_refine_hist.R_factor_R_work                  ? 
_refine_hist.pdbx_number_residues_total       193 
_refine_hist.pdbx_B_iso_mean_ligand           ? 
_refine_hist.pdbx_B_iso_mean_solvent          ? 
_refine_hist.pdbx_number_atoms_protein        1426 
_refine_hist.pdbx_number_atoms_nucleic_acid   0 
_refine_hist.pdbx_number_atoms_ligand         0 
_refine_hist.pdbx_number_atoms_lipid          ? 
_refine_hist.pdbx_number_atoms_carb           ? 
_refine_hist.pdbx_pseudo_atom_details         ? 
# 
loop_
_refine_ls_restr.pdbx_refine_id 
_refine_ls_restr.criterion 
_refine_ls_restr.dev_ideal 
_refine_ls_restr.dev_ideal_target 
_refine_ls_restr.number 
_refine_ls_restr.rejects 
_refine_ls_restr.type 
_refine_ls_restr.weight 
_refine_ls_restr.pdbx_restraint_function 
'X-RAY DIFFRACTION' ? 0.006  ? 1455 ? f_bond_d           ? ? 
'X-RAY DIFFRACTION' ? 0.894  ? 1980 ? f_angle_d          ? ? 
'X-RAY DIFFRACTION' ? 0.047  ? 233  ? f_chiral_restr     ? ? 
'X-RAY DIFFRACTION' ? 0.006  ? 256  ? f_plane_restr      ? ? 
'X-RAY DIFFRACTION' ? 17.958 ? 863  ? f_dihedral_angle_d ? ? 
# 
loop_
_refine_ls_shell.pdbx_refine_id 
_refine_ls_shell.d_res_high 
_refine_ls_shell.d_res_low 
_refine_ls_shell.number_reflns_all 
_refine_ls_shell.number_reflns_obs 
_refine_ls_shell.number_reflns_R_free 
_refine_ls_shell.number_reflns_R_work 
_refine_ls_shell.percent_reflns_obs 
_refine_ls_shell.percent_reflns_R_free 
_refine_ls_shell.R_factor_all 
_refine_ls_shell.R_factor_obs 
_refine_ls_shell.R_factor_R_free 
_refine_ls_shell.R_factor_R_free_error 
_refine_ls_shell.R_factor_R_work 
_refine_ls_shell.redundancy_reflns_all 
_refine_ls_shell.redundancy_reflns_obs 
_refine_ls_shell.wR_factor_all 
_refine_ls_shell.wR_factor_obs 
_refine_ls_shell.wR_factor_R_free 
_refine_ls_shell.wR_factor_R_work 
_refine_ls_shell.pdbx_R_complete 
_refine_ls_shell.pdbx_total_number_of_bins_used 
_refine_ls_shell.pdbx_phase_error 
_refine_ls_shell.pdbx_fsc_work 
_refine_ls_shell.pdbx_fsc_free 
'X-RAY DIFFRACTION' 2.7003 2.8694  . . 133 1223 99.0000  . . . 0.3455 0.0000 0.2949 . . . . . . . . . . . 
'X-RAY DIFFRACTION' 2.8694 3.0909  . . 141 1214 99.0000  . . . 0.3202 0.0000 0.2756 . . . . . . . . . . . 
'X-RAY DIFFRACTION' 3.0909 3.4019  . . 130 1233 100.0000 . . . 0.2773 0.0000 0.2399 . . . . . . . . . . . 
'X-RAY DIFFRACTION' 3.4019 3.8940  . . 147 1239 100.0000 . . . 0.2888 0.0000 0.2278 . . . . . . . . . . . 
'X-RAY DIFFRACTION' 3.8940 4.9052  . . 135 1230 97.0000  . . . 0.2154 0.0000 0.1800 . . . . . . . . . . . 
'X-RAY DIFFRACTION' 4.9052 47.3090 . . 151 1317 100.0000 . . . 0.2700 0.0000 0.2180 . . . . . . . . . . . 
# 
_struct.entry_id                     8A3P 
_struct.title                        'Structure of human Fy-5.' 
_struct.pdbx_model_details           ? 
_struct.pdbx_formula_weight          ? 
_struct.pdbx_formula_weight_method   ? 
_struct.pdbx_model_type_details      ? 
_struct.pdbx_CASP_flag               N 
# 
_struct_keywords.entry_id        8A3P 
_struct_keywords.text            'FERRY complex, RNA binding, RNA transport, early endosome, RNA BINDING PROTEIN' 
_struct_keywords.pdbx_keywords   'RNA BINDING PROTEIN' 
# 
_struct_asym.id                            A 
_struct_asym.pdbx_blank_PDB_chainid_flag   N 
_struct_asym.pdbx_modified                 N 
_struct_asym.entity_id                     1 
_struct_asym.details                       ? 
# 
_struct_ref.id                         1 
_struct_ref.db_name                    UNP 
_struct_ref.db_code                    GALD1_HUMAN 
_struct_ref.pdbx_db_accession          Q8NB37 
_struct_ref.pdbx_db_isoform            ? 
_struct_ref.entity_id                  1 
_struct_ref.pdbx_seq_one_letter_code   
;MASERLPNRPACLLVASGAAEGVSAQSFLHCFTMASTAFNLQVATPGGKAMEFVDVTESNARWVQDFRLKAYASPAKLES
IDGARYHALLIPSCPGALTDLASSGSLARILQHFHSESKPICAVGHGVAALCCATNEDRSWVFDSYSLTGPSVCELVRAP
GFARLPLVVEDFVKDSGACFSASEPDAVHVVLDRHLVTGQNASSTVPAVQNLLFLCGSRK
;
_struct_ref.pdbx_align_begin           1 
# 
_struct_ref_seq.align_id                      1 
_struct_ref_seq.ref_id                        1 
_struct_ref_seq.pdbx_PDB_id_code              8A3P 
_struct_ref_seq.pdbx_strand_id                A 
_struct_ref_seq.seq_align_beg                 1 
_struct_ref_seq.pdbx_seq_align_beg_ins_code   ? 
_struct_ref_seq.seq_align_end                 220 
_struct_ref_seq.pdbx_seq_align_end_ins_code   ? 
_struct_ref_seq.pdbx_db_accession             Q8NB37 
_struct_ref_seq.db_align_beg                  1 
_struct_ref_seq.pdbx_db_align_beg_ins_code    ? 
_struct_ref_seq.db_align_end                  220 
_struct_ref_seq.pdbx_db_align_end_ins_code    ? 
_struct_ref_seq.pdbx_auth_seq_align_beg       1 
_struct_ref_seq.pdbx_auth_seq_align_end       220 
# 
_pdbx_struct_assembly.id                   1 
_pdbx_struct_assembly.details              author_defined_assembly 
_pdbx_struct_assembly.method_details       ? 
_pdbx_struct_assembly.oligomeric_details   monomeric 
_pdbx_struct_assembly.oligomeric_count     1 
# 
_pdbx_struct_assembly_gen.assembly_id       1 
_pdbx_struct_assembly_gen.oper_expression   1 
_pdbx_struct_assembly_gen.asym_id_list      A 
# 
_pdbx_struct_assembly_auth_evidence.id                     1 
_pdbx_struct_assembly_auth_evidence.assembly_id            1 
_pdbx_struct_assembly_auth_evidence.experimental_support   'electron microscopy' 
_pdbx_struct_assembly_auth_evidence.details                'cryoEM structure 7ND2' 
# 
_pdbx_struct_oper_list.id                   1 
_pdbx_struct_oper_list.type                 'identity operation' 
_pdbx_struct_oper_list.name                 1_555 
_pdbx_struct_oper_list.symmetry_operation   x,y,z 
_pdbx_struct_oper_list.matrix[1][1]         1.0000000000 
_pdbx_struct_oper_list.matrix[1][2]         0.0000000000 
_pdbx_struct_oper_list.matrix[1][3]         0.0000000000 
_pdbx_struct_oper_list.vector[1]            0.0000000000 
_pdbx_struct_oper_list.matrix[2][1]         0.0000000000 
_pdbx_struct_oper_list.matrix[2][2]         1.0000000000 
_pdbx_struct_oper_list.matrix[2][3]         0.0000000000 
_pdbx_struct_oper_list.vector[2]            0.0000000000 
_pdbx_struct_oper_list.matrix[3][1]         0.0000000000 
_pdbx_struct_oper_list.matrix[3][2]         0.0000000000 
_pdbx_struct_oper_list.matrix[3][3]         1.0000000000 
_pdbx_struct_oper_list.vector[3]            0.0000000000 
# 
loop_
_struct_conf.conf_type_id 
_struct_conf.id 
_struct_conf.pdbx_PDB_helix_id 
_struct_conf.beg_label_comp_id 
_struct_conf.beg_label_asym_id 
_struct_conf.beg_label_seq_id 
_struct_conf.pdbx_beg_PDB_ins_code 
_struct_conf.end_label_comp_id 
_struct_conf.end_label_asym_id 
_struct_conf.end_label_seq_id 
_struct_conf.pdbx_end_PDB_ins_code 
_struct_conf.beg_auth_comp_id 
_struct_conf.beg_auth_asym_id 
_struct_conf.beg_auth_seq_id 
_struct_conf.end_auth_comp_id 
_struct_conf.end_auth_asym_id 
_struct_conf.end_auth_seq_id 
_struct_conf.pdbx_PDB_helix_class 
_struct_conf.details 
_struct_conf.pdbx_PDB_helix_length 
HELX_P HELX_P1  AA1 ALA A 25  ? THR A 37  ? ALA A 25  THR A 37  1 ? 13 
HELX_P HELX_P2  AA2 PRO A 46  ? LYS A 49  ? PRO A 46  LYS A 49  5 ? 4  
HELX_P HELX_P3  AA3 ASN A 60  ? ARG A 68  ? ASN A 60  ARG A 68  1 ? 9  
HELX_P HELX_P4  AA4 LEU A 69  ? SER A 74  ? LEU A 69  SER A 74  5 ? 6  
HELX_P HELX_P5  AA5 GLU A 79  ? ILE A 81  ? GLU A 79  ILE A 81  5 ? 3  
HELX_P HELX_P6  AA6 ASP A 82  ? TYR A 86  ? ASP A 82  TYR A 86  5 ? 5  
HELX_P HELX_P7  AA7 GLY A 96  ? LEU A 101 ? GLY A 96  LEU A 101 1 ? 6  
HELX_P HELX_P8  AA8 SER A 104 ? GLU A 117 ? SER A 104 GLU A 117 1 ? 14 
HELX_P HELX_P9  AA9 HIS A 126 ? ALA A 134 ? HIS A 126 ALA A 134 5 ? 9  
HELX_P HELX_P10 AB1 ASP A 171 ? SER A 176 ? ASP A 171 SER A 176 1 ? 6  
HELX_P HELX_P11 AB2 ASN A 201 ? SER A 203 ? ASN A 201 SER A 203 5 ? 3  
HELX_P HELX_P12 AB3 SER A 204 ? CYS A 216 ? SER A 204 CYS A 216 1 ? 13 
# 
_struct_conf_type.id          HELX_P 
_struct_conf_type.criteria    ? 
_struct_conf_type.reference   ? 
# 
loop_
_struct_sheet.id 
_struct_sheet.type 
_struct_sheet.number_strands 
_struct_sheet.details 
AA1 ? 7 ? 
AA2 ? 2 ? 
# 
loop_
_struct_sheet_order.sheet_id 
_struct_sheet_order.range_id_1 
_struct_sheet_order.range_id_2 
_struct_sheet_order.offset 
_struct_sheet_order.sense 
AA1 1 2 ? parallel      
AA1 2 3 ? parallel      
AA1 3 4 ? parallel      
AA1 4 5 ? parallel      
AA1 5 6 ? parallel      
AA1 6 7 ? anti-parallel 
AA2 1 2 ? parallel      
# 
loop_
_struct_sheet_range.sheet_id 
_struct_sheet_range.id 
_struct_sheet_range.beg_label_comp_id 
_struct_sheet_range.beg_label_asym_id 
_struct_sheet_range.beg_label_seq_id 
_struct_sheet_range.pdbx_beg_PDB_ins_code 
_struct_sheet_range.end_label_comp_id 
_struct_sheet_range.end_label_asym_id 
_struct_sheet_range.end_label_seq_id 
_struct_sheet_range.pdbx_end_PDB_ins_code 
_struct_sheet_range.beg_auth_comp_id 
_struct_sheet_range.beg_auth_asym_id 
_struct_sheet_range.beg_auth_seq_id 
_struct_sheet_range.end_auth_comp_id 
_struct_sheet_range.end_auth_asym_id 
_struct_sheet_range.end_auth_seq_id 
AA1 1 ALA A 76  ? LYS A 77  ? ALA A 76  LYS A 77  
AA1 2 ASN A 40  ? THR A 45  ? ASN A 40  THR A 45  
AA1 3 ALA A 11  ? VAL A 15  ? ALA A 11  VAL A 15  
AA1 4 ALA A 88  ? ILE A 91  ? ALA A 88  ILE A 91  
AA1 5 ILE A 121 ? VAL A 124 ? ILE A 121 VAL A 124 
AA1 6 LEU A 196 ? GLY A 199 ? LEU A 196 GLY A 199 
AA1 7 VAL A 190 ? ASP A 193 ? VAL A 190 ASP A 193 
AA2 1 VAL A 23  ? SER A 24  ? VAL A 23  SER A 24  
AA2 2 PHE A 53  ? VAL A 54  ? PHE A 53  VAL A 54  
# 
loop_
_pdbx_struct_sheet_hbond.sheet_id 
_pdbx_struct_sheet_hbond.range_id_1 
_pdbx_struct_sheet_hbond.range_id_2 
_pdbx_struct_sheet_hbond.range_1_label_atom_id 
_pdbx_struct_sheet_hbond.range_1_label_comp_id 
_pdbx_struct_sheet_hbond.range_1_label_asym_id 
_pdbx_struct_sheet_hbond.range_1_label_seq_id 
_pdbx_struct_sheet_hbond.range_1_PDB_ins_code 
_pdbx_struct_sheet_hbond.range_1_auth_atom_id 
_pdbx_struct_sheet_hbond.range_1_auth_comp_id 
_pdbx_struct_sheet_hbond.range_1_auth_asym_id 
_pdbx_struct_sheet_hbond.range_1_auth_seq_id 
_pdbx_struct_sheet_hbond.range_2_label_atom_id 
_pdbx_struct_sheet_hbond.range_2_label_comp_id 
_pdbx_struct_sheet_hbond.range_2_label_asym_id 
_pdbx_struct_sheet_hbond.range_2_label_seq_id 
_pdbx_struct_sheet_hbond.range_2_PDB_ins_code 
_pdbx_struct_sheet_hbond.range_2_auth_atom_id 
_pdbx_struct_sheet_hbond.range_2_auth_comp_id 
_pdbx_struct_sheet_hbond.range_2_auth_asym_id 
_pdbx_struct_sheet_hbond.range_2_auth_seq_id 
AA1 1 2 O ALA A 76  ? O ALA A 76  N VAL A 43  ? N VAL A 43  
AA1 2 3 O GLN A 42  ? O GLN A 42  N LEU A 14  ? N LEU A 14  
AA1 3 4 N LEU A 13  ? N LEU A 13  O ALA A 88  ? O ALA A 88  
AA1 4 5 N ILE A 91  ? N ILE A 91  O CYS A 122 ? O CYS A 122 
AA1 5 6 N ILE A 121 ? N ILE A 121 O VAL A 197 ? O VAL A 197 
AA1 6 7 O LEU A 196 ? O LEU A 196 N ASP A 193 ? N ASP A 193 
AA2 1 2 N VAL A 23  ? N VAL A 23  O VAL A 54  ? O VAL A 54  
# 
loop_
_pdbx_validate_torsion.id 
_pdbx_validate_torsion.PDB_model_num 
_pdbx_validate_torsion.auth_comp_id 
_pdbx_validate_torsion.auth_asym_id 
_pdbx_validate_torsion.auth_seq_id 
_pdbx_validate_torsion.PDB_ins_code 
_pdbx_validate_torsion.label_alt_id 
_pdbx_validate_torsion.phi 
_pdbx_validate_torsion.psi 
1 1 GLU A 21  ? ? -116.99 66.68  
2 1 PHE A 143 ? ? -91.51  55.12  
3 1 SER A 183 ? ? -117.49 -87.69 
4 1 ARG A 194 ? ? 50.44   -99.62 
# 
_phasing.method   MR 
# 
loop_
_pdbx_unobs_or_zero_occ_residues.id 
_pdbx_unobs_or_zero_occ_residues.PDB_model_num 
_pdbx_unobs_or_zero_occ_residues.polymer_flag 
_pdbx_unobs_or_zero_occ_residues.occupancy_flag 
_pdbx_unobs_or_zero_occ_residues.auth_asym_id 
_pdbx_unobs_or_zero_occ_residues.auth_comp_id 
_pdbx_unobs_or_zero_occ_residues.auth_seq_id 
_pdbx_unobs_or_zero_occ_residues.PDB_ins_code 
_pdbx_unobs_or_zero_occ_residues.label_asym_id 
_pdbx_unobs_or_zero_occ_residues.label_comp_id 
_pdbx_unobs_or_zero_occ_residues.label_seq_id 
1  1 Y 1 A MET 1   ? A MET 1   
2  1 Y 1 A ALA 2   ? A ALA 2   
3  1 Y 1 A SER 3   ? A SER 3   
4  1 Y 1 A GLU 4   ? A GLU 4   
5  1 Y 1 A ARG 5   ? A ARG 5   
6  1 Y 1 A LEU 6   ? A LEU 6   
7  1 Y 1 A PRO 7   ? A PRO 7   
8  1 Y 1 A ASN 8   ? A ASN 8   
9  1 Y 1 A GLU 155 ? A GLU 155 
10 1 Y 1 A LEU 156 ? A LEU 156 
11 1 Y 1 A VAL 157 ? A VAL 157 
12 1 Y 1 A ARG 158 ? A ARG 158 
13 1 Y 1 A ALA 159 ? A ALA 159 
14 1 Y 1 A PRO 160 ? A PRO 160 
15 1 Y 1 A GLY 161 ? A GLY 161 
16 1 Y 1 A PHE 162 ? A PHE 162 
17 1 Y 1 A ALA 163 ? A ALA 163 
18 1 Y 1 A ARG 164 ? A ARG 164 
19 1 Y 1 A LEU 165 ? A LEU 165 
20 1 Y 1 A PRO 166 ? A PRO 166 
21 1 Y 1 A GLY 177 ? A GLY 177 
22 1 Y 1 A ALA 178 ? A ALA 178 
23 1 Y 1 A CYS 179 ? A CYS 179 
24 1 Y 1 A PHE 180 ? A PHE 180 
25 1 Y 1 A SER 218 ? A SER 218 
26 1 Y 1 A ARG 219 ? A ARG 219 
27 1 Y 1 A LYS 220 ? A LYS 220 
# 
loop_
_chem_comp_atom.comp_id 
_chem_comp_atom.atom_id 
_chem_comp_atom.type_symbol 
_chem_comp_atom.pdbx_aromatic_flag 
_chem_comp_atom.pdbx_stereo_config 
_chem_comp_atom.pdbx_ordinal 
ALA N    N N N 1   
ALA CA   C N S 2   
ALA C    C N N 3   
ALA O    O N N 4   
ALA CB   C N N 5   
ALA OXT  O N N 6   
ALA H    H N N 7   
ALA H2   H N N 8   
ALA HA   H N N 9   
ALA HB1  H N N 10  
ALA HB2  H N N 11  
ALA HB3  H N N 12  
ALA HXT  H N N 13  
ARG N    N N N 14  
ARG CA   C N S 15  
ARG C    C N N 16  
ARG O    O N N 17  
ARG CB   C N N 18  
ARG CG   C N N 19  
ARG CD   C N N 20  
ARG NE   N N N 21  
ARG CZ   C N N 22  
ARG NH1  N N N 23  
ARG NH2  N N N 24  
ARG OXT  O N N 25  
ARG H    H N N 26  
ARG H2   H N N 27  
ARG HA   H N N 28  
ARG HB2  H N N 29  
ARG HB3  H N N 30  
ARG HG2  H N N 31  
ARG HG3  H N N 32  
ARG HD2  H N N 33  
ARG HD3  H N N 34  
ARG HE   H N N 35  
ARG HH11 H N N 36  
ARG HH12 H N N 37  
ARG HH21 H N N 38  
ARG HH22 H N N 39  
ARG HXT  H N N 40  
ASN N    N N N 41  
ASN CA   C N S 42  
ASN C    C N N 43  
ASN O    O N N 44  
ASN CB   C N N 45  
ASN CG   C N N 46  
ASN OD1  O N N 47  
ASN ND2  N N N 48  
ASN OXT  O N N 49  
ASN H    H N N 50  
ASN H2   H N N 51  
ASN HA   H N N 52  
ASN HB2  H N N 53  
ASN HB3  H N N 54  
ASN HD21 H N N 55  
ASN HD22 H N N 56  
ASN HXT  H N N 57  
ASP N    N N N 58  
ASP CA   C N S 59  
ASP C    C N N 60  
ASP O    O N N 61  
ASP CB   C N N 62  
ASP CG   C N N 63  
ASP OD1  O N N 64  
ASP OD2  O N N 65  
ASP OXT  O N N 66  
ASP H    H N N 67  
ASP H2   H N N 68  
ASP HA   H N N 69  
ASP HB2  H N N 70  
ASP HB3  H N N 71  
ASP HD2  H N N 72  
ASP HXT  H N N 73  
CYS N    N N N 74  
CYS CA   C N R 75  
CYS C    C N N 76  
CYS O    O N N 77  
CYS CB   C N N 78  
CYS SG   S N N 79  
CYS OXT  O N N 80  
CYS H    H N N 81  
CYS H2   H N N 82  
CYS HA   H N N 83  
CYS HB2  H N N 84  
CYS HB3  H N N 85  
CYS HG   H N N 86  
CYS HXT  H N N 87  
GLN N    N N N 88  
GLN CA   C N S 89  
GLN C    C N N 90  
GLN O    O N N 91  
GLN CB   C N N 92  
GLN CG   C N N 93  
GLN CD   C N N 94  
GLN OE1  O N N 95  
GLN NE2  N N N 96  
GLN OXT  O N N 97  
GLN H    H N N 98  
GLN H2   H N N 99  
GLN HA   H N N 100 
GLN HB2  H N N 101 
GLN HB3  H N N 102 
GLN HG2  H N N 103 
GLN HG3  H N N 104 
GLN HE21 H N N 105 
GLN HE22 H N N 106 
GLN HXT  H N N 107 
GLU N    N N N 108 
GLU CA   C N S 109 
GLU C    C N N 110 
GLU O    O N N 111 
GLU CB   C N N 112 
GLU CG   C N N 113 
GLU CD   C N N 114 
GLU OE1  O N N 115 
GLU OE2  O N N 116 
GLU OXT  O N N 117 
GLU H    H N N 118 
GLU H2   H N N 119 
GLU HA   H N N 120 
GLU HB2  H N N 121 
GLU HB3  H N N 122 
GLU HG2  H N N 123 
GLU HG3  H N N 124 
GLU HE2  H N N 125 
GLU HXT  H N N 126 
GLY N    N N N 127 
GLY CA   C N N 128 
GLY C    C N N 129 
GLY O    O N N 130 
GLY OXT  O N N 131 
GLY H    H N N 132 
GLY H2   H N N 133 
GLY HA2  H N N 134 
GLY HA3  H N N 135 
GLY HXT  H N N 136 
HIS N    N N N 137 
HIS CA   C N S 138 
HIS C    C N N 139 
HIS O    O N N 140 
HIS CB   C N N 141 
HIS CG   C Y N 142 
HIS ND1  N Y N 143 
HIS CD2  C Y N 144 
HIS CE1  C Y N 145 
HIS NE2  N Y N 146 
HIS OXT  O N N 147 
HIS H    H N N 148 
HIS H2   H N N 149 
HIS HA   H N N 150 
HIS HB2  H N N 151 
HIS HB3  H N N 152 
HIS HD1  H N N 153 
HIS HD2  H N N 154 
HIS HE1  H N N 155 
HIS HE2  H N N 156 
HIS HXT  H N N 157 
ILE N    N N N 158 
ILE CA   C N S 159 
ILE C    C N N 160 
ILE O    O N N 161 
ILE CB   C N S 162 
ILE CG1  C N N 163 
ILE CG2  C N N 164 
ILE CD1  C N N 165 
ILE OXT  O N N 166 
ILE H    H N N 167 
ILE H2   H N N 168 
ILE HA   H N N 169 
ILE HB   H N N 170 
ILE HG12 H N N 171 
ILE HG13 H N N 172 
ILE HG21 H N N 173 
ILE HG22 H N N 174 
ILE HG23 H N N 175 
ILE HD11 H N N 176 
ILE HD12 H N N 177 
ILE HD13 H N N 178 
ILE HXT  H N N 179 
LEU N    N N N 180 
LEU CA   C N S 181 
LEU C    C N N 182 
LEU O    O N N 183 
LEU CB   C N N 184 
LEU CG   C N N 185 
LEU CD1  C N N 186 
LEU CD2  C N N 187 
LEU OXT  O N N 188 
LEU H    H N N 189 
LEU H2   H N N 190 
LEU HA   H N N 191 
LEU HB2  H N N 192 
LEU HB3  H N N 193 
LEU HG   H N N 194 
LEU HD11 H N N 195 
LEU HD12 H N N 196 
LEU HD13 H N N 197 
LEU HD21 H N N 198 
LEU HD22 H N N 199 
LEU HD23 H N N 200 
LEU HXT  H N N 201 
LYS N    N N N 202 
LYS CA   C N S 203 
LYS C    C N N 204 
LYS O    O N N 205 
LYS CB   C N N 206 
LYS CG   C N N 207 
LYS CD   C N N 208 
LYS CE   C N N 209 
LYS NZ   N N N 210 
LYS OXT  O N N 211 
LYS H    H N N 212 
LYS H2   H N N 213 
LYS HA   H N N 214 
LYS HB2  H N N 215 
LYS HB3  H N N 216 
LYS HG2  H N N 217 
LYS HG3  H N N 218 
LYS HD2  H N N 219 
LYS HD3  H N N 220 
LYS HE2  H N N 221 
LYS HE3  H N N 222 
LYS HZ1  H N N 223 
LYS HZ2  H N N 224 
LYS HZ3  H N N 225 
LYS HXT  H N N 226 
MET N    N N N 227 
MET CA   C N S 228 
MET C    C N N 229 
MET O    O N N 230 
MET CB   C N N 231 
MET CG   C N N 232 
MET SD   S N N 233 
MET CE   C N N 234 
MET OXT  O N N 235 
MET H    H N N 236 
MET H2   H N N 237 
MET HA   H N N 238 
MET HB2  H N N 239 
MET HB3  H N N 240 
MET HG2  H N N 241 
MET HG3  H N N 242 
MET HE1  H N N 243 
MET HE2  H N N 244 
MET HE3  H N N 245 
MET HXT  H N N 246 
PHE N    N N N 247 
PHE CA   C N S 248 
PHE C    C N N 249 
PHE O    O N N 250 
PHE CB   C N N 251 
PHE CG   C Y N 252 
PHE CD1  C Y N 253 
PHE CD2  C Y N 254 
PHE CE1  C Y N 255 
PHE CE2  C Y N 256 
PHE CZ   C Y N 257 
PHE OXT  O N N 258 
PHE H    H N N 259 
PHE H2   H N N 260 
PHE HA   H N N 261 
PHE HB2  H N N 262 
PHE HB3  H N N 263 
PHE HD1  H N N 264 
PHE HD2  H N N 265 
PHE HE1  H N N 266 
PHE HE2  H N N 267 
PHE HZ   H N N 268 
PHE HXT  H N N 269 
PRO N    N N N 270 
PRO CA   C N S 271 
PRO C    C N N 272 
PRO O    O N N 273 
PRO CB   C N N 274 
PRO CG   C N N 275 
PRO CD   C N N 276 
PRO OXT  O N N 277 
PRO H    H N N 278 
PRO HA   H N N 279 
PRO HB2  H N N 280 
PRO HB3  H N N 281 
PRO HG2  H N N 282 
PRO HG3  H N N 283 
PRO HD2  H N N 284 
PRO HD3  H N N 285 
PRO HXT  H N N 286 
SER N    N N N 287 
SER CA   C N S 288 
SER C    C N N 289 
SER O    O N N 290 
SER CB   C N N 291 
SER OG   O N N 292 
SER OXT  O N N 293 
SER H    H N N 294 
SER H2   H N N 295 
SER HA   H N N 296 
SER HB2  H N N 297 
SER HB3  H N N 298 
SER HG   H N N 299 
SER HXT  H N N 300 
THR N    N N N 301 
THR CA   C N S 302 
THR C    C N N 303 
THR O    O N N 304 
THR CB   C N R 305 
THR OG1  O N N 306 
THR CG2  C N N 307 
THR OXT  O N N 308 
THR H    H N N 309 
THR H2   H N N 310 
THR HA   H N N 311 
THR HB   H N N 312 
THR HG1  H N N 313 
THR HG21 H N N 314 
THR HG22 H N N 315 
THR HG23 H N N 316 
THR HXT  H N N 317 
TRP N    N N N 318 
TRP CA   C N S 319 
TRP C    C N N 320 
TRP O    O N N 321 
TRP CB   C N N 322 
TRP CG   C Y N 323 
TRP CD1  C Y N 324 
TRP CD2  C Y N 325 
TRP NE1  N Y N 326 
TRP CE2  C Y N 327 
TRP CE3  C Y N 328 
TRP CZ2  C Y N 329 
TRP CZ3  C Y N 330 
TRP CH2  C Y N 331 
TRP OXT  O N N 332 
TRP H    H N N 333 
TRP H2   H N N 334 
TRP HA   H N N 335 
TRP HB2  H N N 336 
TRP HB3  H N N 337 
TRP HD1  H N N 338 
TRP HE1  H N N 339 
TRP HE3  H N N 340 
TRP HZ2  H N N 341 
TRP HZ3  H N N 342 
TRP HH2  H N N 343 
TRP HXT  H N N 344 
TYR N    N N N 345 
TYR CA   C N S 346 
TYR C    C N N 347 
TYR O    O N N 348 
TYR CB   C N N 349 
TYR CG   C Y N 350 
TYR CD1  C Y N 351 
TYR CD2  C Y N 352 
TYR CE1  C Y N 353 
TYR CE2  C Y N 354 
TYR CZ   C Y N 355 
TYR OH   O N N 356 
TYR OXT  O N N 357 
TYR H    H N N 358 
TYR H2   H N N 359 
TYR HA   H N N 360 
TYR HB2  H N N 361 
TYR HB3  H N N 362 
TYR HD1  H N N 363 
TYR HD2  H N N 364 
TYR HE1  H N N 365 
TYR HE2  H N N 366 
TYR HH   H N N 367 
TYR HXT  H N N 368 
VAL N    N N N 369 
VAL CA   C N S 370 
VAL C    C N N 371 
VAL O    O N N 372 
VAL CB   C N N 373 
VAL CG1  C N N 374 
VAL CG2  C N N 375 
VAL OXT  O N N 376 
VAL H    H N N 377 
VAL H2   H N N 378 
VAL HA   H N N 379 
VAL HB   H N N 380 
VAL HG11 H N N 381 
VAL HG12 H N N 382 
VAL HG13 H N N 383 
VAL HG21 H N N 384 
VAL HG22 H N N 385 
VAL HG23 H N N 386 
VAL HXT  H N N 387 
# 
loop_
_chem_comp_bond.comp_id 
_chem_comp_bond.atom_id_1 
_chem_comp_bond.atom_id_2 
_chem_comp_bond.value_order 
_chem_comp_bond.pdbx_aromatic_flag 
_chem_comp_bond.pdbx_stereo_config 
_chem_comp_bond.pdbx_ordinal 
ALA N   CA   sing N N 1   
ALA N   H    sing N N 2   
ALA N   H2   sing N N 3   
ALA CA  C    sing N N 4   
ALA CA  CB   sing N N 5   
ALA CA  HA   sing N N 6   
ALA C   O    doub N N 7   
ALA C   OXT  sing N N 8   
ALA CB  HB1  sing N N 9   
ALA CB  HB2  sing N N 10  
ALA CB  HB3  sing N N 11  
ALA OXT HXT  sing N N 12  
ARG N   CA   sing N N 13  
ARG N   H    sing N N 14  
ARG N   H2   sing N N 15  
ARG CA  C    sing N N 16  
ARG CA  CB   sing N N 17  
ARG CA  HA   sing N N 18  
ARG C   O    doub N N 19  
ARG C   OXT  sing N N 20  
ARG CB  CG   sing N N 21  
ARG CB  HB2  sing N N 22  
ARG CB  HB3  sing N N 23  
ARG CG  CD   sing N N 24  
ARG CG  HG2  sing N N 25  
ARG CG  HG3  sing N N 26  
ARG CD  NE   sing N N 27  
ARG CD  HD2  sing N N 28  
ARG CD  HD3  sing N N 29  
ARG NE  CZ   sing N N 30  
ARG NE  HE   sing N N 31  
ARG CZ  NH1  sing N N 32  
ARG CZ  NH2  doub N N 33  
ARG NH1 HH11 sing N N 34  
ARG NH1 HH12 sing N N 35  
ARG NH2 HH21 sing N N 36  
ARG NH2 HH22 sing N N 37  
ARG OXT HXT  sing N N 38  
ASN N   CA   sing N N 39  
ASN N   H    sing N N 40  
ASN N   H2   sing N N 41  
ASN CA  C    sing N N 42  
ASN CA  CB   sing N N 43  
ASN CA  HA   sing N N 44  
ASN C   O    doub N N 45  
ASN C   OXT  sing N N 46  
ASN CB  CG   sing N N 47  
ASN CB  HB2  sing N N 48  
ASN CB  HB3  sing N N 49  
ASN CG  OD1  doub N N 50  
ASN CG  ND2  sing N N 51  
ASN ND2 HD21 sing N N 52  
ASN ND2 HD22 sing N N 53  
ASN OXT HXT  sing N N 54  
ASP N   CA   sing N N 55  
ASP N   H    sing N N 56  
ASP N   H2   sing N N 57  
ASP CA  C    sing N N 58  
ASP CA  CB   sing N N 59  
ASP CA  HA   sing N N 60  
ASP C   O    doub N N 61  
ASP C   OXT  sing N N 62  
ASP CB  CG   sing N N 63  
ASP CB  HB2  sing N N 64  
ASP CB  HB3  sing N N 65  
ASP CG  OD1  doub N N 66  
ASP CG  OD2  sing N N 67  
ASP OD2 HD2  sing N N 68  
ASP OXT HXT  sing N N 69  
CYS N   CA   sing N N 70  
CYS N   H    sing N N 71  
CYS N   H2   sing N N 72  
CYS CA  C    sing N N 73  
CYS CA  CB   sing N N 74  
CYS CA  HA   sing N N 75  
CYS C   O    doub N N 76  
CYS C   OXT  sing N N 77  
CYS CB  SG   sing N N 78  
CYS CB  HB2  sing N N 79  
CYS CB  HB3  sing N N 80  
CYS SG  HG   sing N N 81  
CYS OXT HXT  sing N N 82  
GLN N   CA   sing N N 83  
GLN N   H    sing N N 84  
GLN N   H2   sing N N 85  
GLN CA  C    sing N N 86  
GLN CA  CB   sing N N 87  
GLN CA  HA   sing N N 88  
GLN C   O    doub N N 89  
GLN C   OXT  sing N N 90  
GLN CB  CG   sing N N 91  
GLN CB  HB2  sing N N 92  
GLN CB  HB3  sing N N 93  
GLN CG  CD   sing N N 94  
GLN CG  HG2  sing N N 95  
GLN CG  HG3  sing N N 96  
GLN CD  OE1  doub N N 97  
GLN CD  NE2  sing N N 98  
GLN NE2 HE21 sing N N 99  
GLN NE2 HE22 sing N N 100 
GLN OXT HXT  sing N N 101 
GLU N   CA   sing N N 102 
GLU N   H    sing N N 103 
GLU N   H2   sing N N 104 
GLU CA  C    sing N N 105 
GLU CA  CB   sing N N 106 
GLU CA  HA   sing N N 107 
GLU C   O    doub N N 108 
GLU C   OXT  sing N N 109 
GLU CB  CG   sing N N 110 
GLU CB  HB2  sing N N 111 
GLU CB  HB3  sing N N 112 
GLU CG  CD   sing N N 113 
GLU CG  HG2  sing N N 114 
GLU CG  HG3  sing N N 115 
GLU CD  OE1  doub N N 116 
GLU CD  OE2  sing N N 117 
GLU OE2 HE2  sing N N 118 
GLU OXT HXT  sing N N 119 
GLY N   CA   sing N N 120 
GLY N   H    sing N N 121 
GLY N   H2   sing N N 122 
GLY CA  C    sing N N 123 
GLY CA  HA2  sing N N 124 
GLY CA  HA3  sing N N 125 
GLY C   O    doub N N 126 
GLY C   OXT  sing N N 127 
GLY OXT HXT  sing N N 128 
HIS N   CA   sing N N 129 
HIS N   H    sing N N 130 
HIS N   H2   sing N N 131 
HIS CA  C    sing N N 132 
HIS CA  CB   sing N N 133 
HIS CA  HA   sing N N 134 
HIS C   O    doub N N 135 
HIS C   OXT  sing N N 136 
HIS CB  CG   sing N N 137 
HIS CB  HB2  sing N N 138 
HIS CB  HB3  sing N N 139 
HIS CG  ND1  sing Y N 140 
HIS CG  CD2  doub Y N 141 
HIS ND1 CE1  doub Y N 142 
HIS ND1 HD1  sing N N 143 
HIS CD2 NE2  sing Y N 144 
HIS CD2 HD2  sing N N 145 
HIS CE1 NE2  sing Y N 146 
HIS CE1 HE1  sing N N 147 
HIS NE2 HE2  sing N N 148 
HIS OXT HXT  sing N N 149 
ILE N   CA   sing N N 150 
ILE N   H    sing N N 151 
ILE N   H2   sing N N 152 
ILE CA  C    sing N N 153 
ILE CA  CB   sing N N 154 
ILE CA  HA   sing N N 155 
ILE C   O    doub N N 156 
ILE C   OXT  sing N N 157 
ILE CB  CG1  sing N N 158 
ILE CB  CG2  sing N N 159 
ILE CB  HB   sing N N 160 
ILE CG1 CD1  sing N N 161 
ILE CG1 HG12 sing N N 162 
ILE CG1 HG13 sing N N 163 
ILE CG2 HG21 sing N N 164 
ILE CG2 HG22 sing N N 165 
ILE CG2 HG23 sing N N 166 
ILE CD1 HD11 sing N N 167 
ILE CD1 HD12 sing N N 168 
ILE CD1 HD13 sing N N 169 
ILE OXT HXT  sing N N 170 
LEU N   CA   sing N N 171 
LEU N   H    sing N N 172 
LEU N   H2   sing N N 173 
LEU CA  C    sing N N 174 
LEU CA  CB   sing N N 175 
LEU CA  HA   sing N N 176 
LEU C   O    doub N N 177 
LEU C   OXT  sing N N 178 
LEU CB  CG   sing N N 179 
LEU CB  HB2  sing N N 180 
LEU CB  HB3  sing N N 181 
LEU CG  CD1  sing N N 182 
LEU CG  CD2  sing N N 183 
LEU CG  HG   sing N N 184 
LEU CD1 HD11 sing N N 185 
LEU CD1 HD12 sing N N 186 
LEU CD1 HD13 sing N N 187 
LEU CD2 HD21 sing N N 188 
LEU CD2 HD22 sing N N 189 
LEU CD2 HD23 sing N N 190 
LEU OXT HXT  sing N N 191 
LYS N   CA   sing N N 192 
LYS N   H    sing N N 193 
LYS N   H2   sing N N 194 
LYS CA  C    sing N N 195 
LYS CA  CB   sing N N 196 
LYS CA  HA   sing N N 197 
LYS C   O    doub N N 198 
LYS C   OXT  sing N N 199 
LYS CB  CG   sing N N 200 
LYS CB  HB2  sing N N 201 
LYS CB  HB3  sing N N 202 
LYS CG  CD   sing N N 203 
LYS CG  HG2  sing N N 204 
LYS CG  HG3  sing N N 205 
LYS CD  CE   sing N N 206 
LYS CD  HD2  sing N N 207 
LYS CD  HD3  sing N N 208 
LYS CE  NZ   sing N N 209 
LYS CE  HE2  sing N N 210 
LYS CE  HE3  sing N N 211 
LYS NZ  HZ1  sing N N 212 
LYS NZ  HZ2  sing N N 213 
LYS NZ  HZ3  sing N N 214 
LYS OXT HXT  sing N N 215 
MET N   CA   sing N N 216 
MET N   H    sing N N 217 
MET N   H2   sing N N 218 
MET CA  C    sing N N 219 
MET CA  CB   sing N N 220 
MET CA  HA   sing N N 221 
MET C   O    doub N N 222 
MET C   OXT  sing N N 223 
MET CB  CG   sing N N 224 
MET CB  HB2  sing N N 225 
MET CB  HB3  sing N N 226 
MET CG  SD   sing N N 227 
MET CG  HG2  sing N N 228 
MET CG  HG3  sing N N 229 
MET SD  CE   sing N N 230 
MET CE  HE1  sing N N 231 
MET CE  HE2  sing N N 232 
MET CE  HE3  sing N N 233 
MET OXT HXT  sing N N 234 
PHE N   CA   sing N N 235 
PHE N   H    sing N N 236 
PHE N   H2   sing N N 237 
PHE CA  C    sing N N 238 
PHE CA  CB   sing N N 239 
PHE CA  HA   sing N N 240 
PHE C   O    doub N N 241 
PHE C   OXT  sing N N 242 
PHE CB  CG   sing N N 243 
PHE CB  HB2  sing N N 244 
PHE CB  HB3  sing N N 245 
PHE CG  CD1  doub Y N 246 
PHE CG  CD2  sing Y N 247 
PHE CD1 CE1  sing Y N 248 
PHE CD1 HD1  sing N N 249 
PHE CD2 CE2  doub Y N 250 
PHE CD2 HD2  sing N N 251 
PHE CE1 CZ   doub Y N 252 
PHE CE1 HE1  sing N N 253 
PHE CE2 CZ   sing Y N 254 
PHE CE2 HE2  sing N N 255 
PHE CZ  HZ   sing N N 256 
PHE OXT HXT  sing N N 257 
PRO N   CA   sing N N 258 
PRO N   CD   sing N N 259 
PRO N   H    sing N N 260 
PRO CA  C    sing N N 261 
PRO CA  CB   sing N N 262 
PRO CA  HA   sing N N 263 
PRO C   O    doub N N 264 
PRO C   OXT  sing N N 265 
PRO CB  CG   sing N N 266 
PRO CB  HB2  sing N N 267 
PRO CB  HB3  sing N N 268 
PRO CG  CD   sing N N 269 
PRO CG  HG2  sing N N 270 
PRO CG  HG3  sing N N 271 
PRO CD  HD2  sing N N 272 
PRO CD  HD3  sing N N 273 
PRO OXT HXT  sing N N 274 
SER N   CA   sing N N 275 
SER N   H    sing N N 276 
SER N   H2   sing N N 277 
SER CA  C    sing N N 278 
SER CA  CB   sing N N 279 
SER CA  HA   sing N N 280 
SER C   O    doub N N 281 
SER C   OXT  sing N N 282 
SER CB  OG   sing N N 283 
SER CB  HB2  sing N N 284 
SER CB  HB3  sing N N 285 
SER OG  HG   sing N N 286 
SER OXT HXT  sing N N 287 
THR N   CA   sing N N 288 
THR N   H    sing N N 289 
THR N   H2   sing N N 290 
THR CA  C    sing N N 291 
THR CA  CB   sing N N 292 
THR CA  HA   sing N N 293 
THR C   O    doub N N 294 
THR C   OXT  sing N N 295 
THR CB  OG1  sing N N 296 
THR CB  CG2  sing N N 297 
THR CB  HB   sing N N 298 
THR OG1 HG1  sing N N 299 
THR CG2 HG21 sing N N 300 
THR CG2 HG22 sing N N 301 
THR CG2 HG23 sing N N 302 
THR OXT HXT  sing N N 303 
TRP N   CA   sing N N 304 
TRP N   H    sing N N 305 
TRP N   H2   sing N N 306 
TRP CA  C    sing N N 307 
TRP CA  CB   sing N N 308 
TRP CA  HA   sing N N 309 
TRP C   O    doub N N 310 
TRP C   OXT  sing N N 311 
TRP CB  CG   sing N N 312 
TRP CB  HB2  sing N N 313 
TRP CB  HB3  sing N N 314 
TRP CG  CD1  doub Y N 315 
TRP CG  CD2  sing Y N 316 
TRP CD1 NE1  sing Y N 317 
TRP CD1 HD1  sing N N 318 
TRP CD2 CE2  doub Y N 319 
TRP CD2 CE3  sing Y N 320 
TRP NE1 CE2  sing Y N 321 
TRP NE1 HE1  sing N N 322 
TRP CE2 CZ2  sing Y N 323 
TRP CE3 CZ3  doub Y N 324 
TRP CE3 HE3  sing N N 325 
TRP CZ2 CH2  doub Y N 326 
TRP CZ2 HZ2  sing N N 327 
TRP CZ3 CH2  sing Y N 328 
TRP CZ3 HZ3  sing N N 329 
TRP CH2 HH2  sing N N 330 
TRP OXT HXT  sing N N 331 
TYR N   CA   sing N N 332 
TYR N   H    sing N N 333 
TYR N   H2   sing N N 334 
TYR CA  C    sing N N 335 
TYR CA  CB   sing N N 336 
TYR CA  HA   sing N N 337 
TYR C   O    doub N N 338 
TYR C   OXT  sing N N 339 
TYR CB  CG   sing N N 340 
TYR CB  HB2  sing N N 341 
TYR CB  HB3  sing N N 342 
TYR CG  CD1  doub Y N 343 
TYR CG  CD2  sing Y N 344 
TYR CD1 CE1  sing Y N 345 
TYR CD1 HD1  sing N N 346 
TYR CD2 CE2  doub Y N 347 
TYR CD2 HD2  sing N N 348 
TYR CE1 CZ   doub Y N 349 
TYR CE1 HE1  sing N N 350 
TYR CE2 CZ   sing Y N 351 
TYR CE2 HE2  sing N N 352 
TYR CZ  OH   sing N N 353 
TYR OH  HH   sing N N 354 
TYR OXT HXT  sing N N 355 
VAL N   CA   sing N N 356 
VAL N   H    sing N N 357 
VAL N   H2   sing N N 358 
VAL CA  C    sing N N 359 
VAL CA  CB   sing N N 360 
VAL CA  HA   sing N N 361 
VAL C   O    doub N N 362 
VAL C   OXT  sing N N 363 
VAL CB  CG1  sing N N 364 
VAL CB  CG2  sing N N 365 
VAL CB  HB   sing N N 366 
VAL CG1 HG11 sing N N 367 
VAL CG1 HG12 sing N N 368 
VAL CG1 HG13 sing N N 369 
VAL CG2 HG21 sing N N 370 
VAL CG2 HG22 sing N N 371 
VAL CG2 HG23 sing N N 372 
VAL OXT HXT  sing N N 373 
# 
loop_
_pdbx_audit_support.funding_organization 
_pdbx_audit_support.country 
_pdbx_audit_support.grant_number 
_pdbx_audit_support.ordinal 
'German Research Foundation (DFG)' Germany 112927078 1 
'Max Planck Society'               Germany ?         2 
# 
_pdbx_initial_refinement_model.id               1 
_pdbx_initial_refinement_model.entity_id_list   ? 
_pdbx_initial_refinement_model.type             'experimental model' 
_pdbx_initial_refinement_model.source_name      PDB 
_pdbx_initial_refinement_model.accession_code   1U9C 
_pdbx_initial_refinement_model.details          ? 
# 
_atom_sites.entry_id                    8A3P 
_atom_sites.Cartn_transf_matrix[1][1]   ? 
_atom_sites.Cartn_transf_matrix[1][2]   ? 
_atom_sites.Cartn_transf_matrix[1][3]   ? 
_atom_sites.Cartn_transf_matrix[2][1]   ? 
_atom_sites.Cartn_transf_matrix[2][2]   ? 
_atom_sites.Cartn_transf_matrix[2][3]   ? 
_atom_sites.Cartn_transf_matrix[3][1]   ? 
_atom_sites.Cartn_transf_matrix[3][2]   ? 
_atom_sites.Cartn_transf_matrix[3][3]   ? 
_atom_sites.Cartn_transf_vector[1]      ? 
_atom_sites.Cartn_transf_vector[2]      ? 
_atom_sites.Cartn_transf_vector[3]      ? 
_atom_sites.fract_transf_matrix[1][1]   -0.00063065 
_atom_sites.fract_transf_matrix[1][2]   0.01052023 
_atom_sites.fract_transf_matrix[1][3]   -0.00079417 
_atom_sites.fract_transf_matrix[2][1]   0.00906022 
_atom_sites.fract_transf_matrix[2][2]   0.00021644 
_atom_sites.fract_transf_matrix[2][3]   -0.00432751 
_atom_sites.fract_transf_matrix[3][1]   -0.00687426 
_atom_sites.fract_transf_matrix[3][2]   -0.00150423 
_atom_sites.fract_transf_matrix[3][3]   -0.01446740 
_atom_sites.fract_transf_vector[1]      0.317144 
_atom_sites.fract_transf_vector[2]      0.159317 
_atom_sites.fract_transf_vector[3]      -0.044157 
_atom_sites.solution_primary            ? 
_atom_sites.solution_secondary          ? 
_atom_sites.solution_hydrogens          ? 
_atom_sites.special_details             ? 
# 
loop_
_atom_type.symbol 
C 
N 
O 
S 
# 
loop_
_atom_site.group_PDB 
_atom_site.id 
_atom_site.type_symbol 
_atom_site.label_atom_id 
_atom_site.label_alt_id 
_atom_site.label_comp_id 
_atom_site.label_asym_id 
_atom_site.label_entity_id 
_atom_site.label_seq_id 
_atom_site.pdbx_PDB_ins_code 
_atom_site.Cartn_x 
_atom_site.Cartn_y 
_atom_site.Cartn_z 
_atom_site.occupancy 
_atom_site.B_iso_or_equiv 
_atom_site.pdbx_formal_charge 
_atom_site.auth_seq_id 
_atom_site.auth_comp_id 
_atom_site.auth_asym_id 
_atom_site.auth_atom_id 
_atom_site.pdbx_PDB_model_num 
ATOM 1    N N   . ARG A 1 9   ? -5.042  -20.173 -6.816  1.00 99.26  ? 9   ARG A N   1 
ATOM 2    C CA  . ARG A 1 9   ? -4.576  -18.949 -6.178  1.00 87.73  ? 9   ARG A CA  1 
ATOM 3    C C   . ARG A 1 9   ? -4.091  -17.911 -7.181  1.00 74.52  ? 9   ARG A C   1 
ATOM 4    O O   . ARG A 1 9   ? -3.199  -18.191 -7.985  1.00 77.13  ? 9   ARG A O   1 
ATOM 5    C CB  . ARG A 1 9   ? -3.449  -19.261 -5.191  1.00 93.17  ? 9   ARG A CB  1 
ATOM 6    C CG  . ARG A 1 9   ? -3.883  -19.236 -3.735  1.00 98.61  ? 9   ARG A CG  1 
ATOM 7    C CD  . ARG A 1 9   ? -3.063  -20.209 -2.927  1.00 103.02 ? 9   ARG A CD  1 
ATOM 8    N NE  . ARG A 1 9   ? -1.669  -19.789 -2.786  1.00 107.37 ? 9   ARG A NE  1 
ATOM 9    C CZ  . ARG A 1 9   ? -1.207  -19.089 -1.753  1.00 111.40 ? 9   ARG A CZ  1 
ATOM 10   N NH1 . ARG A 1 9   ? -2.038  -18.723 -0.782  1.00 114.72 ? 9   ARG A NH1 1 
ATOM 11   N NH2 . ARG A 1 9   ? 0.078   -18.751 -1.691  1.00 111.79 ? 9   ARG A NH2 1 
ATOM 12   N N   . PRO A 1 10  ? -4.666  -16.716 -7.139  1.00 84.46  ? 10  PRO A N   1 
ATOM 13   C CA  . PRO A 1 10  ? -4.155  -15.605 -7.952  1.00 81.69  ? 10  PRO A CA  1 
ATOM 14   C C   . PRO A 1 10  ? -2.943  -14.959 -7.283  1.00 79.41  ? 10  PRO A C   1 
ATOM 15   O O   . PRO A 1 10  ? -2.499  -15.357 -6.201  1.00 83.37  ? 10  PRO A O   1 
ATOM 16   C CB  . PRO A 1 10  ? -5.341  -14.644 -8.025  1.00 76.45  ? 10  PRO A CB  1 
ATOM 17   C CG  . PRO A 1 10  ? -6.123  -14.920 -6.777  1.00 74.73  ? 10  PRO A CG  1 
ATOM 18   C CD  . PRO A 1 10  ? -5.903  -16.370 -6.418  1.00 74.81  ? 10  PRO A CD  1 
ATOM 19   N N   . ALA A 1 11  ? -2.392  -13.954 -7.956  1.00 74.98  ? 11  ALA A N   1 
ATOM 20   C CA  . ALA A 1 11  ? -1.198  -13.273 -7.480  1.00 73.95  ? 11  ALA A CA  1 
ATOM 21   C C   . ALA A 1 11  ? -1.548  -11.860 -7.043  1.00 76.62  ? 11  ALA A C   1 
ATOM 22   O O   . ALA A 1 11  ? -2.406  -11.203 -7.643  1.00 76.32  ? 11  ALA A O   1 
ATOM 23   C CB  . ALA A 1 11  ? -0.106  -13.230 -8.554  1.00 67.32  ? 11  ALA A CB  1 
ATOM 24   N N   . CYS A 1 12  ? -0.858  -11.393 -6.010  1.00 70.41  ? 12  CYS A N   1 
ATOM 25   C CA  . CYS A 1 12  ? -1.086  -10.076 -5.447  1.00 66.15  ? 12  CYS A CA  1 
ATOM 26   C C   . CYS A 1 12  ? 0.242   -9.351  -5.300  1.00 65.58  ? 12  CYS A C   1 
ATOM 27   O O   . CYS A 1 12  ? 1.226   -9.928  -4.826  1.00 61.64  ? 12  CYS A O   1 
ATOM 28   C CB  . CYS A 1 12  ? -1.778  -10.182 -4.092  1.00 67.58  ? 12  CYS A CB  1 
ATOM 29   S SG  . CYS A 1 12  ? -1.747  -8.650  -3.166  1.00 69.80  ? 12  CYS A SG  1 
ATOM 30   N N   . LEU A 1 13  ? 0.262   -8.086  -5.713  1.00 62.31  ? 13  LEU A N   1 
ATOM 31   C CA  . LEU A 1 13  ? 1.441   -7.236  -5.619  1.00 63.27  ? 13  LEU A CA  1 
ATOM 32   C C   . LEU A 1 13  ? 1.348   -6.403  -4.346  1.00 71.17  ? 13  LEU A C   1 
ATOM 33   O O   . LEU A 1 13  ? 0.406   -5.615  -4.185  1.00 75.55  ? 13  LEU A O   1 
ATOM 34   C CB  . LEU A 1 13  ? 1.552   -6.328  -6.844  1.00 66.62  ? 13  LEU A CB  1 
ATOM 35   C CG  . LEU A 1 13  ? 2.771   -5.404  -6.870  1.00 65.46  ? 13  LEU A CG  1 
ATOM 36   C CD1 . LEU A 1 13  ? 4.052   -6.237  -6.941  1.00 63.30  ? 13  LEU A CD1 1 
ATOM 37   C CD2 . LEU A 1 13  ? 2.723   -4.395  -8.017  1.00 56.38  ? 13  LEU A CD2 1 
ATOM 38   N N   . LEU A 1 14  ? 2.313   -6.585  -3.442  1.00 76.33  ? 14  LEU A N   1 
ATOM 39   C CA  . LEU A 1 14  ? 2.402   -5.826  -2.188  1.00 64.96  ? 14  LEU A CA  1 
ATOM 40   C C   . LEU A 1 14  ? 3.568   -4.859  -2.352  1.00 64.39  ? 14  LEU A C   1 
ATOM 41   O O   . LEU A 1 14  ? 4.736   -5.244  -2.196  1.00 61.16  ? 14  LEU A O   1 
ATOM 42   C CB  . LEU A 1 14  ? 2.599   -6.753  -0.986  1.00 55.61  ? 14  LEU A CB  1 
ATOM 43   C CG  . LEU A 1 14  ? 2.622   -6.305  0.491   1.00 64.30  ? 14  LEU A CG  1 
ATOM 44   C CD1 . LEU A 1 14  ? 2.787   -7.518  1.418   1.00 64.06  ? 14  LEU A CD1 1 
ATOM 45   C CD2 . LEU A 1 14  ? 3.696   -5.268  0.829   1.00 61.86  ? 14  LEU A CD2 1 
ATOM 46   N N   . VAL A 1 15  ? 3.258   -3.606  -2.678  1.00 63.41  ? 15  VAL A N   1 
ATOM 47   C CA  . VAL A 1 15  ? 4.284   -2.581  -2.823  1.00 65.68  ? 15  VAL A CA  1 
ATOM 48   C C   . VAL A 1 15  ? 4.457   -1.863  -1.494  1.00 64.17  ? 15  VAL A C   1 
ATOM 49   O O   . VAL A 1 15  ? 3.482   -1.594  -0.774  1.00 66.96  ? 15  VAL A O   1 
ATOM 50   C CB  . VAL A 1 15  ? 3.958   -1.597  -3.964  1.00 67.39  ? 15  VAL A CB  1 
ATOM 51   C CG1 . VAL A 1 15  ? 3.407   -2.345  -5.165  1.00 75.75  ? 15  VAL A CG1 1 
ATOM 52   C CG2 . VAL A 1 15  ? 3.010   -0.512  -3.521  1.00 66.42  ? 15  VAL A CG2 1 
ATOM 53   N N   . ALA A 1 16  ? 5.709   -1.568  -1.163  1.00 67.96  ? 16  ALA A N   1 
ATOM 54   C CA  . ALA A 1 16  ? 6.077   -0.883  0.062   1.00 63.53  ? 16  ALA A CA  1 
ATOM 55   C C   . ALA A 1 16  ? 7.234   0.052   -0.241  1.00 69.70  ? 16  ALA A C   1 
ATOM 56   O O   . ALA A 1 16  ? 7.740   0.111   -1.367  1.00 70.09  ? 16  ALA A O   1 
ATOM 57   C CB  . ALA A 1 16  ? 6.471   -1.871  1.161   1.00 50.05  ? 16  ALA A CB  1 
ATOM 58   N N   . SER A 1 17  ? 7.662   0.772   0.784   1.00 69.26  ? 17  SER A N   1 
ATOM 59   C CA  . SER A 1 17  ? 8.793   1.680   0.690   1.00 73.30  ? 17  SER A CA  1 
ATOM 60   C C   . SER A 1 17  ? 10.102  0.937   0.938   1.00 74.27  ? 17  SER A C   1 
ATOM 61   O O   . SER A 1 17  ? 10.160  -0.027  1.707   1.00 68.49  ? 17  SER A O   1 
ATOM 62   C CB  . SER A 1 17  ? 8.628   2.811   1.709   1.00 81.12  ? 17  SER A CB  1 
ATOM 63   O OG  . SER A 1 17  ? 9.445   3.923   1.416   1.00 81.83  ? 17  SER A OG  1 
ATOM 64   N N   . GLY A 1 18  ? 11.153  1.385   0.259   1.00 77.07  ? 18  GLY A N   1 
ATOM 65   C CA  . GLY A 1 18  ? 12.517  1.062   0.619   1.00 74.15  ? 18  GLY A CA  1 
ATOM 66   C C   . GLY A 1 18  ? 13.198  2.152   1.421   1.00 77.87  ? 18  GLY A C   1 
ATOM 67   O O   . GLY A 1 18  ? 14.354  1.986   1.824   1.00 91.22  ? 18  GLY A O   1 
ATOM 68   N N   . ALA A 1 19  ? 12.494  3.253   1.687   1.00 78.31  ? 19  ALA A N   1 
ATOM 69   C CA  . ALA A 1 19  ? 13.050  4.472   2.257   1.00 78.89  ? 19  ALA A CA  1 
ATOM 70   C C   . ALA A 1 19  ? 13.333  4.317   3.753   1.00 83.38  ? 19  ALA A C   1 
ATOM 71   O O   . ALA A 1 19  ? 12.963  3.325   4.388   1.00 82.71  ? 19  ALA A O   1 
ATOM 72   C CB  . ALA A 1 19  ? 12.107  5.647   2.007   1.00 73.32  ? 19  ALA A CB  1 
ATOM 73   N N   . ALA A 1 20  ? 13.918  5.380   4.319   1.00 90.20  ? 20  ALA A N   1 
ATOM 74   C CA  . ALA A 1 20  ? 14.745  5.293   5.525   1.00 96.65  ? 20  ALA A CA  1 
ATOM 75   C C   . ALA A 1 20  ? 13.991  4.712   6.714   1.00 100.53 ? 20  ALA A C   1 
ATOM 76   O O   . ALA A 1 20  ? 14.442  3.746   7.332   1.00 106.02 ? 20  ALA A O   1 
ATOM 77   C CB  . ALA A 1 20  ? 15.293  6.676   5.876   1.00 97.15  ? 20  ALA A CB  1 
ATOM 78   N N   . GLU A 1 21  ? 12.888  5.332   7.104   1.00 96.96  ? 21  GLU A N   1 
ATOM 79   C CA  . GLU A 1 21  ? 12.024  4.789   8.152   1.00 98.04  ? 21  GLU A CA  1 
ATOM 80   C C   . GLU A 1 21  ? 10.685  4.502   7.496   1.00 80.64  ? 21  GLU A C   1 
ATOM 81   O O   . GLU A 1 21  ? 9.665   5.133   7.789   1.00 69.04  ? 21  GLU A O   1 
ATOM 82   C CB  . GLU A 1 21  ? 11.903  5.750   9.348   1.00 113.65 ? 21  GLU A CB  1 
ATOM 83   C CG  . GLU A 1 21  ? 13.253  6.143   9.939   1.00 122.39 ? 21  GLU A CG  1 
ATOM 84   C CD  . GLU A 1 21  ? 13.383  5.797   11.411  1.00 125.16 ? 21  GLU A CD  1 
ATOM 85   O OE1 . GLU A 1 21  ? 12.486  6.175   12.197  1.00 126.70 ? 21  GLU A OE1 1 
ATOM 86   O OE2 . GLU A 1 21  ? 14.384  5.139   11.777  1.00 125.00 ? 21  GLU A OE2 1 
ATOM 87   N N   . GLY A 1 22  ? 10.712  3.531   6.592   1.00 79.34  ? 22  GLY A N   1 
ATOM 88   C CA  . GLY A 1 22  ? 9.767   3.475   5.504   1.00 75.99  ? 22  GLY A CA  1 
ATOM 89   C C   . GLY A 1 22  ? 8.428   2.854   5.791   1.00 76.20  ? 22  GLY A C   1 
ATOM 90   O O   . GLY A 1 22  ? 7.409   3.436   5.419   1.00 80.71  ? 22  GLY A O   1 
ATOM 91   N N   . VAL A 1 23  ? 8.399   1.672   6.407   1.00 71.41  ? 23  VAL A N   1 
ATOM 92   C CA  . VAL A 1 23  ? 7.177   0.878   6.467   1.00 71.60  ? 23  VAL A CA  1 
ATOM 93   C C   . VAL A 1 23  ? 6.831   0.557   7.920   1.00 75.64  ? 23  VAL A C   1 
ATOM 94   O O   . VAL A 1 23  ? 7.713   0.234   8.725   1.00 74.41  ? 23  VAL A O   1 
ATOM 95   C CB  . VAL A 1 23  ? 7.307   -0.407  5.614   1.00 67.42  ? 23  VAL A CB  1 
ATOM 96   C CG1 . VAL A 1 23  ? 7.904   -0.095  4.224   1.00 70.89  ? 23  VAL A CG1 1 
ATOM 97   C CG2 . VAL A 1 23  ? 8.161   -1.406  6.298   1.00 62.85  ? 23  VAL A CG2 1 
ATOM 98   N N   . SER A 1 24  ? 5.541   0.673   8.261   1.00 70.29  ? 24  SER A N   1 
ATOM 99   C CA  . SER A 1 24  ? 5.076   0.333   9.606   1.00 68.67  ? 24  SER A CA  1 
ATOM 100  C C   . SER A 1 24  ? 5.078   -1.177  9.793   1.00 67.81  ? 24  SER A C   1 
ATOM 101  O O   . SER A 1 24  ? 4.594   -1.917  8.934   1.00 80.10  ? 24  SER A O   1 
ATOM 102  C CB  . SER A 1 24  ? 3.676   0.885   9.851   1.00 73.88  ? 24  SER A CB  1 
ATOM 103  O OG  . SER A 1 24  ? 3.041   0.184   10.910  1.00 78.35  ? 24  SER A OG  1 
ATOM 104  N N   . ALA A 1 25  ? 5.615   -1.641  10.917  1.00 72.77  ? 25  ALA A N   1 
ATOM 105  C CA  . ALA A 1 25  ? 5.885   -3.068  11.040  1.00 65.22  ? 25  ALA A CA  1 
ATOM 106  C C   . ALA A 1 25  ? 4.604   -3.869  11.249  1.00 61.65  ? 25  ALA A C   1 
ATOM 107  O O   . ALA A 1 25  ? 4.445   -4.948  10.675  1.00 64.19  ? 25  ALA A O   1 
ATOM 108  C CB  . ALA A 1 25  ? 6.883   -3.331  12.167  1.00 58.45  ? 25  ALA A CB  1 
ATOM 109  N N   . GLN A 1 26  ? 3.678   -3.369  12.067  1.00 62.95  ? 26  GLN A N   1 
ATOM 110  C CA  . GLN A 1 26  ? 2.455   -4.125  12.328  1.00 65.91  ? 26  GLN A CA  1 
ATOM 111  C C   . GLN A 1 26  ? 1.554   -4.132  11.097  1.00 69.55  ? 26  GLN A C   1 
ATOM 112  O O   . GLN A 1 26  ? 1.028   -5.184  10.698  1.00 70.23  ? 26  GLN A O   1 
ATOM 113  C CB  . GLN A 1 26  ? 1.723   -3.537  13.538  1.00 70.08  ? 26  GLN A CB  1 
ATOM 114  C CG  . GLN A 1 26  ? 0.680   -4.455  14.174  1.00 80.15  ? 26  GLN A CG  1 
ATOM 115  C CD  . GLN A 1 26  ? 1.277   -5.647  14.903  1.00 80.83  ? 26  GLN A CD  1 
ATOM 116  O OE1 . GLN A 1 26  ? 2.458   -5.660  15.228  1.00 90.40  ? 26  GLN A OE1 1 
ATOM 117  N NE2 . GLN A 1 26  ? 0.459   -6.660  15.153  1.00 75.89  ? 26  GLN A NE2 1 
ATOM 118  N N   . SER A 1 27  ? 1.382   -2.964  10.470  1.00 68.52  ? 27  SER A N   1 
ATOM 119  C CA  . SER A 1 27  ? 0.653   -2.910  9.210   1.00 64.86  ? 27  SER A CA  1 
ATOM 120  C C   . SER A 1 27  ? 1.194   -3.943  8.234   1.00 73.04  ? 27  SER A C   1 
ATOM 121  O O   . SER A 1 27  ? 0.440   -4.767  7.704   1.00 74.64  ? 27  SER A O   1 
ATOM 122  C CB  . SER A 1 27  ? 0.722   -1.503  8.613   1.00 66.85  ? 27  SER A CB  1 
ATOM 123  O OG  . SER A 1 27  ? -0.116  -1.402  7.470   1.00 68.18  ? 27  SER A OG  1 
ATOM 124  N N   . PHE A 1 28  ? 2.514   -3.947  8.021   1.00 73.98  ? 28  PHE A N   1 
ATOM 125  C CA  . PHE A 1 28  ? 3.099   -4.897  7.078   1.00 66.38  ? 28  PHE A CA  1 
ATOM 126  C C   . PHE A 1 28  ? 2.841   -6.338  7.500   1.00 59.75  ? 28  PHE A C   1 
ATOM 127  O O   . PHE A 1 28  ? 2.520   -7.185  6.660   1.00 57.29  ? 28  PHE A O   1 
ATOM 128  C CB  . PHE A 1 28  ? 4.611   -4.673  6.921   1.00 67.05  ? 28  PHE A CB  1 
ATOM 129  C CG  . PHE A 1 28  ? 5.248   -5.641  5.951   1.00 65.09  ? 28  PHE A CG  1 
ATOM 130  C CD1 . PHE A 1 28  ? 5.187   -5.407  4.586   1.00 60.86  ? 28  PHE A CD1 1 
ATOM 131  C CD2 . PHE A 1 28  ? 5.843   -6.812  6.396   1.00 64.50  ? 28  PHE A CD2 1 
ATOM 132  C CE1 . PHE A 1 28  ? 5.745   -6.295  3.693   1.00 60.79  ? 28  PHE A CE1 1 
ATOM 133  C CE2 . PHE A 1 28  ? 6.388   -7.712  5.501   1.00 66.48  ? 28  PHE A CE2 1 
ATOM 134  C CZ  . PHE A 1 28  ? 6.342   -7.451  4.149   1.00 63.17  ? 28  PHE A CZ  1 
ATOM 135  N N   . LEU A 1 29  ? 3.048   -6.651  8.781   1.00 58.93  ? 29  LEU A N   1 
ATOM 136  C CA  . LEU A 1 29  ? 2.850   -8.018  9.249   1.00 60.22  ? 29  LEU A CA  1 
ATOM 137  C C   . LEU A 1 29  ? 1.449   -8.507  8.892   1.00 64.52  ? 29  LEU A C   1 
ATOM 138  O O   . LEU A 1 29  ? 1.267   -9.634  8.401   1.00 65.41  ? 29  LEU A O   1 
ATOM 139  C CB  . LEU A 1 29  ? 3.104   -8.079  10.759  1.00 71.56  ? 29  LEU A CB  1 
ATOM 140  C CG  . LEU A 1 29  ? 2.531   -9.109  11.746  1.00 81.91  ? 29  LEU A CG  1 
ATOM 141  C CD1 . LEU A 1 29  ? 2.577   -10.545 11.226  1.00 87.01  ? 29  LEU A CD1 1 
ATOM 142  C CD2 . LEU A 1 29  ? 3.330   -9.025  13.042  1.00 86.31  ? 29  LEU A CD2 1 
ATOM 143  N N   . HIS A 1 30  ? 0.447   -7.650  9.092   1.00 63.71  ? 30  HIS A N   1 
ATOM 144  C CA  . HIS A 1 30  ? -0.906  -8.089  8.778   1.00 69.47  ? 30  HIS A CA  1 
ATOM 145  C C   . HIS A 1 30  ? -1.116  -8.201  7.278   1.00 64.94  ? 30  HIS A C   1 
ATOM 146  O O   . HIS A 1 30  ? -1.734  -9.165  6.816   1.00 64.40  ? 30  HIS A O   1 
ATOM 147  C CB  . HIS A 1 30  ? -1.932  -7.162  9.411   1.00 65.36  ? 30  HIS A CB  1 
ATOM 148  C CG  . HIS A 1 30  ? -2.079  -7.376  10.880  1.00 62.82  ? 30  HIS A CG  1 
ATOM 149  N ND1 . HIS A 1 30  ? -2.459  -8.590  11.413  1.00 62.82  ? 30  HIS A ND1 1 
ATOM 150  C CD2 . HIS A 1 30  ? -1.860  -6.553  11.932  1.00 61.28  ? 30  HIS A CD2 1 
ATOM 151  C CE1 . HIS A 1 30  ? -2.499  -8.494  12.729  1.00 59.55  ? 30  HIS A CE1 1 
ATOM 152  N NE2 . HIS A 1 30  ? -2.140  -7.268  13.070  1.00 61.12  ? 30  HIS A NE2 1 
ATOM 153  N N   . CYS A 1 31  ? -0.599  -7.245  6.502   1.00 58.20  ? 31  CYS A N   1 
ATOM 154  C CA  . CYS A 1 31  ? -0.723  -7.339  5.050   1.00 53.65  ? 31  CYS A CA  1 
ATOM 155  C C   . CYS A 1 31  ? -0.112  -8.632  4.524   1.00 60.68  ? 31  CYS A C   1 
ATOM 156  O O   . CYS A 1 31  ? -0.743  -9.356  3.748   1.00 62.90  ? 31  CYS A O   1 
ATOM 157  C CB  . CYS A 1 31  ? -0.068  -6.137  4.386   1.00 48.30  ? 31  CYS A CB  1 
ATOM 158  S SG  . CYS A 1 31  ? -0.939  -4.614  4.674   1.00 64.45  ? 31  CYS A SG  1 
ATOM 159  N N   . PHE A 1 32  ? 1.114   -8.939  4.943   1.00 67.79  ? 32  PHE A N   1 
ATOM 160  C CA  . PHE A 1 32  ? 1.816   -10.098 4.405   1.00 71.85  ? 32  PHE A CA  1 
ATOM 161  C C   . PHE A 1 32  ? 1.120   -11.392 4.810   1.00 71.17  ? 32  PHE A C   1 
ATOM 162  O O   . PHE A 1 32  ? 0.734   -12.194 3.952   1.00 69.81  ? 32  PHE A O   1 
ATOM 163  C CB  . PHE A 1 32  ? 3.274   -10.096 4.871   1.00 68.43  ? 32  PHE A CB  1 
ATOM 164  C CG  . PHE A 1 32  ? 4.120   -11.112 4.170   1.00 67.38  ? 32  PHE A CG  1 
ATOM 165  C CD1 . PHE A 1 32  ? 4.742   -10.799 2.968   1.00 66.74  ? 32  PHE A CD1 1 
ATOM 166  C CD2 . PHE A 1 32  ? 4.267   -12.385 4.690   1.00 63.08  ? 32  PHE A CD2 1 
ATOM 167  C CE1 . PHE A 1 32  ? 5.505   -11.734 2.302   1.00 60.71  ? 32  PHE A CE1 1 
ATOM 168  C CE2 . PHE A 1 32  ? 5.028   -13.324 4.039   1.00 61.33  ? 32  PHE A CE2 1 
ATOM 169  C CZ  . PHE A 1 32  ? 5.651   -12.995 2.842   1.00 60.22  ? 32  PHE A CZ  1 
ATOM 170  N N   . THR A 1 33  ? 0.941   -11.609 6.114   1.00 65.92  ? 33  THR A N   1 
ATOM 171  C CA  . THR A 1 33  ? 0.323   -12.854 6.560   1.00 69.30  ? 33  THR A CA  1 
ATOM 172  C C   . THR A 1 33  ? -1.090  -13.008 5.995   1.00 72.39  ? 33  THR A C   1 
ATOM 173  O O   . THR A 1 33  ? -1.435  -14.058 5.433   1.00 73.34  ? 33  THR A O   1 
ATOM 174  C CB  . THR A 1 33  ? 0.321   -12.902 8.087   1.00 70.77  ? 33  THR A CB  1 
ATOM 175  O OG1 . THR A 1 33  ? 0.115   -11.576 8.592   1.00 82.62  ? 33  THR A OG1 1 
ATOM 176  C CG2 . THR A 1 33  ? 1.669   -13.413 8.602   1.00 60.94  ? 33  THR A CG2 1 
ATOM 177  N N   . MET A 1 34  ? -1.914  -11.957 6.103   1.00 71.24  ? 34  MET A N   1 
ATOM 178  C CA  . MET A 1 34  ? -3.284  -12.035 5.600   1.00 68.54  ? 34  MET A CA  1 
ATOM 179  C C   . MET A 1 34  ? -3.332  -12.259 4.088   1.00 67.15  ? 34  MET A C   1 
ATOM 180  O O   . MET A 1 34  ? -4.150  -13.044 3.605   1.00 69.35  ? 34  MET A O   1 
ATOM 181  C CB  . MET A 1 34  ? -4.061  -10.775 5.975   1.00 67.34  ? 34  MET A CB  1 
ATOM 182  C CG  . MET A 1 34  ? -4.477  -10.720 7.426   1.00 56.70  ? 34  MET A CG  1 
ATOM 183  S SD  . MET A 1 34  ? -5.504  -9.300  7.796   1.00 60.44  ? 34  MET A SD  1 
ATOM 184  C CE  . MET A 1 34  ? -7.113  -9.894  7.247   1.00 58.12  ? 34  MET A CE  1 
ATOM 185  N N   . ALA A 1 35  ? -2.499  -11.571 3.313   1.00 64.07  ? 35  ALA A N   1 
ATOM 186  C CA  . ALA A 1 35  ? -2.627  -11.715 1.864   1.00 63.02  ? 35  ALA A CA  1 
ATOM 187  C C   . ALA A 1 35  ? -2.006  -13.016 1.370   1.00 74.00  ? 35  ALA A C   1 
ATOM 188  O O   . ALA A 1 35  ? -2.497  -13.606 0.402   1.00 84.19  ? 35  ALA A O   1 
ATOM 189  C CB  . ALA A 1 35  ? -2.008  -10.511 1.141   1.00 53.82  ? 35  ALA A CB  1 
ATOM 190  N N   . SER A 1 36  ? -0.944  -13.483 2.031   1.00 75.49  ? 36  SER A N   1 
ATOM 191  C CA  . SER A 1 36  ? -0.324  -14.756 1.685   1.00 77.48  ? 36  SER A CA  1 
ATOM 192  C C   . SER A 1 36  ? -1.271  -15.936 1.856   1.00 82.02  ? 36  SER A C   1 
ATOM 193  O O   . SER A 1 36  ? -1.028  -16.994 1.265   1.00 83.49  ? 36  SER A O   1 
ATOM 194  C CB  . SER A 1 36  ? 0.920   -14.983 2.545   1.00 75.05  ? 36  SER A CB  1 
ATOM 195  O OG  . SER A 1 36  ? 1.923   -14.036 2.235   1.00 71.44  ? 36  SER A OG  1 
ATOM 196  N N   . THR A 1 37  ? -2.320  -15.795 2.675   1.00 77.50  ? 37  THR A N   1 
ATOM 197  C CA  . THR A 1 37  ? -3.250  -16.902 2.866   1.00 82.36  ? 37  THR A CA  1 
ATOM 198  C C   . THR A 1 37  ? -4.116  -17.098 1.630   1.00 80.37  ? 37  THR A C   1 
ATOM 199  O O   . THR A 1 37  ? -4.595  -18.208 1.374   1.00 82.83  ? 37  THR A O   1 
ATOM 200  C CB  . THR A 1 37  ? -4.111  -16.669 4.128   1.00 86.83  ? 37  THR A CB  1 
ATOM 201  O OG1 . THR A 1 37  ? -4.624  -17.918 4.603   1.00 101.49 ? 37  THR A OG1 1 
ATOM 202  C CG2 . THR A 1 37  ? -5.300  -15.741 3.873   1.00 81.64  ? 37  THR A CG2 1 
ATOM 203  N N   . ALA A 1 38  ? -4.284  -16.045 0.830   1.00 80.84  ? 38  ALA A N   1 
ATOM 204  C CA  . ALA A 1 38  ? -5.174  -16.058 -0.314  1.00 81.00  ? 38  ALA A CA  1 
ATOM 205  C C   . ALA A 1 38  ? -4.475  -15.848 -1.648  1.00 83.12  ? 38  ALA A C   1 
ATOM 206  O O   . ALA A 1 38  ? -5.105  -16.055 -2.691  1.00 89.16  ? 38  ALA A O   1 
ATOM 207  C CB  . ALA A 1 38  ? -6.253  -14.979 -0.154  1.00 78.77  ? 38  ALA A CB  1 
ATOM 208  N N   . PHE A 1 39  ? -3.208  -15.448 -1.655  1.00 75.92  ? 39  PHE A N   1 
ATOM 209  C CA  . PHE A 1 39  ? -2.531  -15.109 -2.895  1.00 79.83  ? 39  PHE A CA  1 
ATOM 210  C C   . PHE A 1 39  ? -1.145  -15.733 -2.926  1.00 83.13  ? 39  PHE A C   1 
ATOM 211  O O   . PHE A 1 39  ? -0.573  -16.083 -1.893  1.00 79.04  ? 39  PHE A O   1 
ATOM 212  C CB  . PHE A 1 39  ? -2.395  -13.591 -3.070  1.00 75.37  ? 39  PHE A CB  1 
ATOM 213  C CG  . PHE A 1 39  ? -3.697  -12.851 -3.022  1.00 72.98  ? 39  PHE A CG  1 
ATOM 214  C CD1 . PHE A 1 39  ? -4.543  -12.835 -4.124  1.00 74.85  ? 39  PHE A CD1 1 
ATOM 215  C CD2 . PHE A 1 39  ? -4.063  -12.145 -1.888  1.00 75.57  ? 39  PHE A CD2 1 
ATOM 216  C CE1 . PHE A 1 39  ? -5.743  -12.143 -4.086  1.00 74.73  ? 39  PHE A CE1 1 
ATOM 217  C CE2 . PHE A 1 39  ? -5.265  -11.452 -1.844  1.00 77.83  ? 39  PHE A CE2 1 
ATOM 218  C CZ  . PHE A 1 39  ? -6.105  -11.453 -2.946  1.00 75.37  ? 39  PHE A CZ  1 
ATOM 219  N N   . ASN A 1 40  ? -0.614  -15.880 -4.133  1.00 79.60  ? 40  ASN A N   1 
ATOM 220  C CA  . ASN A 1 40  ? 0.827   -15.999 -4.301  1.00 79.12  ? 40  ASN A CA  1 
ATOM 221  C C   . ASN A 1 40  ? 1.371   -14.576 -4.232  1.00 73.34  ? 40  ASN A C   1 
ATOM 222  O O   . ASN A 1 40  ? 1.116   -13.758 -5.123  1.00 78.84  ? 40  ASN A O   1 
ATOM 223  C CB  . ASN A 1 40  ? 1.183   -16.703 -5.610  1.00 90.09  ? 40  ASN A CB  1 
ATOM 224  C CG  . ASN A 1 40  ? 0.983   -18.215 -5.534  1.00 97.61  ? 40  ASN A CG  1 
ATOM 225  O OD1 . ASN A 1 40  ? 1.093   -18.820 -4.460  1.00 103.24 ? 40  ASN A OD1 1 
ATOM 226  N ND2 . ASN A 1 40  ? 0.685   -18.829 -6.673  1.00 98.17  ? 40  ASN A ND2 1 
ATOM 227  N N   . LEU A 1 41  ? 2.060   -14.259 -3.147  1.00 63.32  ? 41  LEU A N   1 
ATOM 228  C CA  . LEU A 1 41  ? 2.358   -12.879 -2.811  1.00 65.08  ? 41  LEU A CA  1 
ATOM 229  C C   . LEU A 1 41  ? 3.749   -12.501 -3.311  1.00 71.73  ? 41  LEU A C   1 
ATOM 230  O O   . LEU A 1 41  ? 4.651   -13.339 -3.384  1.00 76.81  ? 41  LEU A O   1 
ATOM 231  C CB  . LEU A 1 41  ? 2.244   -12.673 -1.302  1.00 63.24  ? 41  LEU A CB  1 
ATOM 232  C CG  . LEU A 1 41  ? 2.191   -11.243 -0.779  1.00 69.97  ? 41  LEU A CG  1 
ATOM 233  C CD1 . LEU A 1 41  ? 1.070   -10.479 -1.455  1.00 71.10  ? 41  LEU A CD1 1 
ATOM 234  C CD2 . LEU A 1 41  ? 1.991   -11.269 0.717   1.00 72.80  ? 41  LEU A CD2 1 
ATOM 235  N N   . GLN A 1 42  ? 3.904   -11.227 -3.682  1.00 65.63  ? 42  GLN A N   1 
ATOM 236  C CA  . GLN A 1 42  ? 5.159   -10.702 -4.210  1.00 63.71  ? 42  GLN A CA  1 
ATOM 237  C C   . GLN A 1 42  ? 5.375   -9.304  -3.655  1.00 69.07  ? 42  GLN A C   1 
ATOM 238  O O   . GLN A 1 42  ? 4.612   -8.388  -3.982  1.00 69.46  ? 42  GLN A O   1 
ATOM 239  C CB  . GLN A 1 42  ? 5.148   -10.664 -5.742  1.00 65.58  ? 42  GLN A CB  1 
ATOM 240  C CG  . GLN A 1 42  ? 6.403   -10.043 -6.368  1.00 67.23  ? 42  GLN A CG  1 
ATOM 241  C CD  . GLN A 1 42  ? 7.680   -10.726 -5.907  1.00 71.69  ? 42  GLN A CD  1 
ATOM 242  O OE1 . GLN A 1 42  ? 7.936   -11.880 -6.246  1.00 76.21  ? 42  GLN A OE1 1 
ATOM 243  N NE2 . GLN A 1 42  ? 8.477   -10.022 -5.114  1.00 68.38  ? 42  GLN A NE2 1 
ATOM 244  N N   . VAL A 1 43  ? 6.409   -9.149  -2.822  1.00 61.13  ? 43  VAL A N   1 
ATOM 245  C CA  . VAL A 1 43  ? 6.782   -7.847  -2.284  1.00 66.22  ? 43  VAL A CA  1 
ATOM 246  C C   . VAL A 1 43  ? 7.627   -7.118  -3.323  1.00 67.06  ? 43  VAL A C   1 
ATOM 247  O O   . VAL A 1 43  ? 8.524   -7.709  -3.933  1.00 67.80  ? 43  VAL A O   1 
ATOM 248  C CB  . VAL A 1 43  ? 7.540   -8.010  -0.950  1.00 69.75  ? 43  VAL A CB  1 
ATOM 249  C CG1 . VAL A 1 43  ? 8.002   -6.663  -0.394  1.00 65.01  ? 43  VAL A CG1 1 
ATOM 250  C CG2 . VAL A 1 43  ? 6.686   -8.741  0.091   1.00 67.99  ? 43  VAL A CG2 1 
ATOM 251  N N   . ALA A 1 44  ? 7.334   -5.837  -3.543  1.00 64.39  ? 44  ALA A N   1 
ATOM 252  C CA  . ALA A 1 44  ? 8.108   -5.017  -4.466  1.00 63.94  ? 44  ALA A CA  1 
ATOM 253  C C   . ALA A 1 44  ? 8.326   -3.642  -3.854  1.00 68.17  ? 44  ALA A C   1 
ATOM 254  O O   . ALA A 1 44  ? 7.434   -3.110  -3.184  1.00 71.25  ? 44  ALA A O   1 
ATOM 255  C CB  . ALA A 1 44  ? 7.404   -4.868  -5.822  1.00 60.08  ? 44  ALA A CB  1 
ATOM 256  N N   . THR A 1 45  ? 9.510   -3.079  -4.068  1.00 62.93  ? 45  THR A N   1 
ATOM 257  C CA  . THR A 1 45  ? 9.862   -1.759  -3.563  1.00 67.53  ? 45  THR A CA  1 
ATOM 258  C C   . THR A 1 45  ? 10.712  -1.061  -4.604  1.00 67.05  ? 45  THR A C   1 
ATOM 259  O O   . THR A 1 45  ? 11.283  -1.716  -5.487  1.00 67.34  ? 45  THR A O   1 
ATOM 260  C CB  . THR A 1 45  ? 10.620  -1.829  -2.226  1.00 62.28  ? 45  THR A CB  1 
ATOM 261  O OG1 . THR A 1 45  ? 11.758  -2.678  -2.362  1.00 65.87  ? 45  THR A OG1 1 
ATOM 262  C CG2 . THR A 1 45  ? 9.714   -2.364  -1.102  1.00 57.44  ? 45  THR A CG2 1 
ATOM 263  N N   . PRO A 1 46  ? 10.811  0.272   -4.549  1.00 64.74  ? 46  PRO A N   1 
ATOM 264  C CA  . PRO A 1 46  ? 11.681  0.973   -5.501  1.00 60.79  ? 46  PRO A CA  1 
ATOM 265  C C   . PRO A 1 46  ? 13.118  0.486   -5.379  1.00 66.86  ? 46  PRO A C   1 
ATOM 266  O O   . PRO A 1 46  ? 13.635  0.274   -4.279  1.00 70.09  ? 46  PRO A O   1 
ATOM 267  C CB  . PRO A 1 46  ? 11.539  2.445   -5.101  1.00 56.80  ? 46  PRO A CB  1 
ATOM 268  C CG  . PRO A 1 46  ? 10.189  2.516   -4.396  1.00 56.75  ? 46  PRO A CG  1 
ATOM 269  C CD  . PRO A 1 46  ? 10.076  1.207   -3.673  1.00 58.28  ? 46  PRO A CD  1 
ATOM 270  N N   . GLY A 1 47  ? 13.745  0.255   -6.527  1.00 60.55  ? 47  GLY A N   1 
ATOM 271  C CA  . GLY A 1 47  ? 15.129  -0.175  -6.569  1.00 64.69  ? 47  GLY A CA  1 
ATOM 272  C C   . GLY A 1 47  ? 15.371  -1.561  -6.000  1.00 68.69  ? 47  GLY A C   1 
ATOM 273  O O   . GLY A 1 47  ? 16.513  -2.047  -5.975  1.00 71.44  ? 47  GLY A O   1 
ATOM 274  N N   . GLY A 1 48  ? 14.294  -2.209  -5.551  1.00 65.51  ? 48  GLY A N   1 
ATOM 275  C CA  . GLY A 1 48  ? 14.393  -3.455  -4.829  1.00 56.58  ? 48  GLY A CA  1 
ATOM 276  C C   . GLY A 1 48  ? 15.014  -3.308  -3.464  1.00 63.57  ? 48  GLY A C   1 
ATOM 277  O O   . GLY A 1 48  ? 15.435  -4.312  -2.871  1.00 66.20  ? 48  GLY A O   1 
ATOM 278  N N   . LYS A 1 49  ? 15.105  -2.079  -2.952  1.00 61.26  ? 49  LYS A N   1 
ATOM 279  C CA  . LYS A 1 49  ? 15.823  -1.834  -1.705  1.00 72.05  ? 49  LYS A CA  1 
ATOM 280  C C   . LYS A 1 49  ? 15.035  -2.406  -0.531  1.00 76.23  ? 49  LYS A C   1 
ATOM 281  O O   . LYS A 1 49  ? 13.809  -2.273  -0.458  1.00 75.53  ? 49  LYS A O   1 
ATOM 282  C CB  . LYS A 1 49  ? 16.103  -0.335  -1.533  1.00 79.21  ? 49  LYS A CB  1 
ATOM 283  C CG  . LYS A 1 49  ? 16.180  0.214   -0.085  1.00 86.45  ? 49  LYS A CG  1 
ATOM 284  C CD  . LYS A 1 49  ? 17.278  -0.405  0.820   1.00 95.24  ? 49  LYS A CD  1 
ATOM 285  C CE  . LYS A 1 49  ? 18.630  -0.581  0.125   1.00 96.37  ? 49  LYS A CE  1 
ATOM 286  N NZ  . LYS A 1 49  ? 19.467  -1.594  0.823   1.00 93.72  ? 49  LYS A NZ  1 
ATOM 287  N N   . ALA A 1 50  ? 15.753  -3.078  0.370   1.00 83.29  ? 50  ALA A N   1 
ATOM 288  C CA  . ALA A 1 50  ? 15.139  -3.723  1.522   1.00 70.73  ? 50  ALA A CA  1 
ATOM 289  C C   . ALA A 1 50  ? 14.400  -2.705  2.382   1.00 74.79  ? 50  ALA A C   1 
ATOM 290  O O   . ALA A 1 50  ? 14.800  -1.540  2.489   1.00 78.37  ? 50  ALA A O   1 
ATOM 291  C CB  . ALA A 1 50  ? 16.200  -4.445  2.348   1.00 50.55  ? 50  ALA A CB  1 
ATOM 292  N N   . MET A 1 51  ? 13.309  -3.165  2.994   1.00 69.69  ? 51  MET A N   1 
ATOM 293  C CA  . MET A 1 51  ? 12.410  -2.311  3.755   1.00 71.61  ? 51  MET A CA  1 
ATOM 294  C C   . MET A 1 51  ? 12.984  -2.015  5.130   1.00 72.27  ? 51  MET A C   1 
ATOM 295  O O   . MET A 1 51  ? 13.680  -2.843  5.728   1.00 64.89  ? 51  MET A O   1 
ATOM 296  C CB  . MET A 1 51  ? 11.048  -2.988  3.923   1.00 74.82  ? 51  MET A CB  1 
ATOM 297  C CG  . MET A 1 51  ? 10.650  -3.843  2.728   1.00 78.72  ? 51  MET A CG  1 
ATOM 298  S SD  . MET A 1 51  ? 9.285   -4.950  3.128   1.00 68.36  ? 51  MET A SD  1 
ATOM 299  C CE  . MET A 1 51  ? 8.086   -3.729  3.652   1.00 65.15  ? 51  MET A CE  1 
ATOM 300  N N   . GLU A 1 52  ? 12.658  -0.837  5.650   1.00 71.27  ? 52  GLU A N   1 
ATOM 301  C CA  . GLU A 1 52  ? 13.065  -0.459  6.995   1.00 72.45  ? 52  GLU A CA  1 
ATOM 302  C C   . GLU A 1 52  ? 11.828  -0.312  7.873   1.00 66.54  ? 52  GLU A C   1 
ATOM 303  O O   . GLU A 1 52  ? 10.949  0.513   7.595   1.00 65.51  ? 52  GLU A O   1 
ATOM 304  C CB  . GLU A 1 52  ? 13.889  0.822   6.988   1.00 89.59  ? 52  GLU A CB  1 
ATOM 305  C CG  . GLU A 1 52  ? 14.831  0.926   8.186   1.00 113.61 ? 52  GLU A CG  1 
ATOM 306  C CD  . GLU A 1 52  ? 15.732  -0.284  8.330   1.00 125.09 ? 52  GLU A CD  1 
ATOM 307  O OE1 . GLU A 1 52  ? 16.784  -0.329  7.661   1.00 132.37 ? 52  GLU A OE1 1 
ATOM 308  O OE2 . GLU A 1 52  ? 15.381  -1.193  9.110   1.00 129.55 ? 52  GLU A OE2 1 
ATOM 309  N N   . PHE A 1 53  ? 11.778  -1.106  8.937   1.00 72.96  ? 53  PHE A N   1 
ATOM 310  C CA  . PHE A 1 53  ? 10.588  -1.258  9.763   1.00 68.10  ? 53  PHE A CA  1 
ATOM 311  C C   . PHE A 1 53  ? 10.558  -0.207  10.866  1.00 77.03  ? 53  PHE A C   1 
ATOM 312  O O   . PHE A 1 53  ? 11.395  -0.231  11.771  1.00 71.55  ? 53  PHE A O   1 
ATOM 313  C CB  . PHE A 1 53  ? 10.552  -2.661  10.375  1.00 64.72  ? 53  PHE A CB  1 
ATOM 314  C CG  . PHE A 1 53  ? 10.145  -3.733  9.406   1.00 69.08  ? 53  PHE A CG  1 
ATOM 315  C CD1 . PHE A 1 53  ? 9.068   -3.542  8.563   1.00 64.92  ? 53  PHE A CD1 1 
ATOM 316  C CD2 . PHE A 1 53  ? 10.837  -4.929  9.331   1.00 70.79  ? 53  PHE A CD2 1 
ATOM 317  C CE1 . PHE A 1 53  ? 8.693   -4.510  7.656   1.00 60.78  ? 53  PHE A CE1 1 
ATOM 318  C CE2 . PHE A 1 53  ? 10.448  -5.916  8.419   1.00 73.77  ? 53  PHE A CE2 1 
ATOM 319  C CZ  . PHE A 1 53  ? 9.371   -5.699  7.585   1.00 67.92  ? 53  PHE A CZ  1 
ATOM 320  N N   . VAL A 1 54  ? 9.594   0.701   10.794  1.00 79.61  ? 54  VAL A N   1 
ATOM 321  C CA  . VAL A 1 54  ? 9.257   1.539   11.935  1.00 81.66  ? 54  VAL A CA  1 
ATOM 322  C C   . VAL A 1 54  ? 8.336   0.761   12.876  1.00 79.06  ? 54  VAL A C   1 
ATOM 323  O O   . VAL A 1 54  ? 7.714   -0.231  12.494  1.00 74.75  ? 54  VAL A O   1 
ATOM 324  C CB  . VAL A 1 54  ? 8.603   2.852   11.462  1.00 78.74  ? 54  VAL A CB  1 
ATOM 325  C CG1 . VAL A 1 54  ? 7.096   2.692   11.373  1.00 82.12  ? 54  VAL A CG1 1 
ATOM 326  C CG2 . VAL A 1 54  ? 8.963   4.004   12.373  1.00 79.10  ? 54  VAL A CG2 1 
ATOM 327  N N   . ASP A 1 55  ? 8.263   1.213   14.133  1.00 85.66  ? 55  ASP A N   1 
ATOM 328  C CA  . ASP A 1 55  ? 7.296   0.698   15.119  1.00 83.34  ? 55  ASP A CA  1 
ATOM 329  C C   . ASP A 1 55  ? 7.502   -0.786  15.429  1.00 76.38  ? 55  ASP A C   1 
ATOM 330  O O   . ASP A 1 55  ? 6.545   -1.534  15.617  1.00 68.55  ? 55  ASP A O   1 
ATOM 331  C CB  . ASP A 1 55  ? 5.850   0.929   14.669  1.00 89.65  ? 55  ASP A CB  1 
ATOM 332  C CG  . ASP A 1 55  ? 5.491   2.397   14.535  1.00 94.26  ? 55  ASP A CG  1 
ATOM 333  O OD1 . ASP A 1 55  ? 6.085   3.233   15.253  1.00 92.90  ? 55  ASP A OD1 1 
ATOM 334  O OD2 . ASP A 1 55  ? 4.597   2.703   13.705  1.00 99.49  ? 55  ASP A OD2 1 
ATOM 335  N N   . VAL A 1 56  ? 8.742   -1.228  15.479  1.00 79.24  ? 56  VAL A N   1 
ATOM 336  C CA  . VAL A 1 56  ? 9.017   -2.601  15.889  1.00 82.48  ? 56  VAL A CA  1 
ATOM 337  C C   . VAL A 1 56  ? 8.955   -2.675  17.412  1.00 85.85  ? 56  VAL A C   1 
ATOM 338  O O   . VAL A 1 56  ? 9.450   -1.779  18.108  1.00 98.23  ? 56  VAL A O   1 
ATOM 339  C CB  . VAL A 1 56  ? 10.375  -3.065  15.324  1.00 78.69  ? 56  VAL A CB  1 
ATOM 340  C CG1 . VAL A 1 56  ? 11.454  -2.037  15.619  1.00 83.57  ? 56  VAL A CG1 1 
ATOM 341  C CG2 . VAL A 1 56  ? 10.756  -4.445  15.854  1.00 73.02  ? 56  VAL A CG2 1 
ATOM 342  N N   . THR A 1 57  ? 8.302   -3.715  17.943  1.00 87.81  ? 57  THR A N   1 
ATOM 343  C CA  . THR A 1 57  ? 8.096   -3.832  19.384  1.00 82.21  ? 57  THR A CA  1 
ATOM 344  C C   . THR A 1 57  ? 8.122   -5.288  19.832  1.00 84.07  ? 57  THR A C   1 
ATOM 345  O O   . THR A 1 57  ? 8.153   -6.217  19.022  1.00 86.99  ? 57  THR A O   1 
ATOM 346  C CB  . THR A 1 57  ? 6.773   -3.211  19.838  1.00 76.69  ? 57  THR A CB  1 
ATOM 347  O OG1 . THR A 1 57  ? 6.580   -3.503  21.231  1.00 108.65 ? 57  THR A OG1 1 
ATOM 348  C CG2 . THR A 1 57  ? 5.639   -3.781  19.067  1.00 51.24  ? 57  THR A CG2 1 
ATOM 349  N N   . GLU A 1 58  ? 8.065   -5.462  21.162  1.00 83.56  ? 58  GLU A N   1 
ATOM 350  C CA  . GLU A 1 58  ? 8.198   -6.777  21.787  1.00 85.32  ? 58  GLU A CA  1 
ATOM 351  C C   . GLU A 1 58  ? 7.191   -7.783  21.229  1.00 86.97  ? 58  GLU A C   1 
ATOM 352  O O   . GLU A 1 58  ? 7.447   -8.992  21.243  1.00 88.76  ? 58  GLU A O   1 
ATOM 353  C CB  . GLU A 1 58  ? 8.047   -6.631  23.314  1.00 86.42  ? 58  GLU A CB  1 
ATOM 354  C CG  . GLU A 1 58  ? 8.945   -7.557  24.160  1.00 96.22  ? 58  GLU A CG  1 
ATOM 355  C CD  . GLU A 1 58  ? 9.008   -7.168  25.652  1.00 105.30 ? 58  GLU A CD  1 
ATOM 356  O OE1 . GLU A 1 58  ? 9.193   -8.071  26.503  1.00 103.43 ? 58  GLU A OE1 1 
ATOM 357  O OE2 . GLU A 1 58  ? 8.877   -5.965  25.974  1.00 108.21 ? 58  GLU A OE2 1 
ATOM 358  N N   . SER A 1 59  ? 6.058   -7.305  20.704  1.00 94.64  ? 59  SER A N   1 
ATOM 359  C CA  . SER A 1 59  ? 5.009   -8.213  20.243  1.00 88.71  ? 59  SER A CA  1 
ATOM 360  C C   . SER A 1 59  ? 5.301   -8.771  18.855  1.00 85.52  ? 59  SER A C   1 
ATOM 361  O O   . SER A 1 59  ? 5.027   -9.948  18.592  1.00 86.40  ? 59  SER A O   1 
ATOM 362  C CB  . SER A 1 59  ? 3.657   -7.500  20.258  1.00 82.03  ? 59  SER A CB  1 
ATOM 363  O OG  . SER A 1 59  ? 3.448   -6.855  21.504  1.00 80.08  ? 59  SER A OG  1 
ATOM 364  N N   . ASN A 1 60  ? 5.851   -7.956  17.954  1.00 79.46  ? 60  ASN A N   1 
ATOM 365  C CA  . ASN A 1 60  ? 6.110   -8.399  16.591  1.00 83.01  ? 60  ASN A CA  1 
ATOM 366  C C   . ASN A 1 60  ? 7.579   -8.673  16.304  1.00 82.92  ? 60  ASN A C   1 
ATOM 367  O O   . ASN A 1 60  ? 7.908   -9.046  15.173  1.00 83.27  ? 60  ASN A O   1 
ATOM 368  C CB  . ASN A 1 60  ? 5.567   -7.376  15.576  1.00 84.46  ? 60  ASN A CB  1 
ATOM 369  C CG  . ASN A 1 60  ? 6.118   -5.966  15.783  1.00 73.74  ? 60  ASN A CG  1 
ATOM 370  O OD1 . ASN A 1 60  ? 7.226   -5.770  16.291  1.00 73.84  ? 60  ASN A OD1 1 
ATOM 371  N ND2 . ASN A 1 60  ? 5.329   -4.970  15.375  1.00 67.22  ? 60  ASN A ND2 1 
ATOM 372  N N   . ALA A 1 61  ? 8.467   -8.524  17.289  1.00 79.61  ? 61  ALA A N   1 
ATOM 373  C CA  . ALA A 1 61  ? 9.893   -8.650  17.001  1.00 74.30  ? 61  ALA A CA  1 
ATOM 374  C C   . ALA A 1 61  ? 10.235  -10.042 16.485  1.00 70.90  ? 61  ALA A C   1 
ATOM 375  O O   . ALA A 1 61  ? 10.909  -10.177 15.460  1.00 76.89  ? 61  ALA A O   1 
ATOM 376  C CB  . ALA A 1 61  ? 10.720  -8.312  18.236  1.00 74.18  ? 61  ALA A CB  1 
ATOM 377  N N   . ARG A 1 62  ? 9.778   -11.094 17.176  1.00 63.79  ? 62  ARG A N   1 
ATOM 378  C CA  . ARG A 1 62  ? 10.095  -12.438 16.697  1.00 64.07  ? 62  ARG A CA  1 
ATOM 379  C C   . ARG A 1 62  ? 9.696   -12.607 15.242  1.00 70.62  ? 62  ARG A C   1 
ATOM 380  O O   . ARG A 1 62  ? 10.482  -13.113 14.430  1.00 74.08  ? 62  ARG A O   1 
ATOM 381  C CB  . ARG A 1 62  ? 9.410   -13.500 17.544  1.00 66.79  ? 62  ARG A CB  1 
ATOM 382  C CG  . ARG A 1 62  ? 9.490   -14.879 16.925  1.00 73.52  ? 62  ARG A CG  1 
ATOM 383  C CD  . ARG A 1 62  ? 10.675  -15.667 17.432  1.00 90.77  ? 62  ARG A CD  1 
ATOM 384  N NE  . ARG A 1 62  ? 10.907  -16.849 16.608  1.00 119.47 ? 62  ARG A NE  1 
ATOM 385  C CZ  . ARG A 1 62  ? 10.947  -18.096 17.066  1.00 134.51 ? 62  ARG A CZ  1 
ATOM 386  N NH1 . ARG A 1 62  ? 10.783  -18.339 18.359  1.00 140.71 ? 62  ARG A NH1 1 
ATOM 387  N NH2 . ARG A 1 62  ? 11.166  -19.102 16.225  1.00 141.71 ? 62  ARG A NH2 1 
ATOM 388  N N   . TRP A 1 63  ? 8.486   -12.156 14.886  1.00 72.33  ? 63  TRP A N   1 
ATOM 389  C CA  . TRP A 1 63  ? 8.004   -12.335 13.521  1.00 66.42  ? 63  TRP A CA  1 
ATOM 390  C C   . TRP A 1 63  ? 8.923   -11.659 12.513  1.00 70.11  ? 63  TRP A C   1 
ATOM 391  O O   . TRP A 1 63  ? 9.192   -12.218 11.447  1.00 80.15  ? 63  TRP A O   1 
ATOM 392  C CB  . TRP A 1 63  ? 6.577   -11.799 13.390  1.00 70.13  ? 63  TRP A CB  1 
ATOM 393  C CG  . TRP A 1 63  ? 5.906   -12.130 12.095  1.00 77.45  ? 63  TRP A CG  1 
ATOM 394  C CD1 . TRP A 1 63  ? 5.076   -13.186 11.844  1.00 77.86  ? 63  TRP A CD1 1 
ATOM 395  C CD2 . TRP A 1 63  ? 6.015   -11.404 10.864  1.00 82.37  ? 63  TRP A CD2 1 
ATOM 396  N NE1 . TRP A 1 63  ? 4.659   -13.158 10.535  1.00 80.34  ? 63  TRP A NE1 1 
ATOM 397  C CE2 . TRP A 1 63  ? 5.221   -12.073 9.914   1.00 83.02  ? 63  TRP A CE2 1 
ATOM 398  C CE3 . TRP A 1 63  ? 6.714   -10.256 10.472  1.00 80.52  ? 63  TRP A CE3 1 
ATOM 399  C CZ2 . TRP A 1 63  ? 5.111   -11.637 8.597   1.00 83.10  ? 63  TRP A CZ2 1 
ATOM 400  C CZ3 . TRP A 1 63  ? 6.592   -9.817  9.170   1.00 80.21  ? 63  TRP A CZ3 1 
ATOM 401  C CH2 . TRP A 1 63  ? 5.802   -10.507 8.247   1.00 81.50  ? 63  TRP A CH2 1 
ATOM 402  N N   . VAL A 1 64  ? 9.406   -10.454 12.817  1.00 69.05  ? 64  VAL A N   1 
ATOM 403  C CA  . VAL A 1 64  ? 10.251  -9.779  11.832  1.00 71.54  ? 64  VAL A CA  1 
ATOM 404  C C   . VAL A 1 64  ? 11.667  -10.368 11.830  1.00 77.03  ? 64  VAL A C   1 
ATOM 405  O O   . VAL A 1 64  ? 12.313  -10.454 10.776  1.00 73.96  ? 64  VAL A O   1 
ATOM 406  C CB  . VAL A 1 64  ? 10.246  -8.254  12.053  1.00 74.74  ? 64  VAL A CB  1 
ATOM 407  C CG1 . VAL A 1 64  ? 10.205  -7.926  13.503  1.00 82.61  ? 64  VAL A CG1 1 
ATOM 408  C CG2 . VAL A 1 64  ? 11.473  -7.608  11.423  1.00 77.43  ? 64  VAL A CG2 1 
ATOM 409  N N   . GLN A 1 65  ? 12.155  -10.827 12.979  1.00 75.97  ? 65  GLN A N   1 
ATOM 410  C CA  . GLN A 1 65  ? 13.398  -11.589 12.984  1.00 76.20  ? 65  GLN A CA  1 
ATOM 411  C C   . GLN A 1 65  ? 13.286  -12.829 12.107  1.00 71.89  ? 65  GLN A C   1 
ATOM 412  O O   . GLN A 1 65  ? 14.263  -13.228 11.464  1.00 73.38  ? 65  GLN A O   1 
ATOM 413  C CB  . GLN A 1 65  ? 13.780  -11.969 14.412  1.00 74.42  ? 65  GLN A CB  1 
ATOM 414  C CG  . GLN A 1 65  ? 14.114  -10.764 15.255  1.00 69.35  ? 65  GLN A CG  1 
ATOM 415  C CD  . GLN A 1 65  ? 14.415  -11.129 16.675  1.00 66.73  ? 65  GLN A CD  1 
ATOM 416  O OE1 . GLN A 1 65  ? 14.115  -12.240 17.123  1.00 68.37  ? 65  GLN A OE1 1 
ATOM 417  N NE2 . GLN A 1 65  ? 15.027  -10.202 17.400  1.00 66.59  ? 65  GLN A NE2 1 
ATOM 418  N N   . ASP A 1 66  ? 12.106  -13.453 12.061  1.00 76.50  ? 66  ASP A N   1 
ATOM 419  C CA  . ASP A 1 66  ? 11.945  -14.613 11.191  1.00 75.45  ? 66  ASP A CA  1 
ATOM 420  C C   . ASP A 1 66  ? 11.791  -14.183 9.737   1.00 76.29  ? 66  ASP A C   1 
ATOM 421  O O   . ASP A 1 66  ? 12.364  -14.810 8.835   1.00 78.32  ? 66  ASP A O   1 
ATOM 422  C CB  . ASP A 1 66  ? 10.757  -15.461 11.647  1.00 78.50  ? 66  ASP A CB  1 
ATOM 423  C CG  . ASP A 1 66  ? 11.072  -16.291 12.881  1.00 89.21  ? 66  ASP A CG  1 
ATOM 424  O OD1 . ASP A 1 66  ? 12.130  -16.960 12.905  1.00 93.28  ? 66  ASP A OD1 1 
ATOM 425  O OD2 . ASP A 1 66  ? 10.271  -16.269 13.835  1.00 89.95  ? 66  ASP A OD2 1 
ATOM 426  N N   . PHE A 1 67  ? 11.058  -13.090 9.501   1.00 73.63  ? 67  PHE A N   1 
ATOM 427  C CA  . PHE A 1 67  ? 10.811  -12.607 8.146   1.00 74.62  ? 67  PHE A CA  1 
ATOM 428  C C   . PHE A 1 67  ? 12.113  -12.264 7.434   1.00 81.96  ? 67  PHE A C   1 
ATOM 429  O O   . PHE A 1 67  ? 12.306  -12.621 6.266   1.00 84.25  ? 67  PHE A O   1 
ATOM 430  C CB  . PHE A 1 67  ? 9.891   -11.385 8.186   1.00 77.51  ? 67  PHE A CB  1 
ATOM 431  C CG  . PHE A 1 67  ? 9.583   -10.816 6.836   1.00 76.08  ? 67  PHE A CG  1 
ATOM 432  C CD1 . PHE A 1 67  ? 8.605   -11.389 6.042   1.00 72.90  ? 67  PHE A CD1 1 
ATOM 433  C CD2 . PHE A 1 67  ? 10.265  -9.708  6.357   1.00 79.92  ? 67  PHE A CD2 1 
ATOM 434  C CE1 . PHE A 1 67  ? 8.315   -10.876 4.784   1.00 71.86  ? 67  PHE A CE1 1 
ATOM 435  C CE2 . PHE A 1 67  ? 9.981   -9.184  5.093   1.00 75.56  ? 67  PHE A CE2 1 
ATOM 436  C CZ  . PHE A 1 67  ? 9.000   -9.769  4.308   1.00 70.08  ? 67  PHE A CZ  1 
ATOM 437  N N   . ARG A 1 68  ? 13.026  -11.570 8.127   1.00 74.48  ? 68  ARG A N   1 
ATOM 438  C CA  . ARG A 1 68  ? 14.278  -11.185 7.489   1.00 72.36  ? 68  ARG A CA  1 
ATOM 439  C C   . ARG A 1 68  ? 15.048  -12.392 6.975   1.00 80.28  ? 68  ARG A C   1 
ATOM 440  O O   . ARG A 1 68  ? 15.841  -12.254 6.039   1.00 81.96  ? 68  ARG A O   1 
ATOM 441  C CB  . ARG A 1 68  ? 15.139  -10.384 8.457   1.00 66.19  ? 68  ARG A CB  1 
ATOM 442  C CG  . ARG A 1 68  ? 14.502  -9.091  8.945   1.00 68.95  ? 68  ARG A CG  1 
ATOM 443  C CD  . ARG A 1 68  ? 14.488  -8.005  7.887   1.00 79.16  ? 68  ARG A CD  1 
ATOM 444  N NE  . ARG A 1 68  ? 14.314  -6.682  8.492   1.00 76.44  ? 68  ARG A NE  1 
ATOM 445  C CZ  . ARG A 1 68  ? 13.984  -5.580  7.820   1.00 73.12  ? 68  ARG A CZ  1 
ATOM 446  N NH1 . ARG A 1 68  ? 13.783  -5.628  6.500   1.00 50.48  ? 68  ARG A NH1 1 
ATOM 447  N NH2 . ARG A 1 68  ? 13.849  -4.429  8.472   1.00 75.55  ? 68  ARG A NH2 1 
ATOM 448  N N   . LEU A 1 69  ? 14.808  -13.576 7.538   1.00 76.76  ? 69  LEU A N   1 
ATOM 449  C CA  . LEU A 1 69  ? 15.541  -14.773 7.153   1.00 85.22  ? 69  LEU A CA  1 
ATOM 450  C C   . LEU A 1 69  ? 14.841  -15.592 6.068   1.00 86.82  ? 69  LEU A C   1 
ATOM 451  O O   . LEU A 1 69  ? 15.369  -16.632 5.661   1.00 88.15  ? 69  LEU A O   1 
ATOM 452  C CB  . LEU A 1 69  ? 15.793  -15.646 8.389   1.00 93.15  ? 69  LEU A CB  1 
ATOM 453  C CG  . LEU A 1 69  ? 16.299  -14.934 9.660   1.00 82.10  ? 69  LEU A CG  1 
ATOM 454  C CD1 . LEU A 1 69  ? 16.487  -15.920 10.809  1.00 74.94  ? 69  LEU A CD1 1 
ATOM 455  C CD2 . LEU A 1 69  ? 17.581  -14.137 9.412   1.00 75.04  ? 69  LEU A CD2 1 
ATOM 456  N N   . LYS A 1 70  ? 13.681  -15.157 5.579   1.00 86.97  ? 70  LYS A N   1 
ATOM 457  C CA  . LYS A 1 70  ? 12.951  -15.935 4.585   1.00 83.30  ? 70  LYS A CA  1 
ATOM 458  C C   . LYS A 1 70  ? 13.298  -15.471 3.171   1.00 78.58  ? 70  LYS A C   1 
ATOM 459  O O   . LYS A 1 70  ? 13.580  -14.291 2.931   1.00 75.09  ? 70  LYS A O   1 
ATOM 460  C CB  . LYS A 1 70  ? 11.441  -15.852 4.835   1.00 85.16  ? 70  LYS A CB  1 
ATOM 461  C CG  . LYS A 1 70  ? 10.993  -16.681 6.031   1.00 99.71  ? 70  LYS A CG  1 
ATOM 462  C CD  . LYS A 1 70  ? 9.482   -16.742 6.175   1.00 114.90 ? 70  LYS A CD  1 
ATOM 463  C CE  . LYS A 1 70  ? 8.853   -15.356 6.137   1.00 126.07 ? 70  LYS A CE  1 
ATOM 464  N NZ  . LYS A 1 70  ? 7.366   -15.404 6.044   1.00 125.26 ? 70  LYS A NZ  1 
ATOM 465  N N   . ALA A 1 71  ? 13.286  -16.422 2.234   1.00 83.55  ? 71  ALA A N   1 
ATOM 466  C CA  . ALA A 1 71  ? 13.797  -16.154 0.890   1.00 91.59  ? 71  ALA A CA  1 
ATOM 467  C C   . ALA A 1 71  ? 13.121  -14.942 0.254   1.00 92.42  ? 71  ALA A C   1 
ATOM 468  O O   . ALA A 1 71  ? 13.781  -14.104 -0.371  1.00 87.74  ? 71  ALA A O   1 
ATOM 469  C CB  . ALA A 1 71  ? 13.616  -17.393 0.012   1.00 95.17  ? 71  ALA A CB  1 
ATOM 470  N N   . TYR A 1 72  ? 11.812  -14.815 0.425   1.00 95.17  ? 72  TYR A N   1 
ATOM 471  C CA  . TYR A 1 72  ? 11.043  -13.743 -0.186  1.00 96.73  ? 72  TYR A CA  1 
ATOM 472  C C   . TYR A 1 72  ? 11.028  -12.457 0.644   1.00 98.50  ? 72  TYR A C   1 
ATOM 473  O O   . TYR A 1 72  ? 10.256  -11.544 0.335   1.00 79.82  ? 72  TYR A O   1 
ATOM 474  C CB  . TYR A 1 72  ? 9.623   -14.238 -0.433  1.00 102.29 ? 72  TYR A CB  1 
ATOM 475  C CG  . TYR A 1 72  ? 9.109   -15.091 0.702   1.00 100.17 ? 72  TYR A CG  1 
ATOM 476  C CD1 . TYR A 1 72  ? 8.460   -14.515 1.780   1.00 92.91  ? 72  TYR A CD1 1 
ATOM 477  C CD2 . TYR A 1 72  ? 9.284   -16.473 0.701   1.00 101.31 ? 72  TYR A CD2 1 
ATOM 478  C CE1 . TYR A 1 72  ? 7.990   -15.286 2.823   1.00 93.34  ? 72  TYR A CE1 1 
ATOM 479  C CE2 . TYR A 1 72  ? 8.819   -17.254 1.746   1.00 97.72  ? 72  TYR A CE2 1 
ATOM 480  C CZ  . TYR A 1 72  ? 8.171   -16.649 2.805   1.00 94.44  ? 72  TYR A CZ  1 
ATOM 481  O OH  . TYR A 1 72  ? 7.686   -17.396 3.859   1.00 92.66  ? 72  TYR A OH  1 
ATOM 482  N N   . ALA A 1 73  ? 11.853  -12.358 1.692   1.00 106.92 ? 73  ALA A N   1 
ATOM 483  C CA  . ALA A 1 73  ? 12.005  -11.071 2.368   1.00 98.28  ? 73  ALA A CA  1 
ATOM 484  C C   . ALA A 1 73  ? 12.625  -10.030 1.445   1.00 96.92  ? 73  ALA A C   1 
ATOM 485  O O   . ALA A 1 73  ? 12.446  -8.824  1.660   1.00 92.02  ? 73  ALA A O   1 
ATOM 486  C CB  . ALA A 1 73  ? 12.853  -11.221 3.626   1.00 94.79  ? 73  ALA A CB  1 
ATOM 487  N N   . SER A 1 74  ? 13.354  -10.478 0.421   1.00 103.35 ? 74  SER A N   1 
ATOM 488  C CA  . SER A 1 74  ? 13.912  -9.564  -0.562  1.00 89.73  ? 74  SER A CA  1 
ATOM 489  C C   . SER A 1 74  ? 12.809  -9.121  -1.512  1.00 81.08  ? 74  SER A C   1 
ATOM 490  O O   . SER A 1 74  ? 12.123  -9.966  -2.098  1.00 83.37  ? 74  SER A O   1 
ATOM 491  C CB  . SER A 1 74  ? 15.039  -10.228 -1.352  1.00 91.34  ? 74  SER A CB  1 
ATOM 492  O OG  . SER A 1 74  ? 16.170  -10.497 -0.544  1.00 94.70  ? 74  SER A OG  1 
ATOM 493  N N   . PRO A 1 75  ? 12.590  -7.827  -1.678  1.00 77.70  ? 75  PRO A N   1 
ATOM 494  C CA  . PRO A 1 75  ? 11.585  -7.369  -2.636  1.00 70.59  ? 75  PRO A CA  1 
ATOM 495  C C   . PRO A 1 75  ? 12.073  -7.458  -4.074  1.00 75.72  ? 75  PRO A C   1 
ATOM 496  O O   . PRO A 1 75  ? 13.270  -7.425  -4.368  1.00 80.94  ? 75  PRO A O   1 
ATOM 497  C CB  . PRO A 1 75  ? 11.357  -5.909  -2.226  1.00 68.11  ? 75  PRO A CB  1 
ATOM 498  C CG  . PRO A 1 75  ? 12.615  -5.515  -1.539  1.00 65.56  ? 75  PRO A CG  1 
ATOM 499  C CD  . PRO A 1 75  ? 13.062  -6.738  -0.806  1.00 70.89  ? 75  PRO A CD  1 
ATOM 500  N N   . ALA A 1 76  ? 11.107  -7.568  -4.976  1.00 72.79  ? 76  ALA A N   1 
ATOM 501  C CA  . ALA A 1 76  ? 11.399  -7.371  -6.383  1.00 67.47  ? 76  ALA A CA  1 
ATOM 502  C C   . ALA A 1 76  ? 11.570  -5.884  -6.667  1.00 71.17  ? 76  ALA A C   1 
ATOM 503  O O   . ALA A 1 76  ? 11.147  -5.021  -5.889  1.00 73.10  ? 76  ALA A O   1 
ATOM 504  C CB  . ALA A 1 76  ? 10.287  -7.950  -7.263  1.00 59.99  ? 76  ALA A CB  1 
ATOM 505  N N   . LYS A 1 77  ? 12.212  -5.589  -7.791  1.00 78.11  ? 77  LYS A N   1 
ATOM 506  C CA  . LYS A 1 77  ? 12.366  -4.212  -8.238  1.00 76.88  ? 77  LYS A CA  1 
ATOM 507  C C   . LYS A 1 77  ? 11.034  -3.724  -8.802  1.00 77.90  ? 77  LYS A C   1 
ATOM 508  O O   . LYS A 1 77  ? 10.614  -4.158  -9.882  1.00 69.68  ? 77  LYS A O   1 
ATOM 509  C CB  . LYS A 1 77  ? 13.488  -4.128  -9.270  1.00 67.17  ? 77  LYS A CB  1 
ATOM 510  C CG  . LYS A 1 77  ? 14.875  -3.875  -8.665  1.00 73.59  ? 77  LYS A CG  1 
ATOM 511  C CD  . LYS A 1 77  ? 16.013  -4.327  -9.580  1.00 80.80  ? 77  LYS A CD  1 
ATOM 512  C CE  . LYS A 1 77  ? 17.363  -3.785  -9.143  1.00 84.49  ? 77  LYS A CE  1 
ATOM 513  N NZ  . LYS A 1 77  ? 17.473  -2.317  -9.382  1.00 92.62  ? 77  LYS A NZ  1 
ATOM 514  N N   . LEU A 1 78  ? 10.359  -2.833  -8.062  1.00 75.27  ? 78  LEU A N   1 
ATOM 515  C CA  . LEU A 1 78  ? 9.090   -2.272  -8.517  1.00 71.40  ? 78  LEU A CA  1 
ATOM 516  C C   . LEU A 1 78  ? 9.152   -1.785  -9.963  1.00 74.71  ? 78  LEU A C   1 
ATOM 517  O O   . LEU A 1 78  ? 8.171   -1.907  -10.703 1.00 82.25  ? 78  LEU A O   1 
ATOM 518  C CB  . LEU A 1 78  ? 8.669   -1.121  -7.601  1.00 66.25  ? 78  LEU A CB  1 
ATOM 519  C CG  . LEU A 1 78  ? 7.308   -0.474  -7.914  1.00 65.52  ? 78  LEU A CG  1 
ATOM 520  C CD1 . LEU A 1 78  ? 6.134   -1.368  -7.492  1.00 61.18  ? 78  LEU A CD1 1 
ATOM 521  C CD2 . LEU A 1 78  ? 7.184   0.926   -7.281  1.00 58.90  ? 78  LEU A CD2 1 
ATOM 522  N N   . GLU A 1 79  ? 10.297  -1.249  -10.390 1.00 70.66  ? 79  GLU A N   1 
ATOM 523  C CA  . GLU A 1 79  ? 10.421  -0.759  -11.759 1.00 68.48  ? 79  GLU A CA  1 
ATOM 524  C C   . GLU A 1 79  ? 10.387  -1.886  -12.794 1.00 69.00  ? 79  GLU A C   1 
ATOM 525  O O   . GLU A 1 79  ? 10.114  -1.618  -13.966 1.00 73.03  ? 79  GLU A O   1 
ATOM 526  C CB  . GLU A 1 79  ? 11.713  0.061   -11.904 1.00 67.50  ? 79  GLU A CB  1 
ATOM 527  C CG  . GLU A 1 79  ? 11.737  1.371   -11.112 1.00 73.99  ? 79  GLU A CG  1 
ATOM 528  C CD  . GLU A 1 79  ? 11.973  1.157   -9.620  1.00 76.02  ? 79  GLU A CD  1 
ATOM 529  O OE1 . GLU A 1 79  ? 11.450  1.963   -8.813  1.00 77.33  ? 79  GLU A OE1 1 
ATOM 530  O OE2 . GLU A 1 79  ? 12.674  0.183   -9.260  1.00 67.86  ? 79  GLU A OE2 1 
ATOM 531  N N   . SER A 1 80  ? 10.653  -3.131  -12.389 1.00 69.47  ? 80  SER A N   1 
ATOM 532  C CA  . SER A 1 80  ? 10.790  -4.272  -13.287 1.00 74.29  ? 80  SER A CA  1 
ATOM 533  C C   . SER A 1 80  ? 9.529   -5.135  -13.368 1.00 73.67  ? 80  SER A C   1 
ATOM 534  O O   . SER A 1 80  ? 9.568   -6.228  -13.945 1.00 66.53  ? 80  SER A O   1 
ATOM 535  C CB  . SER A 1 80  ? 11.970  -5.140  -12.847 1.00 85.34  ? 80  SER A CB  1 
ATOM 536  O OG  . SER A 1 80  ? 13.198  -4.439  -12.946 1.00 91.41  ? 80  SER A OG  1 
ATOM 537  N N   . ILE A 1 81  ? 8.421   -4.675  -12.817 1.00 88.32  ? 81  ILE A N   1 
ATOM 538  C CA  . ILE A 1 81  ? 7.237   -5.506  -12.651 1.00 80.72  ? 81  ILE A CA  1 
ATOM 539  C C   . ILE A 1 81  ? 6.195   -5.141  -13.699 1.00 66.23  ? 81  ILE A C   1 
ATOM 540  O O   . ILE A 1 81  ? 6.046   -3.966  -14.064 1.00 57.60  ? 81  ILE A O   1 
ATOM 541  C CB  . ILE A 1 81  ? 6.688   -5.359  -11.219 1.00 82.84  ? 81  ILE A CB  1 
ATOM 542  C CG1 . ILE A 1 81  ? 7.569   -6.163  -10.257 1.00 87.55  ? 81  ILE A CG1 1 
ATOM 543  C CG2 . ILE A 1 81  ? 5.219   -5.761  -11.140 1.00 75.21  ? 81  ILE A CG2 1 
ATOM 544  C CD1 . ILE A 1 81  ? 6.899   -6.556  -8.987  1.00 88.26  ? 81  ILE A CD1 1 
ATOM 545  N N   . ASP A 1 82  ? 5.491   -6.155  -14.210 1.00 69.45  ? 82  ASP A N   1 
ATOM 546  C CA  . ASP A 1 82  ? 4.365   -5.962  -15.122 1.00 73.82  ? 82  ASP A CA  1 
ATOM 547  C C   . ASP A 1 82  ? 3.071   -5.993  -14.314 1.00 74.54  ? 82  ASP A C   1 
ATOM 548  O O   . ASP A 1 82  ? 2.703   -7.039  -13.754 1.00 70.18  ? 82  ASP A O   1 
ATOM 549  C CB  . ASP A 1 82  ? 4.335   -7.036  -16.213 1.00 67.26  ? 82  ASP A CB  1 
ATOM 550  C CG  . ASP A 1 82  ? 3.185   -6.838  -17.204 1.00 71.94  ? 82  ASP A CG  1 
ATOM 551  O OD1 . ASP A 1 82  ? 2.646   -5.706  -17.300 1.00 71.53  ? 82  ASP A OD1 1 
ATOM 552  O OD2 . ASP A 1 82  ? 2.814   -7.823  -17.892 1.00 72.68  ? 82  ASP A OD2 1 
ATOM 553  N N   . GLY A 1 83  ? 2.381   -4.852  -14.256 1.00 66.85  ? 83  GLY A N   1 
ATOM 554  C CA  . GLY A 1 83  ? 1.166   -4.791  -13.467 1.00 69.01  ? 83  GLY A CA  1 
ATOM 555  C C   . GLY A 1 83  ? 0.136   -5.831  -13.865 1.00 68.19  ? 83  GLY A C   1 
ATOM 556  O O   . GLY A 1 83  ? -0.651  -6.282  -13.024 1.00 79.96  ? 83  GLY A O   1 
ATOM 557  N N   . ALA A 1 84  ? 0.127   -6.237  -15.140 1.00 63.36  ? 84  ALA A N   1 
ATOM 558  C CA  . ALA A 1 84  ? -0.919  -7.143  -15.601 1.00 68.70  ? 84  ALA A CA  1 
ATOM 559  C C   . ALA A 1 84  ? -0.809  -8.524  -14.977 1.00 78.00  ? 84  ALA A C   1 
ATOM 560  O O   . ALA A 1 84  ? -1.787  -9.280  -14.986 1.00 81.43  ? 84  ALA A O   1 
ATOM 561  C CB  . ALA A 1 84  ? -0.892  -7.261  -17.118 1.00 68.77  ? 84  ALA A CB  1 
ATOM 562  N N   . ARG A 1 85  ? 0.352   -8.866  -14.431 1.00 73.80  ? 85  ARG A N   1 
ATOM 563  C CA  . ARG A 1 85  ? 0.556   -10.201 -13.895 1.00 79.14  ? 85  ARG A CA  1 
ATOM 564  C C   . ARG A 1 85  ? -0.184  -10.438 -12.584 1.00 72.76  ? 85  ARG A C   1 
ATOM 565  O O   . ARG A 1 85  ? -0.262  -11.592 -12.148 1.00 75.89  ? 85  ARG A O   1 
ATOM 566  C CB  . ARG A 1 85  ? 2.061   -10.463 -13.719 1.00 86.33  ? 85  ARG A CB  1 
ATOM 567  C CG  . ARG A 1 85  ? 2.459   -11.913 -13.983 1.00 97.40  ? 85  ARG A CG  1 
ATOM 568  C CD  . ARG A 1 85  ? 3.755   -12.023 -14.761 1.00 110.58 ? 85  ARG A CD  1 
ATOM 569  N NE  . ARG A 1 85  ? 4.865   -11.407 -14.040 1.00 127.99 ? 85  ARG A NE  1 
ATOM 570  C CZ  . ARG A 1 85  ? 6.123   -11.383 -14.474 1.00 134.51 ? 85  ARG A CZ  1 
ATOM 571  N NH1 . ARG A 1 85  ? 6.438   -11.945 -15.634 1.00 136.99 ? 85  ARG A NH1 1 
ATOM 572  N NH2 . ARG A 1 85  ? 7.066   -10.798 -13.745 1.00 135.27 ? 85  ARG A NH2 1 
ATOM 573  N N   . TYR A 1 86  ? -0.745  -9.392  -11.967 1.00 70.64  ? 86  TYR A N   1 
ATOM 574  C CA  . TYR A 1 86  ? -1.305  -9.462  -10.618 1.00 68.60  ? 86  TYR A CA  1 
ATOM 575  C C   . TYR A 1 86  ? -2.775  -9.068  -10.625 1.00 68.45  ? 86  TYR A C   1 
ATOM 576  O O   . TYR A 1 86  ? -3.182  -8.138  -11.331 1.00 68.73  ? 86  TYR A O   1 
ATOM 577  C CB  . TYR A 1 86  ? -0.522  -8.561  -9.642  1.00 62.59  ? 86  TYR A CB  1 
ATOM 578  C CG  . TYR A 1 86  ? 0.954   -8.919  -9.580  1.00 69.44  ? 86  TYR A CG  1 
ATOM 579  C CD1 . TYR A 1 86  ? 1.431   -9.874  -8.685  1.00 68.01  ? 86  TYR A CD1 1 
ATOM 580  C CD2 . TYR A 1 86  ? 1.865   -8.327  -10.445 1.00 74.58  ? 86  TYR A CD2 1 
ATOM 581  C CE1 . TYR A 1 86  ? 2.784   -10.216 -8.654  1.00 68.63  ? 86  TYR A CE1 1 
ATOM 582  C CE2 . TYR A 1 86  ? 3.208   -8.657  -10.418 1.00 74.31  ? 86  TYR A CE2 1 
ATOM 583  C CZ  . TYR A 1 86  ? 3.666   -9.601  -9.528  1.00 72.90  ? 86  TYR A CZ  1 
ATOM 584  O OH  . TYR A 1 86  ? 5.008   -9.910  -9.531  1.00 80.87  ? 86  TYR A OH  1 
ATOM 585  N N   . HIS A 1 87  ? -3.573  -9.783  -9.832  1.00 67.10  ? 87  HIS A N   1 
ATOM 586  C CA  . HIS A 1 87  ? -4.990  -9.482  -9.708  1.00 70.89  ? 87  HIS A CA  1 
ATOM 587  C C   . HIS A 1 87  ? -5.297  -8.499  -8.585  1.00 72.74  ? 87  HIS A C   1 
ATOM 588  O O   . HIS A 1 87  ? -6.424  -8.003  -8.512  1.00 77.08  ? 87  HIS A O   1 
ATOM 589  C CB  . HIS A 1 87  ? -5.793  -10.770 -9.495  1.00 90.38  ? 87  HIS A CB  1 
ATOM 590  C CG  . HIS A 1 87  ? -7.277  -10.561 -9.535  1.00 111.01 ? 87  HIS A CG  1 
ATOM 591  N ND1 . HIS A 1 87  ? -7.914  -9.947  -10.593 1.00 116.00 ? 87  HIS A ND1 1 
ATOM 592  C CD2 . HIS A 1 87  ? -8.245  -10.862 -8.637  1.00 114.62 ? 87  HIS A CD2 1 
ATOM 593  C CE1 . HIS A 1 87  ? -9.211  -9.888  -10.349 1.00 117.63 ? 87  HIS A CE1 1 
ATOM 594  N NE2 . HIS A 1 87  ? -9.438  -10.438 -9.170  1.00 115.56 ? 87  HIS A NE2 1 
ATOM 595  N N   . ALA A 1 88  ? -4.335  -8.188  -7.722  1.00 76.81  ? 88  ALA A N   1 
ATOM 596  C CA  . ALA A 1 88  ? -4.614  -7.283  -6.621  1.00 70.45  ? 88  ALA A CA  1 
ATOM 597  C C   . ALA A 1 88  ? -3.334  -6.574  -6.191  1.00 70.71  ? 88  ALA A C   1 
ATOM 598  O O   . ALA A 1 88  ? -2.218  -7.090  -6.365  1.00 56.46  ? 88  ALA A O   1 
ATOM 599  C CB  . ALA A 1 88  ? -5.248  -8.034  -5.447  1.00 68.65  ? 88  ALA A CB  1 
ATOM 600  N N   . LEU A 1 89  ? -3.517  -5.376  -5.622  1.00 65.88  ? 89  LEU A N   1 
ATOM 601  C CA  . LEU A 1 89  ? -2.431  -4.498  -5.205  1.00 69.41  ? 89  LEU A CA  1 
ATOM 602  C C   . LEU A 1 89  ? -2.682  -4.052  -3.767  1.00 74.92  ? 89  LEU A C   1 
ATOM 603  O O   . LEU A 1 89  ? -3.795  -3.642  -3.427  1.00 76.59  ? 89  LEU A O   1 
ATOM 604  C CB  . LEU A 1 89  ? -2.315  -3.272  -6.140  1.00 60.22  ? 89  LEU A CB  1 
ATOM 605  C CG  . LEU A 1 89  ? -1.014  -2.459  -6.040  1.00 63.28  ? 89  LEU A CG  1 
ATOM 606  C CD1 . LEU A 1 89  ? -0.638  -1.825  -7.379  1.00 66.57  ? 89  LEU A CD1 1 
ATOM 607  C CD2 . LEU A 1 89  ? -1.099  -1.392  -4.992  1.00 65.38  ? 89  LEU A CD2 1 
ATOM 608  N N   . LEU A 1 90  ? -1.644  -4.111  -2.930  1.00 67.79  ? 90  LEU A N   1 
ATOM 609  C CA  . LEU A 1 90  ? -1.798  -3.855  -1.500  1.00 68.15  ? 90  LEU A CA  1 
ATOM 610  C C   . LEU A 1 90  ? -0.606  -3.052  -0.989  1.00 65.61  ? 90  LEU A C   1 
ATOM 611  O O   . LEU A 1 90  ? 0.535   -3.518  -1.051  1.00 59.13  ? 90  LEU A O   1 
ATOM 612  C CB  . LEU A 1 90  ? -1.938  -5.172  -0.724  1.00 62.04  ? 90  LEU A CB  1 
ATOM 613  C CG  . LEU A 1 90  ? -1.973  -5.087  0.806   1.00 63.99  ? 90  LEU A CG  1 
ATOM 614  C CD1 . LEU A 1 90  ? -2.991  -4.055  1.276   1.00 66.44  ? 90  LEU A CD1 1 
ATOM 615  C CD2 . LEU A 1 90  ? -2.294  -6.451  1.420   1.00 61.09  ? 90  LEU A CD2 1 
ATOM 616  N N   . ILE A 1 91  ? -0.873  -1.850  -0.483  1.00 65.27  ? 91  ILE A N   1 
ATOM 617  C CA  . ILE A 1 91  ? 0.133   -0.942  0.049   1.00 65.95  ? 91  ILE A CA  1 
ATOM 618  C C   . ILE A 1 91  ? -0.074  -0.843  1.564   1.00 67.10  ? 91  ILE A C   1 
ATOM 619  O O   . ILE A 1 91  ? -1.048  -0.224  2.013   1.00 69.62  ? 91  ILE A O   1 
ATOM 620  C CB  . ILE A 1 91  ? 0.065   0.442   -0.614  1.00 64.13  ? 91  ILE A CB  1 
ATOM 621  C CG1 . ILE A 1 91  ? -0.226  0.283   -2.103  1.00 64.98  ? 91  ILE A CG1 1 
ATOM 622  C CG2 . ILE A 1 91  ? 1.393   1.175   -0.437  1.00 67.24  ? 91  ILE A CG2 1 
ATOM 623  C CD1 . ILE A 1 91  ? 0.068   1.526   -2.957  1.00 66.46  ? 91  ILE A CD1 1 
ATOM 624  N N   . PRO A 1 92  ? 0.794   -1.442  2.380   1.00 67.68  ? 92  PRO A N   1 
ATOM 625  C CA  . PRO A 1 92  ? 0.691   -1.273  3.838   1.00 68.36  ? 92  PRO A CA  1 
ATOM 626  C C   . PRO A 1 92  ? 1.026   0.149   4.251   1.00 66.82  ? 92  PRO A C   1 
ATOM 627  O O   . PRO A 1 92  ? 1.504   0.968   3.465   1.00 65.31  ? 92  PRO A O   1 
ATOM 628  C CB  . PRO A 1 92  ? 1.719   -2.257  4.400   1.00 66.64  ? 92  PRO A CB  1 
ATOM 629  C CG  . PRO A 1 92  ? 1.985   -3.209  3.270   1.00 67.78  ? 92  PRO A CG  1 
ATOM 630  C CD  . PRO A 1 92  ? 1.841   -2.404  2.014   1.00 66.43  ? 92  PRO A CD  1 
ATOM 631  N N   . SER A 1 93  ? 0.759   0.441   5.520   1.00 70.34  ? 93  SER A N   1 
ATOM 632  C CA  . SER A 1 93  ? 0.986   1.784   6.047   1.00 70.16  ? 93  SER A CA  1 
ATOM 633  C C   . SER A 1 93  ? 2.477   2.081   6.018   1.00 71.61  ? 93  SER A C   1 
ATOM 634  O O   . SER A 1 93  ? 3.244   1.514   6.801   1.00 76.27  ? 93  SER A O   1 
ATOM 635  C CB  . SER A 1 93  ? 0.427   1.905   7.463   1.00 68.53  ? 93  SER A CB  1 
ATOM 636  O OG  . SER A 1 93  ? 0.133   3.257   7.762   1.00 71.22  ? 93  SER A OG  1 
ATOM 637  N N   . CYS A 1 94  ? 2.901   2.957   5.112   1.00 72.22  ? 94  CYS A N   1 
ATOM 638  C CA  . CYS A 1 94  ? 4.330   3.190   4.880   1.00 73.42  ? 94  CYS A CA  1 
ATOM 639  C C   . CYS A 1 94  ? 4.693   4.654   5.070   1.00 75.79  ? 94  CYS A C   1 
ATOM 640  O O   . CYS A 1 94  ? 4.491   5.471   4.153   1.00 73.06  ? 94  CYS A O   1 
ATOM 641  C CB  . CYS A 1 94  ? 4.737   2.721   3.486   1.00 70.75  ? 94  CYS A CB  1 
ATOM 642  S SG  . CYS A 1 94  ? 4.761   0.930   3.314   1.00 75.07  ? 94  CYS A SG  1 
ATOM 643  N N   . PRO A 1 95  ? 5.211   5.040   6.236   1.00 75.36  ? 95  PRO A N   1 
ATOM 644  C CA  . PRO A 1 95  ? 5.667   6.431   6.411   1.00 73.68  ? 95  PRO A CA  1 
ATOM 645  C C   . PRO A 1 95  ? 6.610   6.912   5.315   1.00 78.40  ? 95  PRO A C   1 
ATOM 646  O O   . PRO A 1 95  ? 6.482   8.055   4.861   1.00 87.40  ? 95  PRO A O   1 
ATOM 647  C CB  . PRO A 1 95  ? 6.353   6.394   7.784   1.00 69.07  ? 95  PRO A CB  1 
ATOM 648  C CG  . PRO A 1 95  ? 5.660   5.289   8.516   1.00 68.45  ? 95  PRO A CG  1 
ATOM 649  C CD  . PRO A 1 95  ? 5.239   4.270   7.491   1.00 73.44  ? 95  PRO A CD  1 
ATOM 650  N N   . GLY A 1 96  ? 7.538   6.070   4.857   1.00 73.03  ? 96  GLY A N   1 
ATOM 651  C CA  . GLY A 1 96  ? 8.413   6.457   3.757   1.00 76.28  ? 96  GLY A CA  1 
ATOM 652  C C   . GLY A 1 96  ? 7.728   6.628   2.410   1.00 78.10  ? 96  GLY A C   1 
ATOM 653  O O   . GLY A 1 96  ? 8.385   7.067   1.456   1.00 86.23  ? 96  GLY A O   1 
ATOM 654  N N   . ALA A 1 97  ? 6.434   6.311   2.312   1.00 74.05  ? 97  ALA A N   1 
ATOM 655  C CA  . ALA A 1 97  ? 5.743   6.371   1.028   1.00 79.09  ? 97  ALA A CA  1 
ATOM 656  C C   . ALA A 1 97  ? 5.952   7.700   0.325   1.00 85.87  ? 97  ALA A C   1 
ATOM 657  O O   . ALA A 1 97  ? 5.982   7.751   -0.909  1.00 88.77  ? 97  ALA A O   1 
ATOM 658  C CB  . ALA A 1 97  ? 4.245   6.131   1.209   1.00 74.32  ? 97  ALA A CB  1 
ATOM 659  N N   . LEU A 1 98  ? 6.110   8.782   1.082   1.00 80.79  ? 98  LEU A N   1 
ATOM 660  C CA  . LEU A 1 98  ? 6.141   10.116  0.495   1.00 87.46  ? 98  LEU A CA  1 
ATOM 661  C C   . LEU A 1 98  ? 7.507   10.525  -0.055  1.00 87.54  ? 98  LEU A C   1 
ATOM 662  O O   . LEU A 1 98  ? 7.587   11.536  -0.766  1.00 98.65  ? 98  LEU A O   1 
ATOM 663  C CB  . LEU A 1 98  ? 5.658   11.144  1.518   1.00 92.88  ? 98  LEU A CB  1 
ATOM 664  C CG  . LEU A 1 98  ? 4.211   10.844  1.910   1.00 102.25 ? 98  LEU A CG  1 
ATOM 665  C CD1 . LEU A 1 98  ? 4.130   10.099  3.250   1.00 105.30 ? 98  LEU A CD1 1 
ATOM 666  C CD2 . LEU A 1 98  ? 3.362   12.107  1.914   1.00 104.68 ? 98  LEU A CD2 1 
ATOM 667  N N   . THR A 1 99  ? 8.573   9.781   0.243   1.00 82.51  ? 99  THR A N   1 
ATOM 668  C CA  . THR A 1 99  ? 9.812   9.964   -0.505  1.00 83.34  ? 99  THR A CA  1 
ATOM 669  C C   . THR A 1 99  ? 9.965   8.930   -1.611  1.00 85.29  ? 99  THR A C   1 
ATOM 670  O O   . THR A 1 99  ? 10.448  9.252   -2.699  1.00 76.72  ? 99  THR A O   1 
ATOM 671  C CB  . THR A 1 99  ? 11.045  9.910   0.421   1.00 84.69  ? 99  THR A CB  1 
ATOM 672  O OG1 . THR A 1 99  ? 11.447  8.552   0.634   1.00 87.99  ? 99  THR A OG1 1 
ATOM 673  C CG2 . THR A 1 99  ? 10.760  10.577  1.782   1.00 80.06  ? 99  THR A CG2 1 
ATOM 674  N N   . ASP A 1 100 ? 9.515   7.706   -1.363  1.00 84.46  ? 100 ASP A N   1 
ATOM 675  C CA  . ASP A 1 100 ? 9.704   6.580   -2.267  1.00 79.31  ? 100 ASP A CA  1 
ATOM 676  C C   . ASP A 1 100 ? 8.610   6.508   -3.326  1.00 76.48  ? 100 ASP A C   1 
ATOM 677  O O   . ASP A 1 100 ? 8.892   6.574   -4.528  1.00 82.97  ? 100 ASP A O   1 
ATOM 678  C CB  . ASP A 1 100 ? 9.710   5.285   -1.452  1.00 83.51  ? 100 ASP A CB  1 
ATOM 679  C CG  . ASP A 1 100 ? 10.894  4.422   -1.745  1.00 90.99  ? 100 ASP A CG  1 
ATOM 680  O OD1 . ASP A 1 100 ? 11.746  4.846   -2.547  1.00 105.92 ? 100 ASP A OD1 1 
ATOM 681  O OD2 . ASP A 1 100 ? 10.974  3.318   -1.172  1.00 92.28  ? 100 ASP A OD2 1 
ATOM 682  N N   . LEU A 1 101 ? 7.357   6.361   -2.890  1.00 83.86  ? 101 LEU A N   1 
ATOM 683  C CA  . LEU A 1 101 ? 6.273   5.887   -3.742  1.00 80.19  ? 101 LEU A CA  1 
ATOM 684  C C   . LEU A 1 101 ? 5.397   6.997   -4.306  1.00 86.09  ? 101 LEU A C   1 
ATOM 685  O O   . LEU A 1 101 ? 4.943   6.892   -5.448  1.00 92.38  ? 101 LEU A O   1 
ATOM 686  C CB  . LEU A 1 101 ? 5.389   4.909   -2.965  1.00 71.45  ? 101 LEU A CB  1 
ATOM 687  C CG  . LEU A 1 101 ? 6.033   3.751   -2.203  1.00 64.53  ? 101 LEU A CG  1 
ATOM 688  C CD1 . LEU A 1 101 ? 4.944   2.946   -1.501  1.00 66.95  ? 101 LEU A CD1 1 
ATOM 689  C CD2 . LEU A 1 101 ? 6.833   2.860   -3.106  1.00 61.70  ? 101 LEU A CD2 1 
ATOM 690  N N   . ALA A 1 102 ? 5.125   8.052   -3.537  1.00 81.47  ? 102 ALA A N   1 
ATOM 691  C CA  . ALA A 1 102 ? 4.281   9.135   -4.037  1.00 90.96  ? 102 ALA A CA  1 
ATOM 692  C C   . ALA A 1 102 ? 4.907   9.898   -5.199  1.00 96.95  ? 102 ALA A C   1 
ATOM 693  O O   . ALA A 1 102 ? 4.274   10.825  -5.718  1.00 99.71  ? 102 ALA A O   1 
ATOM 694  C CB  . ALA A 1 102 ? 3.950   10.108  -2.906  1.00 96.62  ? 102 ALA A CB  1 
ATOM 695  N N   . SER A 1 103 ? 6.128   9.535   -5.608  1.00 97.58  ? 103 SER A N   1 
ATOM 696  C CA  . SER A 1 103 ? 6.804   10.144  -6.748  1.00 98.41  ? 103 SER A CA  1 
ATOM 697  C C   . SER A 1 103 ? 7.327   9.088   -7.721  1.00 91.87  ? 103 SER A C   1 
ATOM 698  O O   . SER A 1 103 ? 8.198   9.387   -8.543  1.00 85.66  ? 103 SER A O   1 
ATOM 699  C CB  . SER A 1 103 ? 7.952   11.045  -6.277  1.00 104.94 ? 103 SER A CB  1 
ATOM 700  O OG  . SER A 1 103 ? 7.476   12.094  -5.447  1.00 111.70 ? 103 SER A OG  1 
ATOM 701  N N   . SER A 1 104 ? 6.806   7.862   -7.649  1.00 95.70  ? 104 SER A N   1 
ATOM 702  C CA  . SER A 1 104 ? 7.286   6.745   -8.460  1.00 84.39  ? 104 SER A CA  1 
ATOM 703  C C   . SER A 1 104 ? 6.473   6.670   -9.746  1.00 82.15  ? 104 SER A C   1 
ATOM 704  O O   . SER A 1 104 ? 5.275   6.354   -9.713  1.00 80.21  ? 104 SER A O   1 
ATOM 705  C CB  . SER A 1 104 ? 7.185   5.435   -7.682  1.00 79.99  ? 104 SER A CB  1 
ATOM 706  O OG  . SER A 1 104 ? 7.203   4.318   -8.555  1.00 78.28  ? 104 SER A OG  1 
ATOM 707  N N   . GLY A 1 105 ? 7.122   6.956   -10.880 1.00 74.47  ? 105 GLY A N   1 
ATOM 708  C CA  . GLY A 1 105 ? 6.436   6.844   -12.154 1.00 72.12  ? 105 GLY A CA  1 
ATOM 709  C C   . GLY A 1 105 ? 6.103   5.408   -12.496 1.00 77.92  ? 105 GLY A C   1 
ATOM 710  O O   . GLY A 1 105 ? 5.114   5.137   -13.205 1.00 82.29  ? 105 GLY A O   1 
ATOM 711  N N   . SER A 1 106 ? 6.903   4.468   -11.975 1.00 73.12  ? 106 SER A N   1 
ATOM 712  C CA  . SER A 1 106 ? 6.608   3.052   -12.164 1.00 74.01  ? 106 SER A CA  1 
ATOM 713  C C   . SER A 1 106 ? 5.284   2.672   -11.497 1.00 77.93  ? 106 SER A C   1 
ATOM 714  O O   . SER A 1 106 ? 4.419   2.026   -12.109 1.00 84.11  ? 106 SER A O   1 
ATOM 715  C CB  . SER A 1 106 ? 7.761   2.218   -11.614 1.00 75.85  ? 106 SER A CB  1 
ATOM 716  O OG  . SER A 1 106 ? 7.695   0.892   -12.104 1.00 83.04  ? 106 SER A OG  1 
ATOM 717  N N   . LEU A 1 107 ? 5.102   3.074   -10.241 1.00 74.99  ? 107 LEU A N   1 
ATOM 718  C CA  . LEU A 1 107 ? 3.852   2.781   -9.560  1.00 72.01  ? 107 LEU A CA  1 
ATOM 719  C C   . LEU A 1 107 ? 2.693   3.474   -10.250 1.00 81.03  ? 107 LEU A C   1 
ATOM 720  O O   . LEU A 1 107 ? 1.604   2.908   -10.346 1.00 79.43  ? 107 LEU A O   1 
ATOM 721  C CB  . LEU A 1 107 ? 3.929   3.202   -8.089  1.00 69.03  ? 107 LEU A CB  1 
ATOM 722  C CG  . LEU A 1 107 ? 2.752   2.777   -7.206  1.00 67.11  ? 107 LEU A CG  1 
ATOM 723  C CD1 . LEU A 1 107 ? 2.599   1.261   -7.216  1.00 62.55  ? 107 LEU A CD1 1 
ATOM 724  C CD2 . LEU A 1 107 ? 2.936   3.269   -5.760  1.00 70.15  ? 107 LEU A CD2 1 
ATOM 725  N N   . ALA A 1 108 ? 2.900   4.698   -10.742 1.00 79.68  ? 108 ALA A N   1 
ATOM 726  C CA  . ALA A 1 108 ? 1.793   5.386   -11.395 1.00 75.25  ? 108 ALA A CA  1 
ATOM 727  C C   . ALA A 1 108 ? 1.367   4.660   -12.662 1.00 79.23  ? 108 ALA A C   1 
ATOM 728  O O   . ALA A 1 108 ? 0.177   4.663   -13.013 1.00 85.10  ? 108 ALA A O   1 
ATOM 729  C CB  . ALA A 1 108 ? 2.170   6.833   -11.703 1.00 71.39  ? 108 ALA A CB  1 
ATOM 730  N N   . ARG A 1 109 ? 2.312   4.030   -13.368 1.00 70.39  ? 109 ARG A N   1 
ATOM 731  C CA  . ARG A 1 109 ? 1.896   3.231   -14.519 1.00 70.91  ? 109 ARG A CA  1 
ATOM 732  C C   . ARG A 1 109 ? 1.151   1.971   -14.076 1.00 69.56  ? 109 ARG A C   1 
ATOM 733  O O   . ARG A 1 109 ? 0.121   1.617   -14.671 1.00 75.66  ? 109 ARG A O   1 
ATOM 734  C CB  . ARG A 1 109 ? 3.108   2.902   -15.397 1.00 72.74  ? 109 ARG A CB  1 
ATOM 735  C CG  . ARG A 1 109 ? 3.689   4.150   -16.080 1.00 85.65  ? 109 ARG A CG  1 
ATOM 736  C CD  . ARG A 1 109 ? 5.040   3.932   -16.766 1.00 101.15 ? 109 ARG A CD  1 
ATOM 737  N NE  . ARG A 1 109 ? 5.934   5.063   -16.513 1.00 121.41 ? 109 ARG A NE  1 
ATOM 738  C CZ  . ARG A 1 109 ? 7.076   4.977   -15.837 1.00 121.40 ? 109 ARG A CZ  1 
ATOM 739  N NH1 . ARG A 1 109 ? 7.821   6.057   -15.642 1.00 126.49 ? 109 ARG A NH1 1 
ATOM 740  N NH2 . ARG A 1 109 ? 7.488   3.806   -15.374 1.00 121.90 ? 109 ARG A NH2 1 
ATOM 741  N N   . ILE A 1 110 ? 1.616   1.309   -13.002 1.00 65.41  ? 110 ILE A N   1 
ATOM 742  C CA  . ILE A 1 110 ? 0.912   0.109   -12.547 1.00 68.77  ? 110 ILE A CA  1 
ATOM 743  C C   . ILE A 1 110 ? -0.481  0.459   -12.015 1.00 67.96  ? 110 ILE A C   1 
ATOM 744  O O   . ILE A 1 110 ? -1.460  -0.265  -12.256 1.00 67.33  ? 110 ILE A O   1 
ATOM 745  C CB  . ILE A 1 110 ? 1.745   -0.644  -11.499 1.00 70.22  ? 110 ILE A CB  1 
ATOM 746  C CG1 . ILE A 1 110 ? 3.144   -0.957  -12.054 1.00 72.89  ? 110 ILE A CG1 1 
ATOM 747  C CG2 . ILE A 1 110 ? 1.032   -1.924  -11.097 1.00 66.19  ? 110 ILE A CG2 1 
ATOM 748  C CD1 . ILE A 1 110 ? 4.085   -1.604  -11.039 1.00 68.88  ? 110 ILE A CD1 1 
ATOM 749  N N   . LEU A 1 111 ? -0.598  1.578   -11.304 1.00 70.95  ? 111 LEU A N   1 
ATOM 750  C CA  . LEU A 1 111 ? -1.897  2.023   -10.818 1.00 72.96  ? 111 LEU A CA  1 
ATOM 751  C C   . LEU A 1 111 ? -2.813  2.405   -11.965 1.00 79.02  ? 111 LEU A C   1 
ATOM 752  O O   . LEU A 1 111 ? -4.020  2.138   -11.910 1.00 82.90  ? 111 LEU A O   1 
ATOM 753  C CB  . LEU A 1 111 ? -1.740  3.205   -9.867  1.00 71.88  ? 111 LEU A CB  1 
ATOM 754  C CG  . LEU A 1 111 ? -1.158  2.927   -8.483  1.00 69.88  ? 111 LEU A CG  1 
ATOM 755  C CD1 . LEU A 1 111 ? -1.279  4.172   -7.627  1.00 74.57  ? 111 LEU A CD1 1 
ATOM 756  C CD2 . LEU A 1 111 ? -1.834  1.744   -7.821  1.00 63.21  ? 111 LEU A CD2 1 
ATOM 757  N N   . GLN A 1 112 ? -2.278  3.056   -13.002 1.00 73.42  ? 112 GLN A N   1 
ATOM 758  C CA  . GLN A 1 112 ? -3.140  3.403   -14.129 1.00 73.83  ? 112 GLN A CA  1 
ATOM 759  C C   . GLN A 1 112 ? -3.678  2.145   -14.795 1.00 72.94  ? 112 GLN A C   1 
ATOM 760  O O   . GLN A 1 112 ? -4.856  2.092   -15.180 1.00 69.52  ? 112 GLN A O   1 
ATOM 761  C CB  . GLN A 1 112 ? -2.397  4.296   -15.119 1.00 86.66  ? 112 GLN A CB  1 
ATOM 762  C CG  . GLN A 1 112 ? -2.522  5.778   -14.779 1.00 101.58 ? 112 GLN A CG  1 
ATOM 763  C CD  . GLN A 1 112 ? -1.370  6.600   -15.312 1.00 117.31 ? 112 GLN A CD  1 
ATOM 764  O OE1 . GLN A 1 112 ? -0.516  6.090   -16.036 1.00 133.38 ? 112 GLN A OE1 1 
ATOM 765  N NE2 . GLN A 1 112 ? -1.333  7.880   -14.951 1.00 120.35 ? 112 GLN A NE2 1 
ATOM 766  N N   . HIS A 1 113 ? -2.847  1.098   -14.882 1.00 74.24  ? 113 HIS A N   1 
ATOM 767  C CA  . HIS A 1 113 ? -3.349  -0.208  -15.311 1.00 68.02  ? 113 HIS A CA  1 
ATOM 768  C C   . HIS A 1 113 ? -4.478  -0.697  -14.408 1.00 73.60  ? 113 HIS A C   1 
ATOM 769  O O   . HIS A 1 113 ? -5.569  -1.033  -14.889 1.00 78.09  ? 113 HIS A O   1 
ATOM 770  C CB  . HIS A 1 113 ? -2.222  -1.236  -15.329 1.00 58.14  ? 113 HIS A CB  1 
ATOM 771  C CG  . HIS A 1 113 ? -2.688  -2.623  -15.636 1.00 65.35  ? 113 HIS A CG  1 
ATOM 772  N ND1 . HIS A 1 113 ? -3.434  -2.923  -16.757 1.00 67.23  ? 113 HIS A ND1 1 
ATOM 773  C CD2 . HIS A 1 113 ? -2.519  -3.794  -14.974 1.00 69.24  ? 113 HIS A CD2 1 
ATOM 774  C CE1 . HIS A 1 113 ? -3.706  -4.216  -16.771 1.00 67.62  ? 113 HIS A CE1 1 
ATOM 775  N NE2 . HIS A 1 113 ? -3.159  -4.768  -15.703 1.00 69.97  ? 113 HIS A NE2 1 
ATOM 776  N N   . PHE A 1 114 ? -4.229  -0.744  -13.088 1.00 72.85  ? 114 PHE A N   1 
ATOM 777  C CA  . PHE A 1 114 ? -5.197  -1.326  -12.161 1.00 70.52  ? 114 PHE A CA  1 
ATOM 778  C C   . PHE A 1 114 ? -6.531  -0.594  -12.219 1.00 73.94  ? 114 PHE A C   1 
ATOM 779  O O   . PHE A 1 114 ? -7.598  -1.226  -12.271 1.00 66.26  ? 114 PHE A O   1 
ATOM 780  C CB  . PHE A 1 114 ? -4.638  -1.314  -10.738 1.00 71.22  ? 114 PHE A CB  1 
ATOM 781  C CG  . PHE A 1 114 ? -3.922  -2.587  -10.350 1.00 68.44  ? 114 PHE A CG  1 
ATOM 782  C CD1 . PHE A 1 114 ? -2.706  -2.917  -10.915 1.00 63.20  ? 114 PHE A CD1 1 
ATOM 783  C CD2 . PHE A 1 114 ? -4.464  -3.444  -9.399  1.00 58.75  ? 114 PHE A CD2 1 
ATOM 784  C CE1 . PHE A 1 114 ? -2.052  -4.082  -10.562 1.00 61.81  ? 114 PHE A CE1 1 
ATOM 785  C CE2 . PHE A 1 114 ? -3.802  -4.618  -9.039  1.00 49.04  ? 114 PHE A CE2 1 
ATOM 786  C CZ  . PHE A 1 114 ? -2.602  -4.934  -9.631  1.00 54.63  ? 114 PHE A CZ  1 
ATOM 787  N N   . HIS A 1 115 ? -6.492  0.742   -12.235 1.00 74.38  ? 115 HIS A N   1 
ATOM 788  C CA  . HIS A 1 115 ? -7.720  1.519   -12.354 1.00 74.74  ? 115 HIS A CA  1 
ATOM 789  C C   . HIS A 1 115 ? -8.398  1.300   -13.708 1.00 78.49  ? 115 HIS A C   1 
ATOM 790  O O   . HIS A 1 115 ? -9.631  1.267   -13.788 1.00 74.79  ? 115 HIS A O   1 
ATOM 791  C CB  . HIS A 1 115 ? -7.423  3.000   -12.134 1.00 78.19  ? 115 HIS A CB  1 
ATOM 792  C CG  . HIS A 1 115 ? -8.557  3.902   -12.512 1.00 86.18  ? 115 HIS A CG  1 
ATOM 793  N ND1 . HIS A 1 115 ? -8.496  4.773   -13.579 1.00 86.64  ? 115 HIS A ND1 1 
ATOM 794  C CD2 . HIS A 1 115 ? -9.793  4.052   -11.977 1.00 87.50  ? 115 HIS A CD2 1 
ATOM 795  C CE1 . HIS A 1 115 ? -9.639  5.429   -13.676 1.00 86.91  ? 115 HIS A CE1 1 
ATOM 796  N NE2 . HIS A 1 115 ? -10.444 5.010   -12.717 1.00 85.18  ? 115 HIS A NE2 1 
ATOM 797  N N   . SER A 1 116 ? -7.617  1.142   -14.785 1.00 78.36  ? 116 SER A N   1 
ATOM 798  C CA  . SER A 1 116 ? -8.233  0.980   -16.104 1.00 79.08  ? 116 SER A CA  1 
ATOM 799  C C   . SER A 1 116 ? -8.971  -0.354  -16.218 1.00 73.39  ? 116 SER A C   1 
ATOM 800  O O   . SER A 1 116 ? -10.078 -0.409  -16.764 1.00 78.62  ? 116 SER A O   1 
ATOM 801  C CB  . SER A 1 116 ? -7.183  1.113   -17.205 1.00 88.20  ? 116 SER A CB  1 
ATOM 802  O OG  . SER A 1 116 ? -6.607  -0.141  -17.525 1.00 95.85  ? 116 SER A OG  1 
ATOM 803  N N   . GLU A 1 117 ? -8.381  -1.435  -15.707 1.00 76.42  ? 117 GLU A N   1 
ATOM 804  C CA  . GLU A 1 117 ? -9.031  -2.740  -15.648 1.00 76.95  ? 117 GLU A CA  1 
ATOM 805  C C   . GLU A 1 117 ? -9.880  -2.922  -14.392 1.00 73.92  ? 117 GLU A C   1 
ATOM 806  O O   . GLU A 1 117 ? -10.364 -4.032  -14.140 1.00 61.99  ? 117 GLU A O   1 
ATOM 807  C CB  . GLU A 1 117 ? -7.988  -3.858  -15.715 1.00 82.85  ? 117 GLU A CB  1 
ATOM 808  C CG  . GLU A 1 117 ? -7.057  -3.792  -16.901 1.00 89.63  ? 117 GLU A CG  1 
ATOM 809  C CD  . GLU A 1 117 ? -7.505  -4.678  -18.043 1.00 102.56 ? 117 GLU A CD  1 
ATOM 810  O OE1 . GLU A 1 117 ? -8.415  -4.267  -18.792 1.00 107.38 ? 117 GLU A OE1 1 
ATOM 811  O OE2 . GLU A 1 117 ? -6.952  -5.790  -18.185 1.00 106.17 ? 117 GLU A OE2 1 
ATOM 812  N N   . SER A 1 118 ? -10.053 -1.864  -13.595 1.00 88.63  ? 118 SER A N   1 
ATOM 813  C CA  . SER A 1 118 ? -10.873 -1.890  -12.382 1.00 80.08  ? 118 SER A CA  1 
ATOM 814  C C   . SER A 1 118 ? -10.472 -3.039  -11.457 1.00 70.92  ? 118 SER A C   1 
ATOM 815  O O   . SER A 1 118 ? -11.298 -3.840  -11.014 1.00 64.88  ? 118 SER A O   1 
ATOM 816  C CB  . SER A 1 118 ? -12.358 -1.954  -12.734 1.00 82.49  ? 118 SER A CB  1 
ATOM 817  O OG  . SER A 1 118 ? -12.892 -0.642  -12.818 1.00 83.17  ? 118 SER A OG  1 
ATOM 818  N N   . LYS A 1 119 ? -9.164  -3.116  -11.165 1.00 67.37  ? 119 LYS A N   1 
ATOM 819  C CA  . LYS A 1 119 ? -8.727  -4.230  -10.339 1.00 67.84  ? 119 LYS A CA  1 
ATOM 820  C C   . LYS A 1 119 ? -8.581  -3.779  -8.888  1.00 64.61  ? 119 LYS A C   1 
ATOM 821  O O   . LYS A 1 119 ? -8.357  -2.592  -8.624  1.00 61.86  ? 119 LYS A O   1 
ATOM 822  C CB  . LYS A 1 119 ? -7.400  -4.789  -10.847 1.00 62.67  ? 119 LYS A CB  1 
ATOM 823  C CG  . LYS A 1 119 ? -7.372  -4.968  -12.339 1.00 62.87  ? 119 LYS A CG  1 
ATOM 824  C CD  . LYS A 1 119 ? -6.549  -6.175  -12.737 1.00 61.84  ? 119 LYS A CD  1 
ATOM 825  C CE  . LYS A 1 119 ? -5.063  -5.870  -12.696 1.00 64.53  ? 119 LYS A CE  1 
ATOM 826  N NZ  . LYS A 1 119 ? -4.309  -7.068  -13.125 1.00 71.36  ? 119 LYS A NZ  1 
ATOM 827  N N   . PRO A 1 120 ? -8.710  -4.699  -7.931  1.00 71.42  ? 120 PRO A N   1 
ATOM 828  C CA  . PRO A 1 120 ? -8.721  -4.301  -6.516  1.00 67.03  ? 120 PRO A CA  1 
ATOM 829  C C   . PRO A 1 120 ? -7.411  -3.651  -6.089  1.00 63.23  ? 120 PRO A C   1 
ATOM 830  O O   . PRO A 1 120 ? -6.333  -4.230  -6.231  1.00 66.37  ? 120 PRO A O   1 
ATOM 831  C CB  . PRO A 1 120 ? -8.958  -5.626  -5.778  1.00 61.20  ? 120 PRO A CB  1 
ATOM 832  C CG  . PRO A 1 120 ? -9.577  -6.528  -6.785  1.00 64.51  ? 120 PRO A CG  1 
ATOM 833  C CD  . PRO A 1 120 ? -8.982  -6.140  -8.099  1.00 69.17  ? 120 PRO A CD  1 
ATOM 834  N N   . ILE A 1 121 ? -7.525  -2.436  -5.561  1.00 57.73  ? 121 ILE A N   1 
ATOM 835  C CA  . ILE A 1 121 ? -6.426  -1.698  -4.952  1.00 67.72  ? 121 ILE A CA  1 
ATOM 836  C C   . ILE A 1 121 ? -6.748  -1.522  -3.472  1.00 71.58  ? 121 ILE A C   1 
ATOM 837  O O   . ILE A 1 121 ? -7.864  -1.122  -3.124  1.00 68.36  ? 121 ILE A O   1 
ATOM 838  C CB  . ILE A 1 121 ? -6.227  -0.334  -5.641  1.00 65.86  ? 121 ILE A CB  1 
ATOM 839  C CG1 . ILE A 1 121 ? -6.003  -0.535  -7.148  1.00 62.00  ? 121 ILE A CG1 1 
ATOM 840  C CG2 . ILE A 1 121 ? -5.101  0.457   -4.966  1.00 63.59  ? 121 ILE A CG2 1 
ATOM 841  C CD1 . ILE A 1 121 ? -5.997  0.746   -7.979  1.00 60.18  ? 121 ILE A CD1 1 
ATOM 842  N N   . CYS A 1 122 ? -5.786  -1.828  -2.599  1.00 68.74  ? 122 CYS A N   1 
ATOM 843  C CA  . CYS A 1 122 ? -5.944  -1.592  -1.164  1.00 69.78  ? 122 CYS A CA  1 
ATOM 844  C C   . CYS A 1 122 ? -4.740  -0.829  -0.637  1.00 69.13  ? 122 CYS A C   1 
ATOM 845  O O   . CYS A 1 122 ? -3.607  -1.300  -0.774  1.00 72.75  ? 122 CYS A O   1 
ATOM 846  C CB  . CYS A 1 122 ? -6.104  -2.898  -0.381  1.00 67.08  ? 122 CYS A CB  1 
ATOM 847  S SG  . CYS A 1 122 ? -6.218  -2.597  1.416   1.00 61.40  ? 122 CYS A SG  1 
ATOM 848  N N   . ALA A 1 123 ? -4.987  0.323   -0.003  1.00 72.24  ? 123 ALA A N   1 
ATOM 849  C CA  . ALA A 1 123 ? -3.921  1.146   0.564   1.00 71.38  ? 123 ALA A CA  1 
ATOM 850  C C   . ALA A 1 123 ? -4.301  1.585   1.968   1.00 66.70  ? 123 ALA A C   1 
ATOM 851  O O   . ALA A 1 123 ? -5.395  2.118   2.178   1.00 64.56  ? 123 ALA A O   1 
ATOM 852  C CB  . ALA A 1 123 ? -3.637  2.370   -0.308  1.00 79.97  ? 123 ALA A CB  1 
ATOM 853  N N   . VAL A 1 124 ? -3.403  1.363   2.920   1.00 65.22  ? 124 VAL A N   1 
ATOM 854  C CA  . VAL A 1 124 ? -3.677  1.567   4.336   1.00 69.66  ? 124 VAL A CA  1 
ATOM 855  C C   . VAL A 1 124 ? -2.818  2.711   4.848   1.00 72.06  ? 124 VAL A C   1 
ATOM 856  O O   . VAL A 1 124 ? -1.603  2.740   4.607   1.00 68.62  ? 124 VAL A O   1 
ATOM 857  C CB  . VAL A 1 124 ? -3.395  0.290   5.152   1.00 67.76  ? 124 VAL A CB  1 
ATOM 858  C CG1 . VAL A 1 124 ? -3.637  0.536   6.638   1.00 59.63  ? 124 VAL A CG1 1 
ATOM 859  C CG2 . VAL A 1 124 ? -4.237  -0.854  4.638   1.00 75.28  ? 124 VAL A CG2 1 
ATOM 860  N N   . GLY A 1 125 ? -3.449  3.643   5.567   1.00 74.53  ? 125 GLY A N   1 
ATOM 861  C CA  . GLY A 1 125 ? -2.724  4.664   6.303   1.00 77.39  ? 125 GLY A CA  1 
ATOM 862  C C   . GLY A 1 125 ? -1.726  5.429   5.464   1.00 75.05  ? 125 GLY A C   1 
ATOM 863  O O   . GLY A 1 125 ? -2.089  5.983   4.425   1.00 70.30  ? 125 GLY A O   1 
ATOM 864  N N   . HIS A 1 126 ? -0.460  5.444   5.886   1.00 83.52  ? 126 HIS A N   1 
ATOM 865  C CA  . HIS A 1 126 ? 0.559   6.172   5.131   1.00 81.15  ? 126 HIS A CA  1 
ATOM 866  C C   . HIS A 1 126 ? 0.730   5.629   3.717   1.00 80.32  ? 126 HIS A C   1 
ATOM 867  O O   . HIS A 1 126 ? 1.086   6.386   2.806   1.00 80.36  ? 126 HIS A O   1 
ATOM 868  C CB  . HIS A 1 126 ? 1.888   6.150   5.883   1.00 75.23  ? 126 HIS A CB  1 
ATOM 869  C CG  . HIS A 1 126 ? 1.893   7.033   7.085   1.00 81.27  ? 126 HIS A CG  1 
ATOM 870  N ND1 . HIS A 1 126 ? 1.698   6.550   8.361   1.00 84.30  ? 126 HIS A ND1 1 
ATOM 871  C CD2 . HIS A 1 126 ? 2.017   8.375   7.202   1.00 82.43  ? 126 HIS A CD2 1 
ATOM 872  C CE1 . HIS A 1 126 ? 1.724   7.556   9.215   1.00 84.03  ? 126 HIS A CE1 1 
ATOM 873  N NE2 . HIS A 1 126 ? 1.915   8.674   8.537   1.00 82.92  ? 126 HIS A NE2 1 
ATOM 874  N N   . GLY A 1 127 ? 0.468   4.337   3.509   1.00 77.07  ? 127 GLY A N   1 
ATOM 875  C CA  . GLY A 1 127 ? 0.524   3.785   2.167   1.00 74.66  ? 127 GLY A CA  1 
ATOM 876  C C   . GLY A 1 127 ? -0.429  4.462   1.202   1.00 76.15  ? 127 GLY A C   1 
ATOM 877  O O   . GLY A 1 127 ? -0.203  4.446   -0.011  1.00 81.43  ? 127 GLY A O   1 
ATOM 878  N N   . VAL A 1 128 ? -1.506  5.060   1.721   1.00 74.01  ? 128 VAL A N   1 
ATOM 879  C CA  . VAL A 1 128 ? -2.440  5.796   0.875   1.00 71.84  ? 128 VAL A CA  1 
ATOM 880  C C   . VAL A 1 128 ? -1.731  6.932   0.156   1.00 79.56  ? 128 VAL A C   1 
ATOM 881  O O   . VAL A 1 128 ? -2.076  7.266   -0.983  1.00 85.87  ? 128 VAL A O   1 
ATOM 882  C CB  . VAL A 1 128 ? -3.628  6.308   1.717   1.00 63.84  ? 128 VAL A CB  1 
ATOM 883  C CG1 . VAL A 1 128 ? -4.532  7.213   0.885   1.00 53.22  ? 128 VAL A CG1 1 
ATOM 884  C CG2 . VAL A 1 128 ? -4.411  5.136   2.287   1.00 64.34  ? 128 VAL A CG2 1 
ATOM 885  N N   . ALA A 1 129 ? -0.726  7.540   0.800   1.00 81.98  ? 129 ALA A N   1 
ATOM 886  C CA  . ALA A 1 129 ? 0.059   8.581   0.139   1.00 81.19  ? 129 ALA A CA  1 
ATOM 887  C C   . ALA A 1 129 ? 0.640   8.092   -1.184  1.00 83.53  ? 129 ALA A C   1 
ATOM 888  O O   . ALA A 1 129 ? 0.720   8.859   -2.154  1.00 84.67  ? 129 ALA A O   1 
ATOM 889  C CB  . ALA A 1 129 ? 1.180   9.063   1.059   1.00 75.51  ? 129 ALA A CB  1 
ATOM 890  N N   . ALA A 1 130 ? 1.041   6.817   -1.243  1.00 75.60  ? 130 ALA A N   1 
ATOM 891  C CA  . ALA A 1 130 ? 1.618   6.255   -2.454  1.00 77.30  ? 130 ALA A CA  1 
ATOM 892  C C   . ALA A 1 130 ? 0.708   6.421   -3.658  1.00 87.43  ? 130 ALA A C   1 
ATOM 893  O O   . ALA A 1 130 ? 1.191   6.378   -4.794  1.00 104.79 ? 130 ALA A O   1 
ATOM 894  C CB  . ALA A 1 130 ? 1.926   4.778   -2.240  1.00 71.26  ? 130 ALA A CB  1 
ATOM 895  N N   . LEU A 1 131 ? -0.592  6.622   -3.435  1.00 91.53  ? 131 LEU A N   1 
ATOM 896  C CA  . LEU A 1 131 ? -1.542  6.776   -4.530  1.00 87.66  ? 131 LEU A CA  1 
ATOM 897  C C   . LEU A 1 131 ? -1.475  8.145   -5.195  1.00 92.72  ? 131 LEU A C   1 
ATOM 898  O O   . LEU A 1 131 ? -2.051  8.320   -6.273  1.00 93.31  ? 131 LEU A O   1 
ATOM 899  C CB  . LEU A 1 131 ? -2.965  6.533   -4.026  1.00 79.88  ? 131 LEU A CB  1 
ATOM 900  C CG  . LEU A 1 131 ? -3.344  5.172   -3.442  1.00 71.82  ? 131 LEU A CG  1 
ATOM 901  C CD1 . LEU A 1 131 ? -4.792  5.208   -3.032  1.00 71.72  ? 131 LEU A CD1 1 
ATOM 902  C CD2 . LEU A 1 131 ? -3.108  4.048   -4.435  1.00 66.35  ? 131 LEU A CD2 1 
ATOM 903  N N   . CYS A 1 132 ? -0.803  9.120   -4.581  1.00 94.02  ? 132 CYS A N   1 
ATOM 904  C CA  . CYS A 1 132 ? -0.712  10.454  -5.166  1.00 103.30 ? 132 CYS A CA  1 
ATOM 905  C C   . CYS A 1 132 ? 0.167   10.492  -6.409  1.00 105.61 ? 132 CYS A C   1 
ATOM 906  O O   . CYS A 1 132 ? 0.144   11.492  -7.133  1.00 112.23 ? 132 CYS A O   1 
ATOM 907  C CB  . CYS A 1 132 ? -0.189  11.447  -4.122  1.00 111.11 ? 132 CYS A CB  1 
ATOM 908  S SG  . CYS A 1 132 ? -1.381  11.825  -2.815  1.00 120.69 ? 132 CYS A SG  1 
ATOM 909  N N   . CYS A 1 133 ? 0.922   9.427   -6.678  1.00 102.33 ? 133 CYS A N   1 
ATOM 910  C CA  . CYS A 1 133 ? 1.808   9.390   -7.833  1.00 96.48  ? 133 CYS A CA  1 
ATOM 911  C C   . CYS A 1 133 ? 1.049   9.303   -9.153  1.00 98.55  ? 133 CYS A C   1 
ATOM 912  O O   . CYS A 1 133 ? 1.627   9.587   -10.210 1.00 94.13  ? 133 CYS A O   1 
ATOM 913  C CB  . CYS A 1 133 ? 2.759   8.196   -7.720  1.00 89.73  ? 133 CYS A CB  1 
ATOM 914  S SG  . CYS A 1 133 ? 1.945   6.565   -7.880  1.00 82.25  ? 133 CYS A SG  1 
ATOM 915  N N   . ALA A 1 134 ? -0.230  8.925   -9.116  1.00 99.77  ? 134 ALA A N   1 
ATOM 916  C CA  . ALA A 1 134 ? -0.966  8.551   -10.324 1.00 101.67 ? 134 ALA A CA  1 
ATOM 917  C C   . ALA A 1 134 ? -1.556  9.787   -10.998 1.00 115.22 ? 134 ALA A C   1 
ATOM 918  O O   . ALA A 1 134 ? -2.759  10.044  -10.954 1.00 114.81 ? 134 ALA A O   1 
ATOM 919  C CB  . ALA A 1 134 ? -2.052  7.540   -9.982  1.00 90.93  ? 134 ALA A CB  1 
ATOM 920  N N   . THR A 1 135 ? -0.689  10.547  -11.666 1.00 117.30 ? 135 THR A N   1 
ATOM 921  C CA  . THR A 1 135 ? -1.109  11.730  -12.403 1.00 121.15 ? 135 THR A CA  1 
ATOM 922  C C   . THR A 1 135 ? -1.430  11.348  -13.841 1.00 124.93 ? 135 THR A C   1 
ATOM 923  O O   . THR A 1 135 ? -0.630  10.681  -14.503 1.00 123.54 ? 135 THR A O   1 
ATOM 924  C CB  . THR A 1 135 ? -0.026  12.810  -12.376 1.00 124.30 ? 135 THR A CB  1 
ATOM 925  O OG1 . THR A 1 135 ? 1.247   12.227  -12.698 1.00 128.87 ? 135 THR A OG1 1 
ATOM 926  C CG2 . THR A 1 135 ? 0.048   13.462  -11.007 1.00 124.79 ? 135 THR A CG2 1 
ATOM 927  N N   . ASN A 1 136 ? -2.613  11.748  -14.308 1.00 126.47 ? 136 ASN A N   1 
ATOM 928  C CA  . ASN A 1 136 ? -2.957  11.613  -15.715 1.00 131.35 ? 136 ASN A CA  1 
ATOM 929  C C   . ASN A 1 136 ? -2.170  12.631  -16.536 1.00 145.36 ? 136 ASN A C   1 
ATOM 930  O O   . ASN A 1 136 ? -1.433  13.464  -15.998 1.00 146.69 ? 136 ASN A O   1 
ATOM 931  C CB  . ASN A 1 136 ? -4.457  11.813  -15.932 1.00 126.51 ? 136 ASN A CB  1 
ATOM 932  C CG  . ASN A 1 136 ? -5.275  10.577  -15.606 1.00 121.09 ? 136 ASN A CG  1 
ATOM 933  O OD1 . ASN A 1 136 ? -4.871  9.451   -15.900 1.00 121.05 ? 136 ASN A OD1 1 
ATOM 934  N ND2 . ASN A 1 136 ? -6.445  10.786  -15.008 1.00 117.67 ? 136 ASN A ND2 1 
ATOM 935  N N   . GLU A 1 137 ? -2.335  12.562  -17.861 1.00 140.92 ? 137 GLU A N   1 
ATOM 936  C CA  . GLU A 1 137 ? -1.682  13.528  -18.741 1.00 137.52 ? 137 GLU A CA  1 
ATOM 937  C C   . GLU A 1 137 ? -2.089  14.955  -18.390 1.00 133.51 ? 137 GLU A C   1 
ATOM 938  O O   . GLU A 1 137 ? -1.256  15.869  -18.397 1.00 130.58 ? 137 GLU A O   1 
ATOM 939  C CB  . GLU A 1 137 ? -2.017  13.224  -20.204 1.00 139.14 ? 137 GLU A CB  1 
ATOM 940  C CG  . GLU A 1 137 ? -1.716  11.796  -20.643 1.00 144.37 ? 137 GLU A CG  1 
ATOM 941  C CD  . GLU A 1 137 ? -2.869  10.845  -20.390 1.00 148.55 ? 137 GLU A CD  1 
ATOM 942  O OE1 . GLU A 1 137 ? -3.940  11.318  -19.956 1.00 150.40 ? 137 GLU A OE1 1 
ATOM 943  O OE2 . GLU A 1 137 ? -2.703  9.626   -20.625 1.00 150.74 ? 137 GLU A OE2 1 
ATOM 944  N N   . ASP A 1 138 ? -3.360  15.157  -18.060 1.00 129.73 ? 138 ASP A N   1 
ATOM 945  C CA  . ASP A 1 138 ? -3.904  16.444  -17.641 1.00 136.18 ? 138 ASP A CA  1 
ATOM 946  C C   . ASP A 1 138 ? -3.478  16.844  -16.253 1.00 141.29 ? 138 ASP A C   1 
ATOM 947  O O   . ASP A 1 138 ? -4.054  17.815  -15.741 1.00 139.52 ? 138 ASP A O   1 
ATOM 948  C CB  . ASP A 1 138 ? -5.433  16.420  -17.704 1.00 137.20 ? 138 ASP A CB  1 
ATOM 949  C CG  . ASP A 1 138 ? -6.035  15.240  -16.972 1.00 138.61 ? 138 ASP A CG  1 
ATOM 950  O OD1 . ASP A 1 138 ? -5.549  14.917  -15.871 1.00 139.14 ? 138 ASP A OD1 1 
ATOM 951  O OD2 . ASP A 1 138 ? -6.997  14.636  -17.486 1.00 139.33 ? 138 ASP A OD2 1 
ATOM 952  N N   . ARG A 1 139 ? -2.533  16.126  -15.646 1.00 140.87 ? 139 ARG A N   1 
ATOM 953  C CA  . ARG A 1 139 ? -2.051  16.384  -14.293 1.00 137.95 ? 139 ARG A CA  1 
ATOM 954  C C   . ARG A 1 139 ? -3.128  16.173  -13.233 1.00 129.33 ? 139 ARG A C   1 
ATOM 955  O O   . ARG A 1 139 ? -2.910  16.503  -12.064 1.00 128.40 ? 139 ARG A O   1 
ATOM 956  C CB  . ARG A 1 139 ? -1.455  17.794  -14.174 1.00 146.60 ? 139 ARG A CB  1 
ATOM 957  C CG  . ARG A 1 139 ? -0.124  17.865  -13.444 1.00 151.54 ? 139 ARG A CG  1 
ATOM 958  C CD  . ARG A 1 139 ? 0.350   19.305  -13.368 1.00 155.53 ? 139 ARG A CD  1 
ATOM 959  N NE  . ARG A 1 139 ? 1.468   19.483  -12.449 1.00 156.09 ? 139 ARG A NE  1 
ATOM 960  C CZ  . ARG A 1 139 ? 2.733   19.641  -12.826 1.00 156.47 ? 139 ARG A CZ  1 
ATOM 961  N NH1 . ARG A 1 139 ? 3.681   19.801  -11.911 1.00 156.53 ? 139 ARG A NH1 1 
ATOM 962  N NH2 . ARG A 1 139 ? 3.049   19.646  -14.115 1.00 156.46 ? 139 ARG A NH2 1 
ATOM 963  N N   . SER A 1 140 ? -4.291  15.643  -13.608 1.00 137.87 ? 140 SER A N   1 
ATOM 964  C CA  . SER A 1 140 ? -5.284  15.266  -12.614 1.00 131.35 ? 140 SER A CA  1 
ATOM 965  C C   . SER A 1 140 ? -4.961  13.889  -12.064 1.00 126.47 ? 140 SER A C   1 
ATOM 966  O O   . SER A 1 140 ? -4.216  13.112  -12.660 1.00 119.46 ? 140 SER A O   1 
ATOM 967  C CB  . SER A 1 140 ? -6.695  15.267  -13.201 1.00 130.04 ? 140 SER A CB  1 
ATOM 968  O OG  . SER A 1 140 ? -6.930  16.426  -13.977 1.00 129.87 ? 140 SER A OG  1 
ATOM 969  N N   . TRP A 1 141 ? -5.552  13.587  -10.916 1.00 114.43 ? 141 TRP A N   1 
ATOM 970  C CA  . TRP A 1 141 ? -5.402  12.297  -10.271 1.00 111.90 ? 141 TRP A CA  1 
ATOM 971  C C   . TRP A 1 141 ? -6.383  11.302  -10.877 1.00 103.97 ? 141 TRP A C   1 
ATOM 972  O O   . TRP A 1 141 ? -7.536  11.647  -11.160 1.00 107.97 ? 141 TRP A O   1 
ATOM 973  C CB  . TRP A 1 141 ? -5.658  12.449  -8.777  1.00 119.42 ? 141 TRP A CB  1 
ATOM 974  C CG  . TRP A 1 141 ? -5.126  11.355  -7.958  1.00 123.81 ? 141 TRP A CG  1 
ATOM 975  C CD1 . TRP A 1 141 ? -4.217  10.409  -8.328  1.00 128.12 ? 141 TRP A CD1 1 
ATOM 976  C CD2 . TRP A 1 141 ? -5.464  11.083  -6.601  1.00 122.62 ? 141 TRP A CD2 1 
ATOM 977  N NE1 . TRP A 1 141 ? -3.968  9.559   -7.277  1.00 129.80 ? 141 TRP A NE1 1 
ATOM 978  C CE2 . TRP A 1 141 ? -4.724  9.954   -6.205  1.00 125.01 ? 141 TRP A CE2 1 
ATOM 979  C CE3 . TRP A 1 141 ? -6.323  11.686  -5.681  1.00 121.85 ? 141 TRP A CE3 1 
ATOM 980  C CZ2 . TRP A 1 141 ? -4.818  9.417   -4.927  1.00 120.73 ? 141 TRP A CZ2 1 
ATOM 981  C CZ3 . TRP A 1 141 ? -6.415  11.156  -4.419  1.00 118.67 ? 141 TRP A CZ3 1 
ATOM 982  C CH2 . TRP A 1 141 ? -5.666  10.032  -4.050  1.00 117.44 ? 141 TRP A CH2 1 
ATOM 983  N N   . VAL A 1 142 ? -5.918  10.068  -11.094 1.00 115.35 ? 142 VAL A N   1 
ATOM 984  C CA  . VAL A 1 142 ? -6.784  9.054   -11.693 1.00 108.27 ? 142 VAL A CA  1 
ATOM 985  C C   . VAL A 1 142 ? -7.933  8.718   -10.755 1.00 110.67 ? 142 VAL A C   1 
ATOM 986  O O   . VAL A 1 142 ? -9.024  8.340   -11.202 1.00 118.76 ? 142 VAL A O   1 
ATOM 987  C CB  . VAL A 1 142 ? -5.971  7.797   -12.080 1.00 101.09 ? 142 VAL A CB  1 
ATOM 988  C CG1 . VAL A 1 142 ? -4.639  8.186   -12.709 1.00 102.57 ? 142 VAL A CG1 1 
ATOM 989  C CG2 . VAL A 1 142 ? -5.758  6.885   -10.888 1.00 95.76  ? 142 VAL A CG2 1 
ATOM 990  N N   . PHE A 1 143 ? -7.718  8.866   -9.452  1.00 105.86 ? 143 PHE A N   1 
ATOM 991  C CA  . PHE A 1 143 ? -8.754  8.658   -8.444  1.00 103.16 ? 143 PHE A CA  1 
ATOM 992  C C   . PHE A 1 143 ? -9.475  9.969   -8.148  1.00 108.78 ? 143 PHE A C   1 
ATOM 993  O O   . PHE A 1 143 ? -9.566  10.446  -7.019  1.00 111.93 ? 143 PHE A O   1 
ATOM 994  C CB  . PHE A 1 143 ? -8.138  8.037   -7.197  1.00 100.46 ? 143 PHE A CB  1 
ATOM 995  C CG  . PHE A 1 143 ? -7.361  6.770   -7.484  1.00 98.68  ? 143 PHE A CG  1 
ATOM 996  C CD1 . PHE A 1 143 ? -8.022  5.612   -7.867  1.00 100.19 ? 143 PHE A CD1 1 
ATOM 997  C CD2 . PHE A 1 143 ? -5.973  6.744   -7.394  1.00 92.57  ? 143 PHE A CD2 1 
ATOM 998  C CE1 . PHE A 1 143 ? -7.316  4.444   -8.149  1.00 92.56  ? 143 PHE A CE1 1 
ATOM 999  C CE2 . PHE A 1 143 ? -5.264  5.577   -7.676  1.00 89.57  ? 143 PHE A CE2 1 
ATOM 1000 C CZ  . PHE A 1 143 ? -5.935  4.429   -8.055  1.00 89.29  ? 143 PHE A CZ  1 
ATOM 1001 N N   . ASP A 1 144 ? -9.985  10.559  -9.230  1.00 106.53 ? 144 ASP A N   1 
ATOM 1002 C CA  . ASP A 1 144 ? -10.698 11.828  -9.160  1.00 114.54 ? 144 ASP A CA  1 
ATOM 1003 C C   . ASP A 1 144 ? -12.017 11.663  -8.413  1.00 113.40 ? 144 ASP A C   1 
ATOM 1004 O O   . ASP A 1 144 ? -12.199 12.200  -7.314  1.00 112.43 ? 144 ASP A O   1 
ATOM 1005 C CB  . ASP A 1 144 ? -10.934 12.351  -10.586 1.00 125.35 ? 144 ASP A CB  1 
ATOM 1006 C CG  . ASP A 1 144 ? -10.758 13.856  -10.699 1.00 132.04 ? 144 ASP A CG  1 
ATOM 1007 O OD1 . ASP A 1 144 ? -10.155 14.468  -9.786  1.00 136.29 ? 144 ASP A OD1 1 
ATOM 1008 O OD2 . ASP A 1 144 ? -11.224 14.419  -11.714 1.00 136.21 ? 144 ASP A OD2 1 
ATOM 1009 N N   . SER A 1 145 ? -12.946 10.897  -8.993  1.00 108.73 ? 145 SER A N   1 
ATOM 1010 C CA  . SER A 1 145 ? -14.284 10.699  -8.449  1.00 106.21 ? 145 SER A CA  1 
ATOM 1011 C C   . SER A 1 145 ? -14.329 9.733   -7.275  1.00 101.69 ? 145 SER A C   1 
ATOM 1012 O O   . SER A 1 145 ? -15.422 9.470   -6.761  1.00 112.30 ? 145 SER A O   1 
ATOM 1013 C CB  . SER A 1 145 ? -15.212 10.178  -9.544  1.00 108.68 ? 145 SER A CB  1 
ATOM 1014 O OG  . SER A 1 145 ? -14.732 8.942   -10.042 1.00 110.07 ? 145 SER A OG  1 
ATOM 1015 N N   . TYR A 1 146 ? -13.196 9.191   -6.844  1.00 103.65 ? 146 TYR A N   1 
ATOM 1016 C CA  . TYR A 1 146 ? -13.187 8.202   -5.779  1.00 84.73  ? 146 TYR A CA  1 
ATOM 1017 C C   . TYR A 1 146 ? -13.191 8.890   -4.418  1.00 91.46  ? 146 TYR A C   1 
ATOM 1018 O O   . TYR A 1 146 ? -12.596 9.959   -4.248  1.00 99.26  ? 146 TYR A O   1 
ATOM 1019 C CB  . TYR A 1 146 ? -11.972 7.279   -5.925  1.00 67.53  ? 146 TYR A CB  1 
ATOM 1020 C CG  . TYR A 1 146 ? -12.173 6.121   -6.895  1.00 76.66  ? 146 TYR A CG  1 
ATOM 1021 C CD1 . TYR A 1 146 ? -11.963 6.271   -8.272  1.00 80.14  ? 146 TYR A CD1 1 
ATOM 1022 C CD2 . TYR A 1 146 ? -12.566 4.872   -6.432  1.00 80.88  ? 146 TYR A CD2 1 
ATOM 1023 C CE1 . TYR A 1 146 ? -12.148 5.203   -9.151  1.00 87.54  ? 146 TYR A CE1 1 
ATOM 1024 C CE2 . TYR A 1 146 ? -12.760 3.803   -7.308  1.00 78.47  ? 146 TYR A CE2 1 
ATOM 1025 C CZ  . TYR A 1 146 ? -12.545 3.969   -8.661  1.00 86.57  ? 146 TYR A CZ  1 
ATOM 1026 O OH  . TYR A 1 146 ? -12.736 2.893   -9.506  1.00 94.78  ? 146 TYR A OH  1 
ATOM 1027 N N   . SER A 1 147 ? -13.889 8.291   -3.454  1.00 80.16  ? 147 SER A N   1 
ATOM 1028 C CA  . SER A 1 147 ? -13.841 8.740   -2.069  1.00 80.99  ? 147 SER A CA  1 
ATOM 1029 C C   . SER A 1 147 ? -12.939 7.801   -1.270  1.00 85.18  ? 147 SER A C   1 
ATOM 1030 O O   . SER A 1 147 ? -13.061 6.576   -1.374  1.00 82.69  ? 147 SER A O   1 
ATOM 1031 C CB  . SER A 1 147 ? -15.243 8.810   -1.449  1.00 76.91  ? 147 SER A CB  1 
ATOM 1032 O OG  . SER A 1 147 ? -15.916 7.570   -1.513  1.00 77.41  ? 147 SER A OG  1 
ATOM 1033 N N   . LEU A 1 148 ? -12.035 8.383   -0.481  1.00 77.99  ? 148 LEU A N   1 
ATOM 1034 C CA  . LEU A 1 148 ? -10.959 7.650   0.173   1.00 78.17  ? 148 LEU A CA  1 
ATOM 1035 C C   . LEU A 1 148 ? -10.823 8.112   1.617   1.00 78.72  ? 148 LEU A C   1 
ATOM 1036 O O   . LEU A 1 148 ? -11.373 9.140   2.022   1.00 92.13  ? 148 LEU A O   1 
ATOM 1037 C CB  . LEU A 1 148 ? -9.607  7.858   -0.523  1.00 80.93  ? 148 LEU A CB  1 
ATOM 1038 C CG  . LEU A 1 148 ? -9.428  7.597   -2.011  1.00 87.27  ? 148 LEU A CG  1 
ATOM 1039 C CD1 . LEU A 1 148 ? -10.000 8.729   -2.850  1.00 90.60  ? 148 LEU A CD1 1 
ATOM 1040 C CD2 . LEU A 1 148 ? -7.944  7.407   -2.292  1.00 86.51  ? 148 LEU A CD2 1 
ATOM 1041 N N   . THR A 1 149 ? -10.053 7.355   2.393   1.00 74.05  ? 149 THR A N   1 
ATOM 1042 C CA  . THR A 1 149 ? -9.631  7.801   3.707   1.00 81.10  ? 149 THR A CA  1 
ATOM 1043 C C   . THR A 1 149 ? -8.122  7.649   3.818   1.00 89.65  ? 149 THR A C   1 
ATOM 1044 O O   . THR A 1 149 ? -7.515  6.809   3.151   1.00 89.80  ? 149 THR A O   1 
ATOM 1045 C CB  . THR A 1 149 ? -10.332 7.040   4.848   1.00 73.95  ? 149 THR A CB  1 
ATOM 1046 O OG1 . THR A 1 149 ? -9.845  7.541   6.102   1.00 72.55  ? 149 THR A OG1 1 
ATOM 1047 C CG2 . THR A 1 149 ? -10.084 5.538   4.760   1.00 67.68  ? 149 THR A CG2 1 
ATOM 1048 N N   . GLY A 1 150 ? -7.522  8.477   4.660   1.00 85.64  ? 150 GLY A N   1 
ATOM 1049 C CA  . GLY A 1 150 ? -6.094  8.474   4.836   1.00 90.76  ? 150 GLY A CA  1 
ATOM 1050 C C   . GLY A 1 150 ? -5.682  9.403   5.951   1.00 97.59  ? 150 GLY A C   1 
ATOM 1051 O O   . GLY A 1 150 ? -6.501  10.136  6.521   1.00 97.63  ? 150 GLY A O   1 
ATOM 1052 N N   . PRO A 1 151 ? -4.395  9.389   6.281   1.00 99.77  ? 151 PRO A N   1 
ATOM 1053 C CA  . PRO A 1 151 ? -3.907  10.186  7.410   1.00 108.38 ? 151 PRO A CA  1 
ATOM 1054 C C   . PRO A 1 151 ? -3.681  11.627  6.984   1.00 124.39 ? 151 PRO A C   1 
ATOM 1055 O O   . PRO A 1 151 ? -3.033  11.891  5.971   1.00 125.13 ? 151 PRO A O   1 
ATOM 1056 C CB  . PRO A 1 151 ? -2.591  9.501   7.778   1.00 102.68 ? 151 PRO A CB  1 
ATOM 1057 C CG  . PRO A 1 151 ? -2.101  8.949   6.460   1.00 99.26  ? 151 PRO A CG  1 
ATOM 1058 C CD  . PRO A 1 151 ? -3.337  8.573   5.669   1.00 98.09  ? 151 PRO A CD  1 
ATOM 1059 N N   . SER A 1 152 ? -4.229  12.564  7.747   1.00 115.47 ? 152 SER A N   1 
ATOM 1060 C CA  . SER A 1 152 ? -3.865  13.961  7.558   1.00 128.56 ? 152 SER A CA  1 
ATOM 1061 C C   . SER A 1 152 ? -2.801  14.399  8.551   1.00 142.47 ? 152 SER A C   1 
ATOM 1062 O O   . SER A 1 152 ? -2.262  15.502  8.416   1.00 150.96 ? 152 SER A O   1 
ATOM 1063 C CB  . SER A 1 152 ? -5.098  14.856  7.669   1.00 129.38 ? 152 SER A CB  1 
ATOM 1064 O OG  . SER A 1 152 ? -4.803  16.198  7.321   1.00 128.11 ? 152 SER A OG  1 
ATOM 1065 N N   . VAL A 1 153 ? -2.470  13.532  9.518   1.00 148.99 ? 153 VAL A N   1 
ATOM 1066 C CA  . VAL A 1 153 ? -1.598  13.899  10.632  1.00 141.24 ? 153 VAL A CA  1 
ATOM 1067 C C   . VAL A 1 153 ? -0.165  14.139  10.156  1.00 138.97 ? 153 VAL A C   1 
ATOM 1068 O O   . VAL A 1 153 ? 0.567   14.936  10.756  1.00 138.33 ? 153 VAL A O   1 
ATOM 1069 C CB  . VAL A 1 153 ? -1.683  12.831  11.748  1.00 136.40 ? 153 VAL A CB  1 
ATOM 1070 C CG1 . VAL A 1 153 ? -2.719  11.727  11.395  1.00 134.25 ? 153 VAL A CG1 1 
ATOM 1071 C CG2 . VAL A 1 153 ? -0.292  12.214  12.047  1.00 134.64 ? 153 VAL A CG2 1 
ATOM 1072 N N   . CYS A 1 154 ? 0.247   13.506  9.058   1.00 144.51 ? 154 CYS A N   1 
ATOM 1073 C CA  . CYS A 1 154 ? 1.550   13.791  8.469   1.00 143.31 ? 154 CYS A CA  1 
ATOM 1074 C C   . CYS A 1 154 ? 1.580   13.441  6.983   1.00 142.05 ? 154 CYS A C   1 
ATOM 1075 O O   . CYS A 1 154 ? 2.584   13.656  6.310   1.00 139.56 ? 154 CYS A O   1 
ATOM 1076 C CB  . CYS A 1 154 ? 2.654   13.041  9.216   1.00 141.92 ? 154 CYS A CB  1 
ATOM 1077 S SG  . CYS A 1 154 ? 4.307   13.824  9.186   1.00 140.45 ? 154 CYS A SG  1 
ATOM 1078 N N   . LEU A 1 167 ? 7.342   17.323  2.557   1.00 150.45 ? 167 LEU A N   1 
ATOM 1079 C CA  . LEU A 1 167 ? 6.002   16.939  2.126   1.00 147.52 ? 167 LEU A CA  1 
ATOM 1080 C C   . LEU A 1 167 ? 5.692   17.471  0.728   1.00 150.57 ? 167 LEU A C   1 
ATOM 1081 O O   . LEU A 1 167 ? 5.238   18.604  0.568   1.00 152.64 ? 167 LEU A O   1 
ATOM 1082 C CB  . LEU A 1 167 ? 4.950   17.435  3.125   1.00 142.64 ? 167 LEU A CB  1 
ATOM 1083 C CG  . LEU A 1 167 ? 4.610   16.499  4.292   1.00 136.60 ? 167 LEU A CG  1 
ATOM 1084 C CD1 . LEU A 1 167 ? 5.751   16.416  5.299   1.00 134.01 ? 167 LEU A CD1 1 
ATOM 1085 C CD2 . LEU A 1 167 ? 3.312   16.916  4.972   1.00 133.92 ? 167 LEU A CD2 1 
ATOM 1086 N N   . VAL A 1 168 ? 5.926   16.630  -0.283  1.00 143.58 ? 168 VAL A N   1 
ATOM 1087 C CA  . VAL A 1 168 ? 5.777   17.064  -1.669  1.00 146.38 ? 168 VAL A CA  1 
ATOM 1088 C C   . VAL A 1 168 ? 4.307   17.234  -2.044  1.00 161.18 ? 168 VAL A C   1 
ATOM 1089 O O   . VAL A 1 168 ? 3.964   18.107  -2.854  1.00 151.62 ? 168 VAL A O   1 
ATOM 1090 C CB  . VAL A 1 168 ? 6.500   16.077  -2.610  1.00 137.01 ? 168 VAL A CB  1 
ATOM 1091 C CG1 . VAL A 1 168 ? 5.917   14.672  -2.485  1.00 133.97 ? 168 VAL A CG1 1 
ATOM 1092 C CG2 . VAL A 1 168 ? 6.455   16.562  -4.056  1.00 133.49 ? 168 VAL A CG2 1 
ATOM 1093 N N   . VAL A 1 169 ? 3.415   16.432  -1.466  1.00 164.12 ? 169 VAL A N   1 
ATOM 1094 C CA  . VAL A 1 169 ? 1.997   16.445  -1.816  1.00 149.88 ? 169 VAL A CA  1 
ATOM 1095 C C   . VAL A 1 169 ? 1.200   16.948  -0.622  1.00 147.12 ? 169 VAL A C   1 
ATOM 1096 O O   . VAL A 1 169 ? 1.213   16.333  0.451   1.00 146.84 ? 169 VAL A O   1 
ATOM 1097 C CB  . VAL A 1 169 ? 1.504   15.060  -2.258  1.00 144.09 ? 169 VAL A CB  1 
ATOM 1098 C CG1 . VAL A 1 169 ? -0.012  14.985  -2.144  1.00 141.13 ? 169 VAL A CG1 1 
ATOM 1099 C CG2 . VAL A 1 169 ? 1.942   14.780  -3.688  1.00 142.26 ? 169 VAL A CG2 1 
ATOM 1100 N N   . GLU A 1 170 ? 0.500   18.063  -0.818  1.00 153.44 ? 170 GLU A N   1 
ATOM 1101 C CA  . GLU A 1 170 ? -0.374  18.630  0.199   1.00 151.78 ? 170 GLU A CA  1 
ATOM 1102 C C   . GLU A 1 170 ? -1.737  18.923  -0.411  1.00 151.29 ? 170 GLU A C   1 
ATOM 1103 O O   . GLU A 1 170 ? -2.758  18.899  0.285   1.00 152.38 ? 170 GLU A O   1 
ATOM 1104 C CB  . GLU A 1 170 ? 0.232   19.908  0.782   1.00 152.64 ? 170 GLU A CB  1 
ATOM 1105 C CG  . GLU A 1 170 ? 1.663   19.760  1.281   1.00 153.87 ? 170 GLU A CG  1 
ATOM 1106 C CD  . GLU A 1 170 ? 2.304   21.096  1.622   1.00 155.50 ? 170 GLU A CD  1 
ATOM 1107 O OE1 . GLU A 1 170 ? 3.106   21.598  0.803   1.00 155.98 ? 170 GLU A OE1 1 
ATOM 1108 O OE2 . GLU A 1 170 ? 1.998   21.646  2.703   1.00 154.63 ? 170 GLU A OE2 1 
ATOM 1109 N N   . ASP A 1 171 ? -1.759  19.202  -1.716  1.00 152.99 ? 171 ASP A N   1 
ATOM 1110 C CA  . ASP A 1 171 ? -3.011  19.552  -2.378  1.00 154.09 ? 171 ASP A CA  1 
ATOM 1111 C C   . ASP A 1 171 ? -3.898  18.333  -2.598  1.00 159.79 ? 171 ASP A C   1 
ATOM 1112 O O   . ASP A 1 171 ? -5.129  18.451  -2.557  1.00 147.60 ? 171 ASP A O   1 
ATOM 1113 C CB  . ASP A 1 171 ? -2.724  20.257  -3.707  1.00 150.72 ? 171 ASP A CB  1 
ATOM 1114 C CG  . ASP A 1 171 ? -1.576  19.622  -4.476  1.00 152.46 ? 171 ASP A CG  1 
ATOM 1115 O OD1 . ASP A 1 171 ? -0.896  18.736  -3.915  1.00 152.39 ? 171 ASP A OD1 1 
ATOM 1116 O OD2 . ASP A 1 171 ? -1.354  20.010  -5.644  1.00 153.13 ? 171 ASP A OD2 1 
ATOM 1117 N N   . PHE A 1 172 ? -3.306  17.157  -2.818  1.00 159.68 ? 172 PHE A N   1 
ATOM 1118 C CA  . PHE A 1 172 ? -4.117  15.975  -3.086  1.00 149.10 ? 172 PHE A CA  1 
ATOM 1119 C C   . PHE A 1 172 ? -4.671  15.355  -1.811  1.00 141.87 ? 172 PHE A C   1 
ATOM 1120 O O   . PHE A 1 172 ? -5.785  14.820  -1.827  1.00 143.73 ? 172 PHE A O   1 
ATOM 1121 C CB  . PHE A 1 172 ? -3.311  14.950  -3.886  1.00 148.96 ? 172 PHE A CB  1 
ATOM 1122 C CG  . PHE A 1 172 ? -3.338  15.192  -5.371  1.00 147.82 ? 172 PHE A CG  1 
ATOM 1123 C CD1 . PHE A 1 172 ? -4.384  15.897  -5.949  1.00 148.91 ? 172 PHE A CD1 1 
ATOM 1124 C CD2 . PHE A 1 172 ? -2.320  14.724  -6.186  1.00 146.31 ? 172 PHE A CD2 1 
ATOM 1125 C CE1 . PHE A 1 172 ? -4.415  16.125  -7.313  1.00 147.96 ? 172 PHE A CE1 1 
ATOM 1126 C CE2 . PHE A 1 172 ? -2.348  14.948  -7.553  1.00 145.42 ? 172 PHE A CE2 1 
ATOM 1127 C CZ  . PHE A 1 172 ? -3.397  15.651  -8.116  1.00 146.98 ? 172 PHE A CZ  1 
ATOM 1128 N N   . VAL A 1 173 ? -3.933  15.423  -0.699  1.00 154.82 ? 173 VAL A N   1 
ATOM 1129 C CA  . VAL A 1 173 ? -4.522  15.075  0.592   1.00 147.65 ? 173 VAL A CA  1 
ATOM 1130 C C   . VAL A 1 173 ? -5.543  16.106  1.044   1.00 164.08 ? 173 VAL A C   1 
ATOM 1131 O O   . VAL A 1 173 ? -6.206  15.907  2.068   1.00 155.68 ? 173 VAL A O   1 
ATOM 1132 C CB  . VAL A 1 173 ? -3.448  14.906  1.689   1.00 129.01 ? 173 VAL A CB  1 
ATOM 1133 C CG1 . VAL A 1 173 ? -2.651  13.632  1.470   1.00 119.73 ? 173 VAL A CG1 1 
ATOM 1134 C CG2 . VAL A 1 173 ? -2.529  16.111  1.733   1.00 122.15 ? 173 VAL A CG2 1 
ATOM 1135 N N   . LYS A 1 174 ? -5.696  17.193  0.288   1.00 153.86 ? 174 LYS A N   1 
ATOM 1136 C CA  . LYS A 1 174 ? -6.576  18.308  0.617   1.00 159.57 ? 174 LYS A CA  1 
ATOM 1137 C C   . LYS A 1 174 ? -7.901  18.270  -0.137  1.00 159.45 ? 174 LYS A C   1 
ATOM 1138 O O   . LYS A 1 174 ? -8.965  18.332  0.489   1.00 158.04 ? 174 LYS A O   1 
ATOM 1139 C CB  . LYS A 1 174 ? -5.851  19.631  0.339   1.00 163.48 ? 174 LYS A CB  1 
ATOM 1140 C CG  . LYS A 1 174 ? -6.747  20.808  -0.049  1.00 163.50 ? 174 LYS A CG  1 
ATOM 1141 C CD  . LYS A 1 174 ? -5.980  21.811  -0.912  1.00 160.36 ? 174 LYS A CD  1 
ATOM 1142 C CE  . LYS A 1 174 ? -6.799  23.061  -1.218  1.00 157.85 ? 174 LYS A CE  1 
ATOM 1143 N NZ  . LYS A 1 174 ? -7.985  22.789  -2.072  1.00 153.24 ? 174 LYS A NZ  1 
ATOM 1144 N N   . ASP A 1 175 ? -7.871  18.160  -1.469  1.00 172.97 ? 175 ASP A N   1 
ATOM 1145 C CA  . ASP A 1 175 ? -9.043  18.506  -2.264  1.00 152.84 ? 175 ASP A CA  1 
ATOM 1146 C C   . ASP A 1 175 ? -9.530  17.451  -3.249  1.00 142.03 ? 175 ASP A C   1 
ATOM 1147 O O   . ASP A 1 175 ? -10.611 17.639  -3.818  1.00 138.64 ? 175 ASP A O   1 
ATOM 1148 C CB  . ASP A 1 175 ? -8.793  19.808  -3.045  1.00 147.07 ? 175 ASP A CB  1 
ATOM 1149 C CG  . ASP A 1 175 ? -7.622  19.704  -4.018  1.00 147.12 ? 175 ASP A CG  1 
ATOM 1150 O OD1 . ASP A 1 175 ? -7.720  18.945  -5.007  1.00 146.14 ? 175 ASP A OD1 1 
ATOM 1151 O OD2 . ASP A 1 175 ? -6.609  20.404  -3.802  1.00 147.18 ? 175 ASP A OD2 1 
ATOM 1152 N N   . SER A 1 176 ? -8.795  16.369  -3.485  1.00 144.76 ? 176 SER A N   1 
ATOM 1153 C CA  . SER A 1 176 ? -9.217  15.421  -4.522  1.00 145.16 ? 176 SER A CA  1 
ATOM 1154 C C   . SER A 1 176 ? -9.657  14.073  -3.955  1.00 147.01 ? 176 SER A C   1 
ATOM 1155 O O   . SER A 1 176 ? -10.554 13.423  -4.501  1.00 148.86 ? 176 SER A O   1 
ATOM 1156 C CB  . SER A 1 176 ? -8.098  15.216  -5.549  1.00 140.62 ? 176 SER A CB  1 
ATOM 1157 O OG  . SER A 1 176 ? -8.094  16.251  -6.520  1.00 136.73 ? 176 SER A OG  1 
ATOM 1158 N N   . SER A 1 181 ? -13.795 11.895  5.157   1.00 145.09 ? 181 SER A N   1 
ATOM 1159 C CA  . SER A 1 181 ? -12.472 11.482  4.705   1.00 125.86 ? 181 SER A CA  1 
ATOM 1160 C C   . SER A 1 181 ? -11.612 11.048  5.881   1.00 124.02 ? 181 SER A C   1 
ATOM 1161 O O   . SER A 1 181 ? -10.763 10.163  5.752   1.00 119.62 ? 181 SER A O   1 
ATOM 1162 C CB  . SER A 1 181 ? -11.783 12.619  3.946   1.00 111.88 ? 181 SER A CB  1 
ATOM 1163 O OG  . SER A 1 181 ? -12.669 13.200  3.007   1.00 97.05  ? 181 SER A OG  1 
ATOM 1164 N N   . ALA A 1 182 ? -11.832 11.679  7.030   1.00 108.93 ? 182 ALA A N   1 
ATOM 1165 C CA  . ALA A 1 182 ? -11.052 11.408  8.228   1.00 115.49 ? 182 ALA A CA  1 
ATOM 1166 C C   . ALA A 1 182 ? -11.988 11.305  9.422   1.00 122.67 ? 182 ALA A C   1 
ATOM 1167 O O   . ALA A 1 182 ? -13.022 11.976  9.477   1.00 117.08 ? 182 ALA A O   1 
ATOM 1168 C CB  . ALA A 1 182 ? -9.995  12.495  8.463   1.00 117.07 ? 182 ALA A CB  1 
ATOM 1169 N N   . SER A 1 183 ? -11.632 10.440  10.369  1.00 112.65 ? 183 SER A N   1 
ATOM 1170 C CA  . SER A 1 183 ? -12.477 10.243  11.540  1.00 114.23 ? 183 SER A CA  1 
ATOM 1171 C C   . SER A 1 183 ? -11.740 10.645  12.805  1.00 116.22 ? 183 SER A C   1 
ATOM 1172 O O   . SER A 1 183 ? -11.833 11.797  13.237  1.00 107.62 ? 183 SER A O   1 
ATOM 1173 C CB  . SER A 1 183 ? -12.941 8.792   11.641  1.00 117.92 ? 183 SER A CB  1 
ATOM 1174 O OG  . SER A 1 183 ? -13.760 8.606   12.783  1.00 121.73 ? 183 SER A OG  1 
ATOM 1175 N N   . GLU A 1 184 ? -10.999 9.714   13.392  1.00 107.92 ? 184 GLU A N   1 
ATOM 1176 C CA  . GLU A 1 184 ? -10.333 9.904   14.671  1.00 106.66 ? 184 GLU A CA  1 
ATOM 1177 C C   . GLU A 1 184 ? -8.965  9.242   14.627  1.00 101.23 ? 184 GLU A C   1 
ATOM 1178 O O   . GLU A 1 184 ? -8.730  8.349   13.809  1.00 117.65 ? 184 GLU A O   1 
ATOM 1179 C CB  . GLU A 1 184 ? -11.186 9.340   15.816  1.00 111.86 ? 184 GLU A CB  1 
ATOM 1180 C CG  . GLU A 1 184 ? -12.386 10.219  16.132  1.00 116.89 ? 184 GLU A CG  1 
ATOM 1181 C CD  . GLU A 1 184 ? -12.993 9.935   17.493  1.00 120.02 ? 184 GLU A CD  1 
ATOM 1182 O OE1 . GLU A 1 184 ? -12.539 8.982   18.167  1.00 119.14 ? 184 GLU A OE1 1 
ATOM 1183 O OE2 . GLU A 1 184 ? -13.926 10.673  17.890  1.00 121.63 ? 184 GLU A OE2 1 
ATOM 1184 N N   . PRO A 1 185 ? -8.039  9.657   15.499  1.00 127.78 ? 185 PRO A N   1 
ATOM 1185 C CA  . PRO A 1 185 ? -6.621  9.279   15.328  1.00 115.43 ? 185 PRO A CA  1 
ATOM 1186 C C   . PRO A 1 185 ? -6.309  7.789   15.233  1.00 108.33 ? 185 PRO A C   1 
ATOM 1187 O O   . PRO A 1 185 ? -5.699  7.366   14.246  1.00 111.16 ? 185 PRO A O   1 
ATOM 1188 C CB  . PRO A 1 185 ? -5.960  9.890   16.574  1.00 110.04 ? 185 PRO A CB  1 
ATOM 1189 C CG  . PRO A 1 185 ? -6.803  11.091  16.866  1.00 111.11 ? 185 PRO A CG  1 
ATOM 1190 C CD  . PRO A 1 185 ? -8.206  10.651  16.584  1.00 115.85 ? 185 PRO A CD  1 
ATOM 1191 N N   . ASP A 1 186 ? -6.687  6.986   16.229  1.00 118.06 ? 186 ASP A N   1 
ATOM 1192 C CA  . ASP A 1 186 ? -6.308  5.578   16.240  1.00 107.06 ? 186 ASP A CA  1 
ATOM 1193 C C   . ASP A 1 186 ? -7.491  4.642   16.005  1.00 86.42  ? 186 ASP A C   1 
ATOM 1194 O O   . ASP A 1 186 ? -7.394  3.442   16.288  1.00 74.41  ? 186 ASP A O   1 
ATOM 1195 C CB  . ASP A 1 186 ? -5.605  5.226   17.549  1.00 119.64 ? 186 ASP A CB  1 
ATOM 1196 C CG  . ASP A 1 186 ? -4.148  5.638   17.548  1.00 135.59 ? 186 ASP A CG  1 
ATOM 1197 O OD1 . ASP A 1 186 ? -3.666  6.066   16.479  1.00 146.77 ? 186 ASP A OD1 1 
ATOM 1198 O OD2 . ASP A 1 186 ? -3.491  5.543   18.608  1.00 139.14 ? 186 ASP A OD2 1 
ATOM 1199 N N   . ALA A 1 187 ? -8.594  5.155   15.475  1.00 94.30  ? 187 ALA A N   1 
ATOM 1200 C CA  . ALA A 1 187 ? -9.792  4.353   15.301  1.00 85.90  ? 187 ALA A CA  1 
ATOM 1201 C C   . ALA A 1 187 ? -9.811  3.690   13.925  1.00 66.58  ? 187 ALA A C   1 
ATOM 1202 O O   . ALA A 1 187 ? -9.321  4.252   12.942  1.00 58.24  ? 187 ALA A O   1 
ATOM 1203 C CB  . ALA A 1 187 ? -11.030 5.227   15.489  1.00 90.26  ? 187 ALA A CB  1 
ATOM 1204 N N   . VAL A 1 188 ? -10.359 2.472   13.870  1.00 63.90  ? 188 VAL A N   1 
ATOM 1205 C CA  . VAL A 1 188 ? -10.420 1.757   12.605  1.00 65.66  ? 188 VAL A CA  1 
ATOM 1206 C C   . VAL A 1 188 ? -11.411 2.456   11.690  1.00 62.81  ? 188 VAL A C   1 
ATOM 1207 O O   . VAL A 1 188 ? -12.585 2.654   12.034  1.00 58.00  ? 188 VAL A O   1 
ATOM 1208 C CB  . VAL A 1 188 ? -10.763 0.272   12.814  1.00 70.64  ? 188 VAL A CB  1 
ATOM 1209 C CG1 . VAL A 1 188 ? -9.848  -0.314  13.851  1.00 57.27  ? 188 VAL A CG1 1 
ATOM 1210 C CG2 . VAL A 1 188 ? -12.227 0.052   13.219  1.00 84.14  ? 188 VAL A CG2 1 
ATOM 1211 N N   . HIS A 1 189 ? -10.919 2.900   10.544  1.00 63.14  ? 189 HIS A N   1 
ATOM 1212 C CA  . HIS A 1 189 ? -11.751 3.617   9.587   1.00 67.24  ? 189 HIS A CA  1 
ATOM 1213 C C   . HIS A 1 189 ? -11.326 3.147   8.205   1.00 62.46  ? 189 HIS A C   1 
ATOM 1214 O O   . HIS A 1 189 ? -10.203 3.419   7.773   1.00 66.41  ? 189 HIS A O   1 
ATOM 1215 C CB  . HIS A 1 189 ? -11.605 5.127   9.749   1.00 68.26  ? 189 HIS A CB  1 
ATOM 1216 C CG  . HIS A 1 189 ? -12.386 5.919   8.752   1.00 75.46  ? 189 HIS A CG  1 
ATOM 1217 N ND1 . HIS A 1 189 ? -11.976 7.154   8.300   1.00 76.85  ? 189 HIS A ND1 1 
ATOM 1218 C CD2 . HIS A 1 189 ? -13.550 5.652   8.118   1.00 77.07  ? 189 HIS A CD2 1 
ATOM 1219 C CE1 . HIS A 1 189 ? -12.855 7.614   7.426   1.00 78.79  ? 189 HIS A CE1 1 
ATOM 1220 N NE2 . HIS A 1 189 ? -13.820 6.722   7.300   1.00 75.67  ? 189 HIS A NE2 1 
ATOM 1221 N N   . VAL A 1 190 ? -12.209 2.409   7.541   1.00 58.63  ? 190 VAL A N   1 
ATOM 1222 C CA  . VAL A 1 190 ? -11.936 1.798   6.246   1.00 63.82  ? 190 VAL A CA  1 
ATOM 1223 C C   . VAL A 1 190 ? -13.039 2.211   5.276   1.00 64.37  ? 190 VAL A C   1 
ATOM 1224 O O   . VAL A 1 190 ? -14.223 2.219   5.633   1.00 56.01  ? 190 VAL A O   1 
ATOM 1225 C CB  . VAL A 1 190 ? -11.845 0.262   6.360   1.00 64.40  ? 190 VAL A CB  1 
ATOM 1226 C CG1 . VAL A 1 190 ? -11.783 -0.384  4.988   1.00 61.40  ? 190 VAL A CG1 1 
ATOM 1227 C CG2 . VAL A 1 190 ? -10.645 -0.127  7.177   1.00 70.78  ? 190 VAL A CG2 1 
ATOM 1228 N N   . VAL A 1 191 ? -12.651 2.574   4.058   1.00 67.37  ? 191 VAL A N   1 
ATOM 1229 C CA  . VAL A 1 191 ? -13.590 3.037   3.040   1.00 69.63  ? 191 VAL A CA  1 
ATOM 1230 C C   . VAL A 1 191 ? -13.433 2.181   1.795   1.00 71.64  ? 191 VAL A C   1 
ATOM 1231 O O   . VAL A 1 191 ? -12.316 2.022   1.292   1.00 72.95  ? 191 VAL A O   1 
ATOM 1232 C CB  . VAL A 1 191 ? -13.378 4.527   2.704   1.00 62.35  ? 191 VAL A CB  1 
ATOM 1233 C CG1 . VAL A 1 191 ? -14.188 4.902   1.457   1.00 54.24  ? 191 VAL A CG1 1 
ATOM 1234 C CG2 . VAL A 1 191 ? -13.777 5.394   3.894   1.00 71.34  ? 191 VAL A CG2 1 
ATOM 1235 N N   . LEU A 1 192 ? -14.548 1.651   1.292   1.00 66.21  ? 192 LEU A N   1 
ATOM 1236 C CA  . LEU A 1 192 ? -14.566 0.859   0.069   1.00 61.15  ? 192 LEU A CA  1 
ATOM 1237 C C   . LEU A 1 192 ? -15.381 1.628   -0.958  1.00 59.62  ? 192 LEU A C   1 
ATOM 1238 O O   . LEU A 1 192 ? -16.591 1.790   -0.785  1.00 59.93  ? 192 LEU A O   1 
ATOM 1239 C CB  . LEU A 1 192 ? -15.152 -0.532  0.318   1.00 56.84  ? 192 LEU A CB  1 
ATOM 1240 C CG  . LEU A 1 192 ? -15.648 -1.342  -0.891  1.00 54.71  ? 192 LEU A CG  1 
ATOM 1241 C CD1 . LEU A 1 192 ? -14.527 -1.925  -1.736  1.00 53.48  ? 192 LEU A CD1 1 
ATOM 1242 C CD2 . LEU A 1 192 ? -16.630 -2.456  -0.446  1.00 51.15  ? 192 LEU A CD2 1 
ATOM 1243 N N   . ASP A 1 193 ? -14.710 2.128   -2.005  1.00 58.40  ? 193 ASP A N   1 
ATOM 1244 C CA  . ASP A 1 193 ? -15.349 2.794   -3.143  1.00 62.55  ? 193 ASP A CA  1 
ATOM 1245 C C   . ASP A 1 193 ? -15.098 1.940   -4.380  1.00 60.20  ? 193 ASP A C   1 
ATOM 1246 O O   . ASP A 1 193 ? -13.951 1.824   -4.821  1.00 67.19  ? 193 ASP A O   1 
ATOM 1247 C CB  . ASP A 1 193 ? -14.798 4.206   -3.348  1.00 63.23  ? 193 ASP A CB  1 
ATOM 1248 C CG  . ASP A 1 193 ? -15.635 5.027   -4.315  1.00 75.16  ? 193 ASP A CG  1 
ATOM 1249 O OD1 . ASP A 1 193 ? -16.642 4.501   -4.845  1.00 83.72  ? 193 ASP A OD1 1 
ATOM 1250 O OD2 . ASP A 1 193 ? -15.296 6.210   -4.524  1.00 91.12  ? 193 ASP A OD2 1 
ATOM 1251 N N   . ARG A 1 194 ? -16.161 1.354   -4.941  1.00 57.81  ? 194 ARG A N   1 
ATOM 1252 C CA  . ARG A 1 194 ? -16.040 0.426   -6.068  1.00 68.47  ? 194 ARG A CA  1 
ATOM 1253 C C   . ARG A 1 194 ? -15.001 -0.657  -5.782  1.00 68.85  ? 194 ARG A C   1 
ATOM 1254 O O   . ARG A 1 194 ? -15.293 -1.639  -5.091  1.00 72.06  ? 194 ARG A O   1 
ATOM 1255 C CB  . ARG A 1 194 ? -15.694 1.163   -7.374  1.00 69.58  ? 194 ARG A CB  1 
ATOM 1256 C CG  . ARG A 1 194 ? -16.870 1.805   -8.101  1.00 64.76  ? 194 ARG A CG  1 
ATOM 1257 C CD  . ARG A 1 194 ? -17.040 3.268   -7.722  1.00 72.65  ? 194 ARG A CD  1 
ATOM 1258 N NE  . ARG A 1 194 ? -16.115 4.172   -8.410  1.00 82.23  ? 194 ARG A NE  1 
ATOM 1259 C CZ  . ARG A 1 194 ? -16.091 5.490   -8.222  1.00 92.52  ? 194 ARG A CZ  1 
ATOM 1260 N NH1 . ARG A 1 194 ? -15.231 6.252   -8.877  1.00 100.38 ? 194 ARG A NH1 1 
ATOM 1261 N NH2 . ARG A 1 194 ? -16.938 6.054   -7.374  1.00 95.02  ? 194 ARG A NH2 1 
ATOM 1262 N N   . HIS A 1 195 ? -13.788 -0.486  -6.317  1.00 63.75  ? 195 HIS A N   1 
ATOM 1263 C CA  . HIS A 1 195 ? -12.705 -1.455  -6.181  1.00 69.89  ? 195 HIS A CA  1 
ATOM 1264 C C   . HIS A 1 195 ? -11.467 -0.881  -5.490  1.00 64.46  ? 195 HIS A C   1 
ATOM 1265 O O   . HIS A 1 195 ? -10.410 -1.525  -5.474  1.00 58.92  ? 195 HIS A O   1 
ATOM 1266 C CB  . HIS A 1 195 ? -12.327 -2.015  -7.553  1.00 77.02  ? 195 HIS A CB  1 
ATOM 1267 C CG  . HIS A 1 195 ? -13.358 -2.942  -8.121  1.00 90.93  ? 195 HIS A CG  1 
ATOM 1268 N ND1 . HIS A 1 195 ? -14.389 -2.508  -8.925  1.00 92.25  ? 195 HIS A ND1 1 
ATOM 1269 C CD2 . HIS A 1 195 ? -13.528 -4.278  -7.983  1.00 92.50  ? 195 HIS A CD2 1 
ATOM 1270 C CE1 . HIS A 1 195 ? -15.143 -3.537  -9.266  1.00 91.68  ? 195 HIS A CE1 1 
ATOM 1271 N NE2 . HIS A 1 195 ? -14.641 -4.623  -8.706  1.00 90.08  ? 195 HIS A NE2 1 
ATOM 1272 N N   . LEU A 1 196 ? -11.560 0.309   -4.931  1.00 56.54  ? 196 LEU A N   1 
ATOM 1273 C CA  . LEU A 1 196 ? -10.486 0.887   -4.154  1.00 60.16  ? 196 LEU A CA  1 
ATOM 1274 C C   . LEU A 1 196 ? -10.885 0.808   -2.678  1.00 68.08  ? 196 LEU A C   1 
ATOM 1275 O O   . LEU A 1 196 ? -11.968 1.265   -2.296  1.00 71.47  ? 196 LEU A O   1 
ATOM 1276 C CB  . LEU A 1 196 ? -10.233 2.322   -4.604  1.00 55.65  ? 196 LEU A CB  1 
ATOM 1277 C CG  . LEU A 1 196 ? -9.330  3.131   -3.684  1.00 61.98  ? 196 LEU A CG  1 
ATOM 1278 C CD1 . LEU A 1 196 ? -7.927  2.507   -3.617  1.00 66.46  ? 196 LEU A CD1 1 
ATOM 1279 C CD2 . LEU A 1 196 ? -9.282  4.568   -4.162  1.00 63.61  ? 196 LEU A CD2 1 
ATOM 1280 N N   . VAL A 1 197 ? -10.048 0.170   -1.863  1.00 55.74  ? 197 VAL A N   1 
ATOM 1281 C CA  . VAL A 1 197 ? -10.255 0.087   -0.423  1.00 69.47  ? 197 VAL A CA  1 
ATOM 1282 C C   . VAL A 1 197 ? -9.090  0.792   0.248   1.00 69.31  ? 197 VAL A C   1 
ATOM 1283 O O   . VAL A 1 197 ? -7.927  0.535   -0.085  1.00 62.94  ? 197 VAL A O   1 
ATOM 1284 C CB  . VAL A 1 197 ? -10.417 -1.370  0.075   1.00 76.16  ? 197 VAL A CB  1 
ATOM 1285 C CG1 . VAL A 1 197 ? -9.891  -2.373  -0.914  1.00 75.96  ? 197 VAL A CG1 1 
ATOM 1286 C CG2 . VAL A 1 197 ? -9.750  -1.564  1.445   1.00 78.52  ? 197 VAL A CG2 1 
ATOM 1287 N N   . THR A 1 198 ? -9.409  1.701   1.172   1.00 71.41  ? 198 THR A N   1 
ATOM 1288 C CA  . THR A 1 198 ? -8.412  2.482   1.893   1.00 72.55  ? 198 THR A CA  1 
ATOM 1289 C C   . THR A 1 198 ? -8.631  2.343   3.393   1.00 73.25  ? 198 THR A C   1 
ATOM 1290 O O   . THR A 1 198 ? -9.761  2.484   3.874   1.00 74.85  ? 198 THR A O   1 
ATOM 1291 C CB  . THR A 1 198 ? -8.463  3.960   1.504   1.00 67.83  ? 198 THR A CB  1 
ATOM 1292 O OG1 . THR A 1 198 ? -9.814  4.445   1.588   1.00 68.00  ? 198 THR A OG1 1 
ATOM 1293 C CG2 . THR A 1 198 ? -7.924  4.172   0.101   1.00 55.48  ? 198 THR A CG2 1 
ATOM 1294 N N   . GLY A 1 199 ? -7.554  2.062   4.120   1.00 70.22  ? 199 GLY A N   1 
ATOM 1295 C CA  . GLY A 1 199 ? -7.551  2.151   5.567   1.00 66.77  ? 199 GLY A CA  1 
ATOM 1296 C C   . GLY A 1 199 ? -6.969  3.497   5.958   1.00 76.34  ? 199 GLY A C   1 
ATOM 1297 O O   . GLY A 1 199 ? -6.037  3.991   5.320   1.00 82.71  ? 199 GLY A O   1 
ATOM 1298 N N   . GLN A 1 200 ? -7.525  4.090   7.019   1.00 77.00  ? 200 GLN A N   1 
ATOM 1299 C CA  . GLN A 1 200 ? -7.088  5.433   7.385   1.00 78.61  ? 200 GLN A CA  1 
ATOM 1300 C C   . GLN A 1 200 ? -5.738  5.422   8.077   1.00 82.49  ? 200 GLN A C   1 
ATOM 1301 O O   . GLN A 1 200 ? -4.955  6.363   7.915   1.00 86.80  ? 200 GLN A O   1 
ATOM 1302 C CB  . GLN A 1 200 ? -8.110  6.109   8.286   1.00 73.25  ? 200 GLN A CB  1 
ATOM 1303 C CG  . GLN A 1 200 ? -7.813  7.585   8.511   1.00 77.17  ? 200 GLN A CG  1 
ATOM 1304 C CD  . GLN A 1 200 ? -8.474  8.137   9.758   1.00 89.51  ? 200 GLN A CD  1 
ATOM 1305 O OE1 . GLN A 1 200 ? -9.395  8.955   9.685   1.00 97.85  ? 200 GLN A OE1 1 
ATOM 1306 N NE2 . GLN A 1 200 ? -8.001  7.700   10.913  1.00 92.67  ? 200 GLN A NE2 1 
ATOM 1307 N N   . ASN A 1 201 ? -5.444  4.378   8.842   1.00 78.71  ? 201 ASN A N   1 
ATOM 1308 C CA  . ASN A 1 201 ? -4.253  4.359   9.670   1.00 67.37  ? 201 ASN A CA  1 
ATOM 1309 C C   . ASN A 1 201 ? -3.812  2.916   9.863   1.00 72.36  ? 201 ASN A C   1 
ATOM 1310 O O   . ASN A 1 201 ? -4.493  1.978   9.445   1.00 78.92  ? 201 ASN A O   1 
ATOM 1311 C CB  . ASN A 1 201 ? -4.516  5.058   11.007  1.00 63.06  ? 201 ASN A CB  1 
ATOM 1312 C CG  . ASN A 1 201 ? -5.818  4.625   11.655  1.00 68.55  ? 201 ASN A CG  1 
ATOM 1313 O OD1 . ASN A 1 201 ? -6.602  5.463   12.106  1.00 67.68  ? 201 ASN A OD1 1 
ATOM 1314 N ND2 . ASN A 1 201 ? -6.056  3.316   11.709  1.00 72.18  ? 201 ASN A ND2 1 
ATOM 1315 N N   . ALA A 1 202 ? -2.657  2.747   10.506  1.00 70.67  ? 202 ALA A N   1 
ATOM 1316 C CA  . ALA A 1 202 ? -2.120  1.405   10.712  1.00 70.46  ? 202 ALA A CA  1 
ATOM 1317 C C   . ALA A 1 202 ? -3.140  0.508   11.403  1.00 73.13  ? 202 ALA A C   1 
ATOM 1318 O O   . ALA A 1 202 ? -3.279  -0.671  11.056  1.00 74.51  ? 202 ALA A O   1 
ATOM 1319 C CB  . ALA A 1 202 ? -0.818  1.477   11.514  1.00 63.39  ? 202 ALA A CB  1 
ATOM 1320 N N   . SER A 1 203 ? -3.892  1.068   12.355  1.00 73.95  ? 203 SER A N   1 
ATOM 1321 C CA  . SER A 1 203 ? -4.870  0.294   13.118  1.00 73.35  ? 203 SER A CA  1 
ATOM 1322 C C   . SER A 1 203 ? -5.884  -0.379  12.207  1.00 75.45  ? 203 SER A C   1 
ATOM 1323 O O   . SER A 1 203 ? -6.272  -1.531  12.435  1.00 72.67  ? 203 SER A O   1 
ATOM 1324 C CB  . SER A 1 203 ? -5.572  1.208   14.119  1.00 75.64  ? 203 SER A CB  1 
ATOM 1325 O OG  . SER A 1 203 ? -4.622  1.938   14.884  1.00 80.62  ? 203 SER A OG  1 
ATOM 1326 N N   . SER A 1 204 ? -6.305  0.325   11.156  1.00 75.24  ? 204 SER A N   1 
ATOM 1327 C CA  . SER A 1 204 ? -7.264  -0.127  10.157  1.00 71.33  ? 204 SER A CA  1 
ATOM 1328 C C   . SER A 1 204 ? -6.685  -1.150  9.168   1.00 71.12  ? 204 SER A C   1 
ATOM 1329 O O   . SER A 1 204 ? -7.347  -1.461  8.172   1.00 69.53  ? 204 SER A O   1 
ATOM 1330 C CB  . SER A 1 204 ? -7.803  1.086   9.390   1.00 66.48  ? 204 SER A CB  1 
ATOM 1331 O OG  . SER A 1 204 ? -8.228  2.111   10.279  1.00 56.29  ? 204 SER A OG  1 
ATOM 1332 N N   . THR A 1 205 ? -5.496  -1.702  9.432   1.00 66.71  ? 205 THR A N   1 
ATOM 1333 C CA  . THR A 1 205 ? -4.850  -2.604  8.477   1.00 66.77  ? 205 THR A CA  1 
ATOM 1334 C C   . THR A 1 205 ? -5.635  -3.899  8.305   1.00 61.06  ? 205 THR A C   1 
ATOM 1335 O O   . THR A 1 205 ? -5.839  -4.369  7.181   1.00 71.30  ? 205 THR A O   1 
ATOM 1336 C CB  . THR A 1 205 ? -3.421  -2.914  8.936   1.00 66.12  ? 205 THR A CB  1 
ATOM 1337 O OG1 . THR A 1 205 ? -2.614  -1.735  8.835   1.00 70.73  ? 205 THR A OG1 1 
ATOM 1338 C CG2 . THR A 1 205 ? -2.807  -4.023  8.089   1.00 53.41  ? 205 THR A CG2 1 
ATOM 1339 N N   . VAL A 1 206 ? -6.064  -4.500  9.412   1.00 58.38  ? 206 VAL A N   1 
ATOM 1340 C CA  . VAL A 1 206 ? -6.724  -5.805  9.350   1.00 60.17  ? 206 VAL A CA  1 
ATOM 1341 C C   . VAL A 1 206 ? -8.065  -5.756  8.624   1.00 69.63  ? 206 VAL A C   1 
ATOM 1342 O O   . VAL A 1 206 ? -8.315  -6.622  7.770   1.00 74.49  ? 206 VAL A O   1 
ATOM 1343 C CB  . VAL A 1 206 ? -6.842  -6.396  10.766  1.00 56.14  ? 206 VAL A CB  1 
ATOM 1344 C CG1 . VAL A 1 206 ? -7.910  -7.487  10.837  1.00 50.26  ? 206 VAL A CG1 1 
ATOM 1345 C CG2 . VAL A 1 206 ? -5.492  -6.920  11.208  1.00 54.88  ? 206 VAL A CG2 1 
ATOM 1346 N N   . PRO A 1 207 ? -8.979  -4.821  8.922   1.00 67.54  ? 207 PRO A N   1 
ATOM 1347 C CA  . PRO A 1 207 ? -10.231 -4.801  8.158   1.00 64.48  ? 207 PRO A CA  1 
ATOM 1348 C C   . PRO A 1 207 ? -10.000 -4.403  6.716   1.00 70.71  ? 207 PRO A C   1 
ATOM 1349 O O   . PRO A 1 207 ? -10.658 -4.940  5.805   1.00 72.42  ? 207 PRO A O   1 
ATOM 1350 C CB  . PRO A 1 207 ? -11.087 -3.763  8.906   1.00 57.60  ? 207 PRO A CB  1 
ATOM 1351 C CG  . PRO A 1 207 ? -10.317 -3.397  10.148  1.00 59.53  ? 207 PRO A CG  1 
ATOM 1352 C CD  . PRO A 1 207 ? -8.915  -3.696  9.871   1.00 64.87  ? 207 PRO A CD  1 
ATOM 1353 N N   . ALA A 1 208 ? -9.051  -3.487  6.491   1.00 68.21  ? 208 ALA A N   1 
ATOM 1354 C CA  . ALA A 1 208 ? -8.759  -3.029  5.141   1.00 62.17  ? 208 ALA A CA  1 
ATOM 1355 C C   . ALA A 1 208 ? -8.483  -4.206  4.228   1.00 63.47  ? 208 ALA A C   1 
ATOM 1356 O O   . ALA A 1 208 ? -9.199  -4.428  3.242   1.00 58.56  ? 208 ALA A O   1 
ATOM 1357 C CB  . ALA A 1 208 ? -7.577  -2.063  5.149   1.00 53.96  ? 208 ALA A CB  1 
ATOM 1358 N N   . VAL A 1 209 ? -7.480  -5.012  4.574   1.00 61.89  ? 209 VAL A N   1 
ATOM 1359 C CA  . VAL A 1 209 ? -7.163  -6.070  3.634   1.00 62.34  ? 209 VAL A CA  1 
ATOM 1360 C C   . VAL A 1 209 ? -8.267  -7.125  3.646   1.00 57.83  ? 209 VAL A C   1 
ATOM 1361 O O   . VAL A 1 209 ? -8.518  -7.768  2.618   1.00 55.92  ? 209 VAL A O   1 
ATOM 1362 C CB  . VAL A 1 209 ? -5.758  -6.661  3.891   1.00 58.04  ? 209 VAL A CB  1 
ATOM 1363 C CG1 . VAL A 1 209 ? -4.779  -5.590  4.420   1.00 51.20  ? 209 VAL A CG1 1 
ATOM 1364 C CG2 . VAL A 1 209 ? -5.817  -7.815  4.838   1.00 62.18  ? 209 VAL A CG2 1 
ATOM 1365 N N   . GLN A 1 210 ? -9.013  -7.267  4.753   1.00 59.91  ? 210 GLN A N   1 
ATOM 1366 C CA  . GLN A 1 210 ? -10.135 -8.205  4.692   1.00 65.90  ? 210 GLN A CA  1 
ATOM 1367 C C   . GLN A 1 210 ? -11.156 -7.760  3.653   1.00 67.51  ? 210 GLN A C   1 
ATOM 1368 O O   . GLN A 1 210 ? -11.688 -8.586  2.895   1.00 55.94  ? 210 GLN A O   1 
ATOM 1369 C CB  . GLN A 1 210 ? -10.810 -8.374  6.043   1.00 66.45  ? 210 GLN A CB  1 
ATOM 1370 C CG  . GLN A 1 210 ? -11.824 -9.505  5.973   1.00 75.67  ? 210 GLN A CG  1 
ATOM 1371 C CD  . GLN A 1 210 ? -11.209 -10.866 6.197   1.00 86.75  ? 210 GLN A CD  1 
ATOM 1372 O OE1 . GLN A 1 210 ? -10.589 -11.121 7.234   1.00 87.84  ? 210 GLN A OE1 1 
ATOM 1373 N NE2 . GLN A 1 210 ? -11.365 -11.751 5.216   1.00 93.87  ? 210 GLN A NE2 1 
ATOM 1374 N N   . ASN A 1 211 ? -11.384 -6.446  3.554   1.00 62.90  ? 211 ASN A N   1 
ATOM 1375 C CA  . ASN A 1 211 ? -12.147 -5.935  2.427   1.00 59.89  ? 211 ASN A CA  1 
ATOM 1376 C C   . ASN A 1 211 ? -11.471 -6.291  1.103   1.00 57.06  ? 211 ASN A C   1 
ATOM 1377 O O   . ASN A 1 211 ? -12.120 -6.836  0.205   1.00 57.37  ? 211 ASN A O   1 
ATOM 1378 C CB  . ASN A 1 211 ? -12.361 -4.436  2.581   1.00 57.72  ? 211 ASN A CB  1 
ATOM 1379 C CG  . ASN A 1 211 ? -13.592 -4.127  3.419   1.00 69.96  ? 211 ASN A CG  1 
ATOM 1380 O OD1 . ASN A 1 211 ? -14.710 -4.063  2.897   1.00 65.38  ? 211 ASN A OD1 1 
ATOM 1381 N ND2 . ASN A 1 211 ? -13.398 -3.957  4.727   1.00 73.54  ? 211 ASN A ND2 1 
ATOM 1382 N N   . LEU A 1 212 ? -10.163 -6.036  0.971   1.00 59.35  ? 212 LEU A N   1 
ATOM 1383 C CA  . LEU A 1 212 ? -9.446  -6.540  -0.205  1.00 59.57  ? 212 LEU A CA  1 
ATOM 1384 C C   . LEU A 1 212 ? -9.779  -8.006  -0.448  1.00 62.49  ? 212 LEU A C   1 
ATOM 1385 O O   . LEU A 1 212 ? -10.186 -8.380  -1.556  1.00 63.37  ? 212 LEU A O   1 
ATOM 1386 C CB  . LEU A 1 212 ? -7.927  -6.370  -0.069  1.00 63.63  ? 212 LEU A CB  1 
ATOM 1387 C CG  . LEU A 1 212 ? -7.084  -6.985  -1.212  1.00 65.09  ? 212 LEU A CG  1 
ATOM 1388 C CD1 . LEU A 1 212 ? -7.302  -6.267  -2.555  1.00 61.92  ? 212 LEU A CD1 1 
ATOM 1389 C CD2 . LEU A 1 212 ? -5.596  -7.030  -0.917  1.00 59.47  ? 212 LEU A CD2 1 
ATOM 1390 N N   . LEU A 1 213 ? -9.677  -8.848  0.596   1.00 58.65  ? 213 LEU A N   1 
ATOM 1391 C CA  . LEU A 1 213 ? -9.925  -10.268 0.355   1.00 62.53  ? 213 LEU A CA  1 
ATOM 1392 C C   . LEU A 1 213 ? -11.370 -10.492 -0.058  1.00 75.44  ? 213 LEU A C   1 
ATOM 1393 O O   . LEU A 1 213 ? -11.666 -11.385 -0.863  1.00 75.17  ? 213 LEU A O   1 
ATOM 1394 C CB  . LEU A 1 213 ? -9.594  -11.108 1.583   1.00 64.78  ? 213 LEU A CB  1 
ATOM 1395 C CG  . LEU A 1 213 ? -8.179  -11.164 2.152   1.00 65.84  ? 213 LEU A CG  1 
ATOM 1396 C CD1 . LEU A 1 213 ? -8.194  -11.988 3.437   1.00 60.88  ? 213 LEU A CD1 1 
ATOM 1397 C CD2 . LEU A 1 213 ? -7.209  -11.753 1.154   1.00 69.85  ? 213 LEU A CD2 1 
ATOM 1398 N N   . PHE A 1 214 ? -12.284 -9.681  0.476   1.00 71.58  ? 214 PHE A N   1 
ATOM 1399 C CA  . PHE A 1 214 ? -13.674 -9.786  0.052   1.00 70.38  ? 214 PHE A CA  1 
ATOM 1400 C C   . PHE A 1 214 ? -13.837 -9.454  -1.434  1.00 66.31  ? 214 PHE A C   1 
ATOM 1401 O O   . PHE A 1 214 ? -14.588 -10.132 -2.138  1.00 64.82  ? 214 PHE A O   1 
ATOM 1402 C CB  . PHE A 1 214 ? -14.562 -8.890  0.910   1.00 75.01  ? 214 PHE A CB  1 
ATOM 1403 C CG  . PHE A 1 214 ? -16.012 -9.052  0.609   1.00 90.85  ? 214 PHE A CG  1 
ATOM 1404 C CD1 . PHE A 1 214 ? -16.729 -10.119 1.137   1.00 93.50  ? 214 PHE A CD1 1 
ATOM 1405 C CD2 . PHE A 1 214 ? -16.658 -8.177  -0.253  1.00 98.72  ? 214 PHE A CD2 1 
ATOM 1406 C CE1 . PHE A 1 214 ? -18.077 -10.287 0.844   1.00 83.72  ? 214 PHE A CE1 1 
ATOM 1407 C CE2 . PHE A 1 214 ? -17.998 -8.339  -0.543  1.00 86.99  ? 214 PHE A CE2 1 
ATOM 1408 C CZ  . PHE A 1 214 ? -18.704 -9.397  0.010   1.00 85.72  ? 214 PHE A CZ  1 
ATOM 1409 N N   . LEU A 1 215 ? -13.117 -8.444  -1.943  1.00 70.28  ? 215 LEU A N   1 
ATOM 1410 C CA  . LEU A 1 215 ? -13.268 -8.071  -3.350  1.00 65.41  ? 215 LEU A CA  1 
ATOM 1411 C C   . LEU A 1 215 ? -12.876 -9.205  -4.277  1.00 69.21  ? 215 LEU A C   1 
ATOM 1412 O O   . LEU A 1 215 ? -13.388 -9.303  -5.400  1.00 79.07  ? 215 LEU A O   1 
ATOM 1413 C CB  . LEU A 1 215 ? -12.401 -6.859  -3.691  1.00 67.47  ? 215 LEU A CB  1 
ATOM 1414 C CG  . LEU A 1 215 ? -12.888 -5.452  -3.376  1.00 61.39  ? 215 LEU A CG  1 
ATOM 1415 C CD1 . LEU A 1 215 ? -11.905 -4.402  -3.938  1.00 52.22  ? 215 LEU A CD1 1 
ATOM 1416 C CD2 . LEU A 1 215 ? -14.258 -5.276  -3.967  1.00 55.04  ? 215 LEU A CD2 1 
ATOM 1417 N N   . CYS A 1 216 ? -11.941 -10.044 -3.848  1.00 68.95  ? 216 CYS A N   1 
ATOM 1418 C CA  . CYS A 1 216 ? -11.381 -11.087 -4.687  1.00 72.27  ? 216 CYS A CA  1 
ATOM 1419 C C   . CYS A 1 216 ? -12.027 -12.444 -4.437  1.00 76.68  ? 216 CYS A C   1 
ATOM 1420 O O   . CYS A 1 216 ? -11.445 -13.474 -4.795  1.00 90.84  ? 216 CYS A O   1 
ATOM 1421 C CB  . CYS A 1 216 ? -9.868  -11.155 -4.475  1.00 70.50  ? 216 CYS A CB  1 
ATOM 1422 S SG  . CYS A 1 216 ? -9.013  -9.591  -4.871  1.00 74.29  ? 216 CYS A SG  1 
ATOM 1423 N N   . GLY A 1 217 ? -13.216 -12.465 -3.836  1.00 72.07  ? 217 GLY A N   1 
ATOM 1424 C CA  . GLY A 1 217 ? -13.901 -13.709 -3.530  1.00 79.41  ? 217 GLY A CA  1 
ATOM 1425 C C   . GLY A 1 217 ? -15.040 -14.031 -4.485  1.00 89.45  ? 217 GLY A C   1 
ATOM 1426 O O   . GLY A 1 217 ? -15.082 -13.553 -5.626  1.00 94.34  ? 217 GLY A O   1 
# 
